data_8JD1
#
_entry.id   8JD1
#
_cell.length_a   1.00
_cell.length_b   1.00
_cell.length_c   1.00
_cell.angle_alpha   90.00
_cell.angle_beta   90.00
_cell.angle_gamma   90.00
#
_symmetry.space_group_name_H-M   'P 1'
#
loop_
_entity.id
_entity.type
_entity.pdbx_description
1 polymer 'Metabotropic glutamate receptor 2,Peptidyl-prolyl cis-trans isomerase FKBP1A'
2 polymer 'Metabotropic glutamate receptor 3,Serine/threonine-protein kinase mTOR'
3 non-polymer 'GLUTAMIC ACID'
4 non-polymer CHOLESTEROL
#
loop_
_entity_poly.entity_id
_entity_poly.type
_entity_poly.pdbx_seq_one_letter_code
_entity_poly.pdbx_strand_id
1 'polypeptide(L)'
;DYKDDDDGAPEGPAKKVLTLEGDLVLGGLFPVHQKGGPAEDCGPVNEHRGIQRLEAMLFALDRINRDPHLLPGVRLGAHI
LDSCSKDTHALEQALDFVRASLSRGADGSRHICPDGSYATHGDAPTAITGVIGGSYSDVSIQVANLLRLFQIPQISYAST
SAKLSDKSRYDYFARTVPPDFFQAKAMAEILRFFNWTYVSTVASEGDYGETGIEAFELEARARNICVATSEKVGRAMSRA
AFEGVVRALLQKPSARVAVLFTRSEDARELLAASQRLNASFTWVASDGWGALESVVAGSEGAAEGAITIELASYPISDFA
SYFQSLDPWNNSRNPWFREFWEQRFRCSFRQRDCAAHSLRAVPFEQESKIMFVVNAVYAMAHALHNMHRALCPNTTRLCD
AMRPVNGRRLYKDFVLNVKFDAPFRPADTHNEVRFDRFGDGIGRYNIFTYLRAGSGRYRYQKVGYWAEGLTLDTSLIPWA
SPSAGPLPASRCSEPCLQNEVKSVQPGEVCCWLCIPCQPYEYRLDEFTCADCGLGYWPNASLTGCFELPQEYIRWGDAWA
VGPVTIACLGALATLFVLGVFVRHNATPVVKASGRELCYILLGGVFLCYCMTFIFIAKPSTAVCTLRRLGLGTAFSVCYS
ALLTKTNRIARIFGGAREGAQRPRFISPASQVAICLALISGQLLIVVAWLVVEAPGTGKETAPERREVVTLRCNHRDASM
LGSLAYNVLLIALCTLYAFKTRKCPENFNEAKFIGFTMYTTCIIWLAFLPIFYVTSSDYRVQTTTMCVSVSLSGSVVLGC
LFAPKLHIILFQPQKNVVSHRAPTSRFGSAAARASSSLGQGSGSQFVPTVCNGREVVDSTTSSLLEVLFQGPGVQVETIS
PGDGRTFPKRGQTCVVHYTGMLEDGKKFDSSRDRNKPFKFMLGKQEVIRGWEEGVAQMSVGQRAKLTISPDYAYGATGHP
GIIPPHATLVFDVELLKLEFAAAHHHHHHHHHH
;
2
2 'polypeptide(L)'
;DYKDDDDKGAPWSHPQFEKGSGSWSHPQFEKLGDHNFLRREIKIEGDLVLGGLFPINEKGTGTEECGRINEDRGIQRLEA
MLFAIDEINKDDYLLPGVKLGVHILDTCSRDTYALEQSLEFVRASLTKVDEAEYMCPDGSYAIQENIPLLIAGVIGGSYS
SVSIQVANLLRLFQIPQISYASTSAKLSDKSRYDYFARTVPPDFYQAKAMAEILRFFNWTYVSTVASEGDYGETGIEAFE
QEARLRNICIATAEKVGRSNIRKSYDSVIRELLQKPNARVVVLFMRSDDSRELIAAASRANASFTWVASDGWGAQESIIK
GSEHVAYGAITLELASQPVRQFDRYFQSLNPYNNHRNPWFRDFWEQKFQCSLQNKRNHRRVCDKHLAIDSSNYEQESKIM
FVVNAVYAMAHALHKMQRTLCPNTTKLCDAMKILDGKKLYKDYLLKINFTAPFNPNKDADSIVKFDTFGDGMGRYNVFNF
QNVGGKYSYLKVGHWAETLSLDVNSIHWSRNSVPTSQCSDPCAPNEMKNMQPGDVCCWICIPCEPYEYLADEFTCMDCGS
GQWPTADLTGCYDLPEDYIRWEDAWAIGPVTIACLGFMCTCMVVTVFIKHNNTPLVKASGRELCYILLFGVGLSYCMTFF
FIAKPSPVICALRRLGLGSSFAICYSALLTKTNCIARIFDGVKNGAQRPKFISPSSQVFICLGLILVQIVMVSVWLILEA
PGTRRYTLAEKRETVILKCNVKDSSMLISLTYDVILVILCTVYAFKTRKCPENFNEAKFIGFTMYTTCIIWLAFLPIFYV
TSSDYRVQTTTMCISVSLSGFVVLGCLFAPKVHIILFQPQKNVVTHRLHLNRFSVSGTGTTYSQSSASTYVPTVCNGREV
LDSTTSSLLEVLFQGPAILWHEMWHEGLEEASRLYFGERNVKGMFEVLEPLHAMMERGPQTLKETSFNQAYGRDLMEAQE
WCRKYMKSGNVKDLTQAWDLYYHVFRRISKQEF
;
3
#
# COMPACT_ATOMS: atom_id res chain seq x y z
N LYS A 16 36.87 37.45 -34.69
CA LYS A 16 37.98 37.03 -33.83
C LYS A 16 37.59 37.09 -32.35
N VAL A 17 38.56 36.89 -31.48
CA VAL A 17 38.32 36.86 -30.05
C VAL A 17 38.18 38.29 -29.53
N LEU A 18 37.10 38.54 -28.79
CA LEU A 18 36.90 39.82 -28.12
C LEU A 18 37.39 39.70 -26.69
N THR A 19 38.36 40.54 -26.32
CA THR A 19 38.99 40.49 -25.00
C THR A 19 38.85 41.85 -24.33
N LEU A 20 38.29 41.86 -23.13
CA LEU A 20 38.15 43.06 -22.32
C LEU A 20 39.04 42.92 -21.09
N GLU A 21 39.88 43.92 -20.84
CA GLU A 21 40.84 43.85 -19.75
C GLU A 21 40.13 43.76 -18.40
N GLY A 22 40.56 42.83 -17.57
CA GLY A 22 39.95 42.65 -16.27
C GLY A 22 40.64 41.58 -15.48
N ASP A 23 39.98 41.13 -14.41
CA ASP A 23 40.51 40.11 -13.53
C ASP A 23 39.78 38.78 -13.66
N LEU A 24 38.46 38.78 -13.53
CA LEU A 24 37.64 37.58 -13.69
C LEU A 24 36.96 37.68 -15.06
N VAL A 25 37.66 37.18 -16.09
CA VAL A 25 37.16 37.26 -17.44
C VAL A 25 35.95 36.35 -17.61
N LEU A 26 34.96 36.83 -18.34
CA LEU A 26 33.70 36.12 -18.54
C LEU A 26 33.55 35.74 -20.02
N GLY A 27 32.90 34.60 -20.26
CA GLY A 27 32.77 34.07 -21.60
C GLY A 27 31.41 34.32 -22.22
N GLY A 28 31.39 34.39 -23.54
CA GLY A 28 30.15 34.58 -24.28
C GLY A 28 30.14 33.74 -25.54
N LEU A 29 28.94 33.28 -25.90
CA LEU A 29 28.75 32.39 -27.05
C LEU A 29 27.56 32.84 -27.89
N PHE A 30 27.50 34.13 -28.20
CA PHE A 30 26.41 34.64 -29.00
C PHE A 30 26.58 34.23 -30.47
N PRO A 31 25.50 33.96 -31.19
CA PRO A 31 25.58 33.63 -32.62
C PRO A 31 25.64 34.87 -33.50
N VAL A 32 26.81 35.52 -33.50
CA VAL A 32 26.99 36.73 -34.29
C VAL A 32 26.86 36.43 -35.78
N HIS A 33 27.48 35.36 -36.23
CA HIS A 33 27.41 34.97 -37.63
C HIS A 33 26.27 33.98 -37.89
N VAL A 45 26.20 38.28 -41.41
CA VAL A 45 26.24 38.55 -39.98
C VAL A 45 24.83 38.80 -39.45
N ASN A 46 24.43 38.00 -38.46
CA ASN A 46 23.12 38.16 -37.86
C ASN A 46 23.06 39.47 -37.09
N GLU A 47 21.92 40.16 -37.22
CA GLU A 47 21.76 41.51 -36.68
C GLU A 47 20.89 41.56 -35.43
N HIS A 48 19.69 41.00 -35.48
CA HIS A 48 18.73 41.13 -34.39
C HIS A 48 18.87 40.05 -33.33
N ARG A 49 19.84 39.14 -33.46
CA ARG A 49 20.02 38.10 -32.45
C ARG A 49 21.46 38.04 -31.97
N GLY A 50 22.41 38.39 -32.83
CA GLY A 50 23.82 38.30 -32.47
C GLY A 50 24.40 39.59 -31.91
N ILE A 51 24.24 40.68 -32.65
CA ILE A 51 24.84 41.95 -32.24
C ILE A 51 24.15 42.52 -31.02
N GLN A 52 22.81 42.40 -30.96
CA GLN A 52 22.03 43.07 -29.93
C GLN A 52 22.39 42.56 -28.54
N ARG A 53 22.43 41.24 -28.37
CA ARG A 53 22.72 40.67 -27.05
C ARG A 53 24.19 40.85 -26.66
N LEU A 54 25.08 40.85 -27.64
CA LEU A 54 26.49 41.12 -27.37
C LEU A 54 26.66 42.51 -26.78
N GLU A 55 26.09 43.52 -27.45
CA GLU A 55 26.10 44.87 -26.92
C GLU A 55 25.35 44.96 -25.59
N ALA A 56 24.32 44.13 -25.41
CA ALA A 56 23.60 44.13 -24.14
C ALA A 56 24.50 43.72 -22.98
N MET A 57 25.24 42.62 -23.13
CA MET A 57 26.10 42.21 -22.03
C MET A 57 27.28 43.16 -21.88
N LEU A 58 27.80 43.72 -22.98
CA LEU A 58 28.88 44.69 -22.85
C LEU A 58 28.42 45.92 -22.08
N PHE A 59 27.22 46.42 -22.39
CA PHE A 59 26.68 47.56 -21.66
C PHE A 59 26.45 47.22 -20.20
N ALA A 60 25.91 46.04 -19.91
CA ALA A 60 25.67 45.64 -18.53
C ALA A 60 26.98 45.54 -17.76
N LEU A 61 28.01 44.94 -18.36
CA LEU A 61 29.30 44.83 -17.69
C LEU A 61 29.93 46.20 -17.46
N ASP A 62 29.83 47.10 -18.45
CA ASP A 62 30.37 48.44 -18.28
C ASP A 62 29.64 49.19 -17.17
N ARG A 63 28.33 49.04 -17.09
CA ARG A 63 27.57 49.72 -16.04
C ARG A 63 27.89 49.15 -14.67
N ILE A 64 28.03 47.82 -14.57
CA ILE A 64 28.27 47.21 -13.26
C ILE A 64 29.71 47.35 -12.81
N ASN A 65 30.64 47.58 -13.73
CA ASN A 65 32.03 47.83 -13.33
C ASN A 65 32.14 49.13 -12.53
N ARG A 66 31.43 50.17 -12.96
CA ARG A 66 31.41 51.45 -12.27
C ARG A 66 30.35 51.53 -11.18
N ASP A 67 29.48 50.52 -11.08
CA ASP A 67 28.40 50.53 -10.09
C ASP A 67 28.91 49.98 -8.76
N PRO A 68 28.73 50.72 -7.66
CA PRO A 68 29.16 50.21 -6.35
C PRO A 68 28.22 49.13 -5.83
N HIS A 69 28.45 48.68 -4.59
CA HIS A 69 27.67 47.65 -3.90
C HIS A 69 27.81 46.28 -4.53
N LEU A 70 28.69 46.11 -5.52
CA LEU A 70 28.92 44.80 -6.12
C LEU A 70 30.31 44.80 -6.72
N LEU A 71 31.23 44.07 -6.09
CA LEU A 71 32.62 43.99 -6.52
C LEU A 71 33.25 45.37 -6.67
N PRO A 72 33.39 46.13 -5.58
CA PRO A 72 33.96 47.49 -5.69
C PRO A 72 35.39 47.50 -6.21
N GLY A 73 36.21 46.51 -5.87
CA GLY A 73 37.60 46.50 -6.25
C GLY A 73 37.90 45.73 -7.52
N VAL A 74 37.43 44.50 -7.60
CA VAL A 74 37.70 43.63 -8.74
C VAL A 74 36.75 43.98 -9.88
N ARG A 75 37.29 44.00 -11.11
CA ARG A 75 36.53 44.34 -12.30
C ARG A 75 36.40 43.10 -13.17
N LEU A 76 35.19 42.86 -13.67
CA LEU A 76 34.94 41.70 -14.51
C LEU A 76 35.50 41.92 -15.92
N GLY A 77 35.76 40.81 -16.61
CA GLY A 77 36.25 40.84 -17.96
C GLY A 77 35.26 40.22 -18.94
N ALA A 78 35.66 40.18 -20.20
CA ALA A 78 34.83 39.63 -21.26
C ALA A 78 35.67 38.82 -22.22
N HIS A 79 35.13 37.68 -22.66
CA HIS A 79 35.79 36.79 -23.62
C HIS A 79 34.68 36.26 -24.53
N ILE A 80 34.42 36.98 -25.63
CA ILE A 80 33.28 36.72 -26.49
C ILE A 80 33.75 35.94 -27.70
N LEU A 81 33.16 34.76 -27.91
CA LEU A 81 33.46 33.90 -29.05
C LEU A 81 32.16 33.55 -29.76
N ASP A 82 32.13 33.73 -31.08
CA ASP A 82 30.92 33.46 -31.85
C ASP A 82 30.67 31.96 -31.94
N SER A 83 29.40 31.61 -32.17
CA SER A 83 29.01 30.22 -32.28
C SER A 83 28.62 29.79 -33.70
N CYS A 84 28.26 30.73 -34.56
CA CYS A 84 27.88 30.49 -35.95
C CYS A 84 26.67 29.56 -36.08
N SER A 85 25.93 29.34 -34.99
CA SER A 85 24.74 28.49 -35.00
C SER A 85 25.04 27.09 -35.53
N LYS A 86 26.21 26.57 -35.17
CA LYS A 86 26.62 25.23 -35.58
C LYS A 86 27.23 24.51 -34.38
N ASP A 87 27.02 23.19 -34.34
CA ASP A 87 27.51 22.41 -33.20
C ASP A 87 29.02 22.25 -33.24
N THR A 88 29.58 21.93 -34.42
CA THR A 88 31.02 21.75 -34.53
C THR A 88 31.77 23.04 -34.25
N HIS A 89 31.28 24.16 -34.81
CA HIS A 89 31.90 25.46 -34.55
C HIS A 89 31.78 25.82 -33.07
N ALA A 90 30.64 25.49 -32.45
CA ALA A 90 30.49 25.73 -31.02
C ALA A 90 31.50 24.94 -30.20
N LEU A 91 31.71 23.67 -30.56
CA LEU A 91 32.72 22.87 -29.86
C LEU A 91 34.11 23.46 -30.03
N GLU A 92 34.46 23.84 -31.26
CA GLU A 92 35.79 24.39 -31.53
C GLU A 92 36.02 25.68 -30.74
N GLN A 93 35.00 26.52 -30.66
CA GLN A 93 35.16 27.79 -29.95
C GLN A 93 35.17 27.58 -28.44
N ALA A 94 34.32 26.68 -27.92
CA ALA A 94 34.24 26.43 -26.49
C ALA A 94 35.44 25.66 -25.97
N LEU A 95 36.21 25.01 -26.85
CA LEU A 95 37.45 24.39 -26.41
C LEU A 95 38.42 25.43 -25.84
N ASP A 96 38.30 26.68 -26.27
CA ASP A 96 39.13 27.74 -25.71
C ASP A 96 38.79 27.99 -24.24
N PHE A 97 37.52 27.86 -23.86
CA PHE A 97 37.12 28.09 -22.48
C PHE A 97 37.64 27.01 -21.53
N VAL A 98 37.94 25.82 -22.05
CA VAL A 98 38.48 24.75 -21.22
C VAL A 98 39.99 24.58 -21.38
N ARG A 99 40.59 25.15 -22.42
CA ARG A 99 42.03 25.08 -22.58
C ARG A 99 42.76 25.97 -21.57
N ALA A 100 42.06 26.90 -20.95
CA ALA A 100 42.64 27.78 -19.94
C ALA A 100 42.36 27.22 -18.55
N SER A 101 43.40 27.15 -17.71
CA SER A 101 43.30 26.61 -16.36
C SER A 101 42.77 25.18 -16.38
N LEU A 102 43.21 24.40 -17.36
CA LEU A 102 42.79 23.01 -17.49
C LEU A 102 43.46 22.14 -16.45
N PRO A 125 45.55 32.09 -21.21
CA PRO A 125 44.42 32.99 -20.87
C PRO A 125 44.03 32.90 -19.40
N THR A 126 43.42 33.96 -18.88
CA THR A 126 42.98 33.98 -17.50
C THR A 126 41.88 32.95 -17.27
N ALA A 127 41.88 32.33 -16.10
CA ALA A 127 40.88 31.33 -15.75
C ALA A 127 39.49 31.93 -15.80
N ILE A 128 38.63 31.37 -16.64
CA ILE A 128 37.28 31.88 -16.85
C ILE A 128 36.36 31.27 -15.81
N THR A 129 35.66 32.13 -15.07
CA THR A 129 34.74 31.65 -14.04
C THR A 129 33.44 31.09 -14.62
N GLY A 130 33.10 31.45 -15.85
CA GLY A 130 31.89 30.94 -16.45
C GLY A 130 31.67 31.56 -17.82
N VAL A 131 30.85 30.88 -18.61
CA VAL A 131 30.52 31.30 -19.96
C VAL A 131 29.02 31.54 -20.04
N ILE A 132 28.62 32.44 -20.95
CA ILE A 132 27.22 32.78 -21.15
C ILE A 132 26.88 32.50 -22.60
N GLY A 133 25.83 31.70 -22.81
CA GLY A 133 25.43 31.34 -24.15
C GLY A 133 24.25 30.41 -24.12
N GLY A 134 23.88 29.89 -25.29
CA GLY A 134 22.75 29.00 -25.37
C GLY A 134 21.61 29.53 -26.22
N SER A 135 21.94 30.29 -27.26
CA SER A 135 20.90 30.82 -28.15
C SER A 135 20.10 29.70 -28.80
N TYR A 136 20.77 28.66 -29.25
CA TYR A 136 20.13 27.52 -29.88
C TYR A 136 20.18 26.31 -28.94
N SER A 137 19.17 25.44 -29.06
CA SER A 137 19.08 24.29 -28.18
C SER A 137 20.26 23.34 -28.37
N ASP A 138 20.61 23.06 -29.63
CA ASP A 138 21.72 22.14 -29.89
C ASP A 138 23.05 22.72 -29.43
N VAL A 139 23.26 24.01 -29.67
CA VAL A 139 24.50 24.66 -29.24
C VAL A 139 24.60 24.64 -27.72
N SER A 140 23.50 24.96 -27.03
CA SER A 140 23.51 24.93 -25.57
C SER A 140 23.77 23.52 -25.05
N ILE A 141 23.15 22.52 -25.67
CA ILE A 141 23.35 21.13 -25.24
C ILE A 141 24.81 20.73 -25.41
N GLN A 142 25.40 21.06 -26.57
CA GLN A 142 26.79 20.69 -26.82
C GLN A 142 27.74 21.40 -25.86
N VAL A 143 27.50 22.69 -25.60
CA VAL A 143 28.37 23.43 -24.70
C VAL A 143 28.24 22.92 -23.27
N ALA A 144 27.02 22.59 -22.85
CA ALA A 144 26.82 22.03 -21.52
C ALA A 144 27.51 20.68 -21.38
N ASN A 145 27.45 19.85 -22.44
CA ASN A 145 28.16 18.58 -22.41
C ASN A 145 29.67 18.78 -22.32
N LEU A 146 30.19 19.76 -23.05
CA LEU A 146 31.63 20.01 -23.01
C LEU A 146 32.09 20.56 -21.67
N LEU A 147 31.32 21.49 -21.09
CA LEU A 147 31.76 22.23 -19.92
C LEU A 147 31.44 21.53 -18.60
N ARG A 148 30.67 20.44 -18.62
CA ARG A 148 30.35 19.76 -17.37
C ARG A 148 31.56 19.03 -16.80
N LEU A 149 32.47 18.57 -17.66
CA LEU A 149 33.61 17.80 -17.21
C LEU A 149 34.68 18.67 -16.54
N PHE A 150 34.77 19.94 -16.92
CA PHE A 150 35.81 20.83 -16.42
C PHE A 150 35.32 21.71 -15.28
N GLN A 151 34.11 21.48 -14.78
CA GLN A 151 33.57 22.18 -13.61
C GLN A 151 33.54 23.70 -13.83
N ILE A 152 33.07 24.10 -15.00
CA ILE A 152 32.89 25.51 -15.33
C ILE A 152 31.40 25.75 -15.57
N PRO A 153 30.70 26.33 -14.60
CA PRO A 153 29.26 26.55 -14.75
C PRO A 153 28.95 27.62 -15.78
N GLN A 154 27.74 27.54 -16.34
CA GLN A 154 27.28 28.52 -17.32
C GLN A 154 25.84 28.92 -16.98
N ILE A 155 25.47 30.11 -17.42
CA ILE A 155 24.10 30.62 -17.32
C ILE A 155 23.61 30.91 -18.72
N SER A 156 22.45 30.38 -19.06
CA SER A 156 21.87 30.54 -20.39
C SER A 156 20.80 31.63 -20.38
N TYR A 157 20.51 32.15 -21.58
CA TYR A 157 19.58 33.24 -21.74
C TYR A 157 18.44 32.96 -22.72
N ALA A 158 18.61 32.00 -23.63
CA ALA A 158 17.59 31.73 -24.63
C ALA A 158 17.35 30.24 -24.89
N SER A 159 18.01 29.34 -24.16
CA SER A 159 17.83 27.90 -24.36
C SER A 159 16.58 27.47 -23.59
N THR A 160 15.44 27.51 -24.27
CA THR A 160 14.16 27.16 -23.66
C THR A 160 13.79 25.70 -23.85
N SER A 161 14.67 24.90 -24.44
CA SER A 161 14.37 23.50 -24.68
C SER A 161 14.23 22.75 -23.36
N ALA A 162 13.32 21.79 -23.32
CA ALA A 162 13.06 21.00 -22.12
C ALA A 162 14.04 19.84 -21.95
N LYS A 163 14.88 19.56 -22.95
CA LYS A 163 15.82 18.45 -22.86
C LYS A 163 16.97 18.75 -21.91
N LEU A 164 17.20 20.02 -21.58
CA LEU A 164 18.29 20.41 -20.70
C LEU A 164 17.87 20.51 -19.23
N SER A 165 16.62 20.16 -18.91
CA SER A 165 16.12 20.30 -17.54
C SER A 165 16.59 19.20 -16.61
N ASP A 166 17.18 18.12 -17.14
CA ASP A 166 17.64 17.01 -16.32
C ASP A 166 19.06 17.27 -15.85
N LYS A 167 19.28 17.17 -14.54
CA LYS A 167 20.60 17.38 -13.96
C LYS A 167 21.47 16.14 -13.98
N SER A 168 20.93 14.99 -14.40
CA SER A 168 21.73 13.78 -14.49
C SER A 168 22.77 13.88 -15.60
N ARG A 169 22.42 14.53 -16.70
CA ARG A 169 23.31 14.68 -17.84
C ARG A 169 23.98 16.04 -17.90
N TYR A 170 23.28 17.10 -17.50
CA TYR A 170 23.84 18.46 -17.46
C TYR A 170 23.78 18.92 -16.01
N ASP A 171 24.81 18.56 -15.24
CA ASP A 171 24.82 18.88 -13.82
C ASP A 171 25.16 20.34 -13.54
N TYR A 172 26.01 20.95 -14.37
CA TYR A 172 26.51 22.30 -14.15
C TYR A 172 25.95 23.30 -15.15
N PHE A 173 24.67 23.17 -15.47
CA PHE A 173 24.00 24.04 -16.42
C PHE A 173 22.82 24.73 -15.75
N ALA A 174 22.69 26.03 -15.99
CA ALA A 174 21.54 26.80 -15.51
C ALA A 174 21.14 27.82 -16.58
N ARG A 175 19.88 28.22 -16.53
CA ARG A 175 19.35 29.16 -17.51
C ARG A 175 18.47 30.19 -16.81
N THR A 176 18.38 31.37 -17.43
CA THR A 176 17.56 32.45 -16.90
C THR A 176 16.15 32.44 -17.49
N VAL A 177 16.04 32.30 -18.80
CA VAL A 177 14.72 32.22 -19.44
C VAL A 177 14.03 30.93 -18.99
N PRO A 178 12.75 30.97 -18.63
CA PRO A 178 12.05 29.74 -18.25
C PRO A 178 11.99 28.77 -19.42
N PRO A 179 12.07 27.47 -19.16
CA PRO A 179 11.92 26.48 -20.23
C PRO A 179 10.51 26.50 -20.80
N ASP A 180 10.34 25.76 -21.89
CA ASP A 180 9.10 25.79 -22.63
C ASP A 180 7.97 25.01 -21.96
N PHE A 181 8.26 24.20 -20.94
CA PHE A 181 7.24 23.38 -20.31
C PHE A 181 6.66 23.97 -19.03
N PHE A 182 7.09 25.17 -18.62
CA PHE A 182 6.41 25.85 -17.51
C PHE A 182 5.07 26.45 -17.91
N GLN A 183 4.84 26.66 -19.21
CA GLN A 183 3.54 27.17 -19.64
C GLN A 183 2.42 26.18 -19.39
N ALA A 184 2.74 24.89 -19.23
CA ALA A 184 1.72 23.87 -19.01
C ALA A 184 0.96 24.11 -17.71
N LYS A 185 1.67 24.51 -16.65
CA LYS A 185 1.01 24.77 -15.38
C LYS A 185 0.02 25.92 -15.49
N ALA A 186 0.41 27.00 -16.18
CA ALA A 186 -0.50 28.11 -16.40
C ALA A 186 -1.70 27.68 -17.23
N MET A 187 -1.48 26.79 -18.21
CA MET A 187 -2.58 26.28 -19.01
C MET A 187 -3.63 25.61 -18.13
N ALA A 188 -3.19 24.67 -17.28
CA ALA A 188 -4.13 23.96 -16.43
C ALA A 188 -4.79 24.90 -15.42
N GLU A 189 -4.03 25.85 -14.88
CA GLU A 189 -4.60 26.78 -13.93
C GLU A 189 -5.70 27.63 -14.55
N ILE A 190 -5.46 28.18 -15.75
CA ILE A 190 -6.47 29.02 -16.38
C ILE A 190 -7.66 28.18 -16.85
N LEU A 191 -7.40 26.94 -17.29
CA LEU A 191 -8.50 26.07 -17.69
C LEU A 191 -9.39 25.71 -16.51
N ARG A 192 -8.79 25.41 -15.36
CA ARG A 192 -9.58 25.05 -14.18
C ARG A 192 -10.32 26.27 -13.62
N PHE A 193 -9.67 27.42 -13.60
CA PHE A 193 -10.30 28.62 -13.06
C PHE A 193 -11.47 29.10 -13.92
N PHE A 194 -11.53 28.70 -15.19
CA PHE A 194 -12.59 29.13 -16.09
C PHE A 194 -13.61 28.02 -16.34
N ASN A 195 -13.65 27.00 -15.46
CA ASN A 195 -14.62 25.91 -15.54
C ASN A 195 -14.56 25.16 -16.87
N TRP A 196 -13.35 24.98 -17.40
CA TRP A 196 -13.13 24.21 -18.63
C TRP A 196 -12.39 22.93 -18.28
N THR A 197 -12.95 21.79 -18.66
CA THR A 197 -12.37 20.50 -18.30
C THR A 197 -12.18 19.62 -19.53
N TYR A 198 -13.07 19.74 -20.51
CA TYR A 198 -13.01 18.95 -21.74
C TYR A 198 -12.11 19.68 -22.74
N VAL A 199 -10.92 19.14 -22.97
CA VAL A 199 -9.92 19.80 -23.81
C VAL A 199 -9.59 18.90 -25.00
N SER A 200 -9.27 19.54 -26.12
CA SER A 200 -8.85 18.84 -27.34
C SER A 200 -7.39 19.19 -27.59
N THR A 201 -6.50 18.37 -27.07
CA THR A 201 -5.07 18.65 -27.13
C THR A 201 -4.54 18.55 -28.56
N VAL A 202 -3.71 19.51 -28.95
CA VAL A 202 -3.05 19.52 -30.25
C VAL A 202 -1.55 19.60 -30.01
N ALA A 203 -0.80 18.71 -30.65
CA ALA A 203 0.64 18.59 -30.45
C ALA A 203 1.38 19.00 -31.73
N SER A 204 2.70 18.85 -31.69
CA SER A 204 3.56 19.14 -32.83
C SER A 204 4.59 18.04 -32.97
N GLU A 205 5.09 17.86 -34.19
CA GLU A 205 6.08 16.82 -34.45
C GLU A 205 7.42 17.14 -33.81
N GLY A 206 7.72 18.42 -33.60
CA GLY A 206 8.99 18.80 -33.02
C GLY A 206 9.08 18.44 -31.55
N ASP A 207 10.31 18.54 -31.03
CA ASP A 207 10.54 18.22 -29.63
C ASP A 207 9.80 19.17 -28.70
N TYR A 208 9.72 20.45 -29.09
CA TYR A 208 9.01 21.44 -28.28
C TYR A 208 7.56 21.03 -28.05
N GLY A 209 6.86 20.68 -29.12
CA GLY A 209 5.45 20.31 -28.98
C GLY A 209 5.25 19.06 -28.14
N GLU A 210 6.09 18.03 -28.38
CA GLU A 210 5.96 16.80 -27.62
C GLU A 210 6.22 17.02 -26.14
N THR A 211 7.28 17.78 -25.81
CA THR A 211 7.57 18.06 -24.41
C THR A 211 6.47 18.87 -23.76
N GLY A 212 5.96 19.89 -24.46
CA GLY A 212 4.88 20.68 -23.90
C GLY A 212 3.63 19.87 -23.65
N ILE A 213 3.27 19.01 -24.60
CA ILE A 213 2.05 18.21 -24.46
C ILE A 213 2.21 17.17 -23.36
N GLU A 214 3.37 16.53 -23.26
CA GLU A 214 3.55 15.55 -22.20
C GLU A 214 3.57 16.22 -20.83
N ALA A 215 4.18 17.41 -20.72
CA ALA A 215 4.15 18.13 -19.45
C ALA A 215 2.72 18.53 -19.09
N PHE A 216 1.95 19.01 -20.06
CA PHE A 216 0.56 19.38 -19.79
C PHE A 216 -0.26 18.18 -19.36
N GLU A 217 -0.09 17.03 -20.03
CA GLU A 217 -0.83 15.84 -19.67
C GLU A 217 -0.45 15.36 -18.27
N LEU A 218 0.85 15.39 -17.94
CA LEU A 218 1.29 14.96 -16.62
C LEU A 218 0.75 15.88 -15.52
N GLU A 219 0.76 17.20 -15.76
CA GLU A 219 0.36 18.14 -14.73
C GLU A 219 -1.15 18.33 -14.64
N ALA A 220 -1.90 17.93 -15.67
CA ALA A 220 -3.36 18.07 -15.63
C ALA A 220 -4.02 17.06 -14.71
N ARG A 221 -3.30 15.99 -14.34
CA ARG A 221 -3.88 15.00 -13.44
C ARG A 221 -4.20 15.60 -12.08
N ALA A 222 -3.30 16.44 -11.55
CA ALA A 222 -3.57 17.12 -10.29
C ALA A 222 -4.62 18.21 -10.43
N ARG A 223 -4.84 18.72 -11.64
CA ARG A 223 -5.83 19.76 -11.88
C ARG A 223 -7.19 19.20 -12.26
N ASN A 224 -7.37 17.88 -12.23
CA ASN A 224 -8.63 17.23 -12.58
C ASN A 224 -9.06 17.60 -14.01
N ILE A 225 -8.12 17.53 -14.93
CA ILE A 225 -8.36 17.82 -16.35
C ILE A 225 -8.02 16.57 -17.15
N CYS A 226 -8.95 16.14 -17.99
CA CYS A 226 -8.78 14.95 -18.81
C CYS A 226 -8.65 15.34 -20.27
N VAL A 227 -7.85 14.59 -21.01
CA VAL A 227 -7.64 14.84 -22.43
C VAL A 227 -8.68 14.05 -23.21
N ALA A 228 -9.59 14.76 -23.88
CA ALA A 228 -10.60 14.09 -24.69
C ALA A 228 -9.97 13.36 -25.87
N THR A 229 -9.00 13.98 -26.52
CA THR A 229 -8.32 13.36 -27.65
C THR A 229 -6.93 13.98 -27.79
N SER A 230 -6.00 13.18 -28.31
CA SER A 230 -4.63 13.62 -28.53
C SER A 230 -4.27 13.34 -29.98
N GLU A 231 -3.77 14.36 -30.68
CA GLU A 231 -3.42 14.26 -32.09
C GLU A 231 -2.02 14.84 -32.30
N LYS A 232 -1.56 14.78 -33.54
CA LYS A 232 -0.22 15.23 -33.90
C LYS A 232 -0.30 16.14 -35.12
N VAL A 233 0.59 17.12 -35.17
CA VAL A 233 0.73 18.02 -36.31
C VAL A 233 2.17 17.97 -36.76
N GLY A 234 2.41 17.34 -37.92
CA GLY A 234 3.74 17.22 -38.47
C GLY A 234 4.20 18.51 -39.14
N ARG A 235 5.42 18.46 -39.66
CA ARG A 235 6.01 19.60 -40.34
C ARG A 235 5.40 19.70 -41.73
N ALA A 236 4.17 20.21 -41.78
CA ALA A 236 3.43 20.41 -43.03
C ALA A 236 3.33 19.11 -43.85
N MET A 237 2.63 18.13 -43.27
CA MET A 237 2.47 16.85 -43.96
C MET A 237 1.70 17.00 -45.26
N SER A 238 0.62 17.79 -45.23
CA SER A 238 -0.24 17.98 -46.40
C SER A 238 -1.24 19.08 -46.08
N ARG A 239 -1.58 19.86 -47.11
CA ARG A 239 -2.61 20.88 -46.95
C ARG A 239 -3.98 20.24 -46.73
N ALA A 240 -4.29 19.16 -47.46
CA ALA A 240 -5.58 18.51 -47.33
C ALA A 240 -5.70 17.70 -46.05
N ALA A 241 -4.57 17.30 -45.45
CA ALA A 241 -4.62 16.53 -44.21
C ALA A 241 -4.98 17.39 -43.01
N PHE A 242 -4.76 18.70 -43.10
CA PHE A 242 -5.10 19.57 -41.98
C PHE A 242 -6.60 19.66 -41.77
N GLU A 243 -7.38 19.62 -42.85
CA GLU A 243 -8.83 19.56 -42.69
C GLU A 243 -9.24 18.28 -41.97
N GLY A 244 -8.62 17.16 -42.34
CA GLY A 244 -8.90 15.91 -41.65
C GLY A 244 -8.56 15.96 -40.18
N VAL A 245 -7.40 16.53 -39.84
CA VAL A 245 -6.99 16.55 -38.44
C VAL A 245 -7.86 17.50 -37.63
N VAL A 246 -8.25 18.65 -38.20
CA VAL A 246 -9.11 19.55 -37.44
C VAL A 246 -10.50 18.93 -37.28
N ARG A 247 -10.97 18.15 -38.27
CA ARG A 247 -12.19 17.40 -38.08
C ARG A 247 -12.04 16.37 -36.96
N ALA A 248 -10.88 15.71 -36.91
CA ALA A 248 -10.64 14.74 -35.84
C ALA A 248 -10.62 15.41 -34.46
N LEU A 249 -10.18 16.67 -34.40
CA LEU A 249 -10.27 17.42 -33.14
C LEU A 249 -11.71 17.83 -32.82
N LEU A 250 -12.48 18.24 -33.83
CA LEU A 250 -13.84 18.73 -33.60
C LEU A 250 -14.90 17.64 -33.67
N GLN A 251 -14.49 16.36 -33.69
CA GLN A 251 -15.45 15.27 -33.78
C GLN A 251 -16.42 15.28 -32.59
N LYS A 252 -16.02 15.85 -31.47
CA LYS A 252 -16.86 15.86 -30.27
C LYS A 252 -17.42 17.26 -30.07
N PRO A 253 -18.73 17.47 -30.26
CA PRO A 253 -19.31 18.80 -30.01
C PRO A 253 -19.24 19.23 -28.56
N SER A 254 -19.10 18.30 -27.62
CA SER A 254 -19.04 18.68 -26.21
C SER A 254 -17.82 19.53 -25.90
N ALA A 255 -16.67 19.17 -26.45
CA ALA A 255 -15.44 19.91 -26.21
C ALA A 255 -15.37 21.14 -27.11
N ARG A 256 -14.99 22.27 -26.51
CA ARG A 256 -14.89 23.52 -27.25
C ARG A 256 -13.53 24.21 -27.12
N VAL A 257 -12.72 23.86 -26.14
CA VAL A 257 -11.40 24.45 -25.96
C VAL A 257 -10.36 23.48 -26.48
N ALA A 258 -9.24 24.02 -26.98
CA ALA A 258 -8.19 23.20 -27.58
C ALA A 258 -6.84 23.81 -27.28
N VAL A 259 -5.98 23.05 -26.60
CA VAL A 259 -4.61 23.48 -26.35
C VAL A 259 -3.85 23.48 -27.67
N LEU A 260 -2.97 24.47 -27.85
CA LEU A 260 -2.35 24.76 -29.15
C LEU A 260 -0.84 24.88 -29.03
N PHE A 261 -0.20 23.88 -28.42
CA PHE A 261 1.26 23.85 -28.36
C PHE A 261 1.84 23.57 -29.74
N THR A 262 1.78 24.57 -30.63
CA THR A 262 2.30 24.45 -31.99
C THR A 262 3.08 25.71 -32.34
N ARG A 263 3.93 25.59 -33.35
CA ARG A 263 4.74 26.71 -33.79
C ARG A 263 3.87 27.73 -34.53
N SER A 264 4.52 28.80 -35.00
CA SER A 264 3.78 29.90 -35.60
C SER A 264 3.12 29.48 -36.91
N GLU A 265 3.89 28.86 -37.81
CA GLU A 265 3.34 28.49 -39.12
C GLU A 265 2.26 27.41 -38.99
N ASP A 266 2.49 26.42 -38.12
CA ASP A 266 1.49 25.36 -37.94
C ASP A 266 0.20 25.93 -37.37
N ALA A 267 0.30 26.80 -36.36
CA ALA A 267 -0.89 27.43 -35.80
C ALA A 267 -1.61 28.29 -36.83
N ARG A 268 -0.86 29.04 -37.63
CA ARG A 268 -1.46 29.89 -38.64
C ARG A 268 -2.23 29.06 -39.67
N GLU A 269 -1.61 27.98 -40.15
CA GLU A 269 -2.27 27.17 -41.17
C GLU A 269 -3.45 26.40 -40.58
N LEU A 270 -3.36 25.96 -39.32
CA LEU A 270 -4.50 25.32 -38.67
C LEU A 270 -5.65 26.31 -38.50
N LEU A 271 -5.34 27.55 -38.14
CA LEU A 271 -6.38 28.57 -38.03
C LEU A 271 -7.02 28.85 -39.39
N ALA A 272 -6.21 28.88 -40.45
CA ALA A 272 -6.75 29.06 -41.79
C ALA A 272 -7.67 27.92 -42.18
N ALA A 273 -7.28 26.68 -41.86
CA ALA A 273 -8.14 25.54 -42.14
C ALA A 273 -9.43 25.61 -41.35
N SER A 274 -9.36 26.01 -40.07
CA SER A 274 -10.56 26.15 -39.26
C SER A 274 -11.49 27.22 -39.82
N GLN A 275 -10.92 28.34 -40.28
CA GLN A 275 -11.73 29.39 -40.89
C GLN A 275 -12.37 28.90 -42.18
N ARG A 276 -11.64 28.10 -42.96
CA ARG A 276 -12.22 27.51 -44.17
C ARG A 276 -13.39 26.60 -43.81
N LEU A 277 -13.25 25.79 -42.76
CA LEU A 277 -14.35 24.96 -42.29
C LEU A 277 -15.42 25.80 -41.60
N ASN A 278 -15.09 27.01 -41.16
CA ASN A 278 -16.02 27.92 -40.48
C ASN A 278 -16.52 27.31 -39.17
N ALA A 279 -15.58 26.97 -38.29
CA ALA A 279 -15.87 26.44 -36.98
C ALA A 279 -15.65 27.51 -35.92
N SER A 280 -16.31 27.32 -34.77
CA SER A 280 -16.19 28.21 -33.63
C SER A 280 -15.45 27.50 -32.50
N PHE A 281 -14.37 28.12 -32.03
CA PHE A 281 -13.55 27.51 -31.00
C PHE A 281 -12.87 28.60 -30.17
N THR A 282 -12.47 28.23 -28.96
CA THR A 282 -11.61 29.04 -28.13
C THR A 282 -10.29 28.29 -27.95
N TRP A 283 -9.18 28.92 -28.30
CA TRP A 283 -7.87 28.28 -28.30
C TRP A 283 -6.99 28.91 -27.24
N VAL A 284 -6.61 28.12 -26.24
CA VAL A 284 -5.63 28.57 -25.24
C VAL A 284 -4.26 28.21 -25.81
N ALA A 285 -3.75 29.13 -26.63
CA ALA A 285 -2.56 28.85 -27.42
C ALA A 285 -1.29 29.03 -26.59
N SER A 286 -0.15 28.82 -27.23
CA SER A 286 1.15 28.81 -26.59
C SER A 286 2.01 29.96 -27.13
N ASP A 287 3.28 29.97 -26.74
CA ASP A 287 4.20 31.02 -27.17
C ASP A 287 4.40 31.02 -28.68
N GLY A 288 4.09 29.92 -29.37
CA GLY A 288 4.21 29.91 -30.82
C GLY A 288 3.31 30.95 -31.48
N TRP A 289 2.04 30.98 -31.08
CA TRP A 289 1.13 32.05 -31.47
C TRP A 289 1.05 33.09 -30.35
N GLY A 290 2.22 33.63 -29.99
CA GLY A 290 2.29 34.56 -28.89
C GLY A 290 2.24 36.01 -29.31
N ALA A 291 1.04 36.61 -29.24
CA ALA A 291 0.84 38.03 -29.53
C ALA A 291 1.43 38.41 -30.89
N LEU A 292 1.22 37.55 -31.88
CA LEU A 292 1.77 37.75 -33.22
C LEU A 292 0.62 38.02 -34.19
N GLU A 293 0.66 39.18 -34.85
CA GLU A 293 -0.33 39.51 -35.86
C GLU A 293 -0.08 38.82 -37.18
N SER A 294 1.15 38.34 -37.42
CA SER A 294 1.44 37.63 -38.67
C SER A 294 0.78 36.25 -38.68
N VAL A 295 0.72 35.59 -37.53
CA VAL A 295 0.12 34.26 -37.46
C VAL A 295 -1.36 34.31 -37.80
N VAL A 296 -2.09 35.26 -37.22
CA VAL A 296 -3.50 35.41 -37.56
C VAL A 296 -3.67 35.96 -38.96
N ALA A 297 -2.74 36.83 -39.40
CA ALA A 297 -2.74 37.43 -40.73
C ALA A 297 -4.09 38.12 -40.96
N GLY A 298 -4.78 37.86 -42.05
CA GLY A 298 -6.05 38.49 -42.32
C GLY A 298 -7.23 37.56 -42.08
N SER A 299 -6.96 36.30 -41.79
CA SER A 299 -8.01 35.31 -41.54
C SER A 299 -8.46 35.45 -40.09
N GLU A 300 -9.57 36.15 -39.88
CA GLU A 300 -10.10 36.32 -38.53
C GLU A 300 -10.51 35.00 -37.92
N GLY A 301 -11.33 34.23 -38.64
CA GLY A 301 -11.77 32.93 -38.16
C GLY A 301 -12.49 33.03 -36.83
N ALA A 302 -12.20 32.07 -35.95
CA ALA A 302 -12.76 32.04 -34.60
C ALA A 302 -11.71 32.43 -33.56
N ALA A 303 -10.77 33.31 -33.94
CA ALA A 303 -9.70 33.71 -33.03
C ALA A 303 -10.20 34.61 -31.90
N GLU A 304 -11.45 35.08 -31.95
CA GLU A 304 -11.96 35.94 -30.89
C GLU A 304 -11.94 35.20 -29.55
N GLY A 305 -11.45 35.87 -28.53
CA GLY A 305 -11.40 35.28 -27.20
C GLY A 305 -10.42 34.14 -27.04
N ALA A 306 -9.39 34.08 -27.89
CA ALA A 306 -8.39 33.02 -27.80
C ALA A 306 -7.32 33.43 -26.80
N ILE A 307 -7.25 32.71 -25.69
CA ILE A 307 -6.27 33.01 -24.66
C ILE A 307 -4.87 32.65 -25.15
N THR A 308 -3.93 33.59 -25.02
CA THR A 308 -2.57 33.40 -25.49
C THR A 308 -1.60 33.65 -24.35
N ILE A 309 -0.67 32.72 -24.14
CA ILE A 309 0.39 32.87 -23.16
C ILE A 309 1.62 33.41 -23.87
N GLU A 310 2.10 34.58 -23.44
CA GLU A 310 3.21 35.25 -24.08
C GLU A 310 4.26 35.63 -23.04
N LEU A 311 5.53 35.40 -23.39
CA LEU A 311 6.62 35.75 -22.49
C LEU A 311 6.71 37.25 -22.29
N ALA A 312 7.02 37.66 -21.07
CA ALA A 312 7.12 39.07 -20.72
C ALA A 312 8.50 39.62 -21.04
N SER A 313 8.63 40.94 -20.96
CA SER A 313 9.89 41.61 -21.22
C SER A 313 9.90 42.95 -20.51
N TYR A 314 11.10 43.51 -20.35
CA TYR A 314 11.28 44.80 -19.71
C TYR A 314 11.66 45.85 -20.74
N PRO A 315 10.95 46.96 -20.81
CA PRO A 315 11.34 48.06 -21.73
C PRO A 315 12.51 48.85 -21.18
N ILE A 316 13.71 48.33 -21.40
CA ILE A 316 14.93 48.95 -20.88
C ILE A 316 15.14 50.30 -21.57
N SER A 317 15.24 51.36 -20.79
CA SER A 317 15.42 52.70 -21.33
C SER A 317 16.89 53.10 -21.40
N ASP A 318 17.71 52.64 -20.46
CA ASP A 318 19.12 53.00 -20.46
C ASP A 318 19.86 52.37 -21.64
N PHE A 319 19.47 51.16 -22.04
CA PHE A 319 20.17 50.49 -23.14
C PHE A 319 19.86 51.13 -24.49
N ALA A 320 18.67 51.71 -24.65
CA ALA A 320 18.32 52.34 -25.93
C ALA A 320 19.24 53.52 -26.22
N SER A 321 19.48 54.37 -25.22
CA SER A 321 20.34 55.53 -25.43
C SER A 321 21.76 55.10 -25.76
N TYR A 322 22.27 54.06 -25.07
CA TYR A 322 23.61 53.56 -25.37
C TYR A 322 23.67 52.99 -26.79
N PHE A 323 22.68 52.17 -27.16
CA PHE A 323 22.73 51.50 -28.45
C PHE A 323 22.60 52.48 -29.60
N GLN A 324 21.81 53.55 -29.41
CA GLN A 324 21.67 54.54 -30.47
C GLN A 324 22.97 55.32 -30.71
N SER A 325 23.94 55.22 -29.81
CA SER A 325 25.15 56.04 -29.86
C SER A 325 26.37 55.32 -30.41
N LEU A 326 26.25 54.06 -30.81
CA LEU A 326 27.40 53.34 -31.36
C LEU A 326 27.81 53.91 -32.72
N ASP A 327 29.12 53.98 -32.93
CA ASP A 327 29.72 54.34 -34.21
C ASP A 327 30.87 53.39 -34.48
N PRO A 328 31.21 53.16 -35.74
CA PRO A 328 32.29 52.22 -36.05
C PRO A 328 33.68 52.71 -35.68
N TRP A 329 33.81 53.92 -35.13
CA TRP A 329 35.11 54.50 -34.81
C TRP A 329 35.45 54.36 -33.32
N ASN A 330 34.60 54.89 -32.45
CA ASN A 330 34.88 54.83 -31.02
C ASN A 330 34.81 53.41 -30.48
N ASN A 331 33.82 52.64 -30.92
CA ASN A 331 33.62 51.27 -30.43
C ASN A 331 34.51 50.33 -31.25
N SER A 332 35.81 50.38 -30.96
CA SER A 332 36.79 49.55 -31.64
C SER A 332 36.96 48.17 -31.01
N ARG A 333 36.36 47.93 -29.85
CA ARG A 333 36.47 46.62 -29.20
C ARG A 333 35.82 45.54 -30.05
N ASN A 334 34.68 45.83 -30.63
CA ASN A 334 33.92 44.81 -31.37
C ASN A 334 34.63 44.45 -32.66
N PRO A 335 34.89 43.17 -32.92
CA PRO A 335 35.47 42.76 -34.21
C PRO A 335 34.45 42.47 -35.29
N TRP A 336 33.17 42.37 -34.95
CA TRP A 336 32.12 42.11 -35.92
C TRP A 336 31.23 43.32 -36.17
N PHE A 337 31.45 44.43 -35.46
CA PHE A 337 30.64 45.61 -35.67
C PHE A 337 30.86 46.21 -37.06
N ARG A 338 32.09 46.11 -37.58
CA ARG A 338 32.36 46.59 -38.92
C ARG A 338 31.56 45.83 -39.96
N GLU A 339 31.52 44.50 -39.84
CA GLU A 339 30.73 43.70 -40.77
C GLU A 339 29.25 43.98 -40.62
N PHE A 340 28.77 44.13 -39.38
CA PHE A 340 27.37 44.46 -39.15
C PHE A 340 27.02 45.83 -39.74
N TRP A 341 27.90 46.81 -39.54
CA TRP A 341 27.68 48.13 -40.12
C TRP A 341 27.66 48.08 -41.65
N GLU A 342 28.57 47.30 -42.24
CA GLU A 342 28.60 47.18 -43.69
C GLU A 342 27.35 46.50 -44.23
N GLN A 343 26.89 45.44 -43.57
CA GLN A 343 25.73 44.71 -44.06
C GLN A 343 24.44 45.49 -43.88
N ARG A 344 24.25 46.10 -42.69
CA ARG A 344 22.99 46.77 -42.41
C ARG A 344 22.81 48.00 -43.28
N PHE A 345 23.86 48.80 -43.48
CA PHE A 345 23.76 50.05 -44.21
C PHE A 345 24.17 49.92 -45.67
N ARG A 346 24.63 48.73 -46.10
CA ARG A 346 24.99 48.46 -47.49
C ARG A 346 26.06 49.45 -47.98
N CYS A 347 27.21 49.42 -47.32
CA CYS A 347 28.32 50.28 -47.68
C CYS A 347 29.62 49.63 -47.20
N SER A 348 30.74 50.12 -47.73
CA SER A 348 32.05 49.59 -47.41
C SER A 348 32.92 50.70 -46.81
N PHE A 349 33.64 50.36 -45.73
CA PHE A 349 34.53 51.33 -45.10
C PHE A 349 35.68 51.72 -46.03
N ARG A 350 36.05 50.85 -46.96
CA ARG A 350 37.12 51.16 -47.90
C ARG A 350 36.73 52.29 -48.84
N GLN A 351 35.46 52.38 -49.21
CA GLN A 351 34.98 53.41 -50.12
C GLN A 351 34.61 54.71 -49.40
N ARG A 352 34.68 54.74 -48.06
CA ARG A 352 34.36 55.92 -47.28
C ARG A 352 32.96 56.45 -47.57
N ASP A 353 31.99 55.54 -47.66
CA ASP A 353 30.59 55.90 -47.89
C ASP A 353 29.69 55.39 -46.77
N CYS A 354 30.23 55.28 -45.56
CA CYS A 354 29.47 54.80 -44.42
C CYS A 354 29.28 55.84 -43.33
N ALA A 355 30.01 56.95 -43.35
CA ALA A 355 29.90 57.95 -42.29
C ALA A 355 28.54 58.65 -42.32
N ALA A 356 27.93 58.76 -43.49
CA ALA A 356 26.64 59.44 -43.59
C ALA A 356 25.56 58.69 -42.82
N HIS A 357 25.54 57.36 -42.92
CA HIS A 357 24.54 56.56 -42.24
C HIS A 357 24.84 56.48 -40.75
N SER A 358 23.78 56.35 -39.95
CA SER A 358 23.91 56.24 -38.51
C SER A 358 22.67 55.55 -37.95
N LEU A 359 22.81 55.04 -36.73
CA LEU A 359 21.69 54.37 -36.05
C LEU A 359 20.68 55.35 -35.47
N ARG A 360 20.97 56.66 -35.48
CA ARG A 360 20.06 57.64 -34.90
C ARG A 360 18.76 57.76 -35.68
N ALA A 361 18.73 57.32 -36.94
CA ALA A 361 17.54 57.43 -37.76
C ALA A 361 16.61 56.23 -37.58
N VAL A 362 17.13 55.02 -37.73
CA VAL A 362 16.30 53.82 -37.62
C VAL A 362 15.86 53.64 -36.17
N PRO A 363 14.57 53.44 -35.90
CA PRO A 363 14.14 53.18 -34.53
C PRO A 363 14.69 51.87 -34.00
N PHE A 364 14.87 51.82 -32.68
CA PHE A 364 15.45 50.67 -32.01
C PHE A 364 14.37 49.95 -31.20
N GLU A 365 14.35 48.62 -31.32
CA GLU A 365 13.40 47.79 -30.57
C GLU A 365 14.10 46.52 -30.12
N GLN A 366 13.94 46.18 -28.84
CA GLN A 366 14.52 44.96 -28.30
C GLN A 366 13.71 43.75 -28.72
N GLU A 367 14.39 42.61 -28.86
CA GLU A 367 13.74 41.38 -29.31
C GLU A 367 13.24 40.54 -28.14
N SER A 368 12.56 41.19 -27.20
CA SER A 368 11.89 40.52 -26.08
C SER A 368 12.83 39.64 -25.25
N LYS A 369 14.14 39.72 -25.49
CA LYS A 369 15.08 38.86 -24.79
C LYS A 369 16.36 39.56 -24.35
N ILE A 370 16.49 40.88 -24.55
CA ILE A 370 17.64 41.60 -24.02
C ILE A 370 17.62 41.59 -22.50
N MET A 371 16.42 41.54 -21.90
CA MET A 371 16.31 41.48 -20.45
C MET A 371 16.99 40.22 -19.90
N PHE A 372 16.83 39.10 -20.59
CA PHE A 372 17.37 37.84 -20.09
C PHE A 372 18.90 37.86 -20.05
N VAL A 373 19.54 38.46 -21.07
CA VAL A 373 21.00 38.52 -21.08
C VAL A 373 21.52 39.36 -19.92
N VAL A 374 20.89 40.51 -19.67
CA VAL A 374 21.29 41.35 -18.54
C VAL A 374 21.07 40.62 -17.23
N ASN A 375 19.94 39.90 -17.12
CA ASN A 375 19.67 39.14 -15.91
C ASN A 375 20.73 38.07 -15.68
N ALA A 376 21.16 37.39 -16.75
CA ALA A 376 22.17 36.35 -16.62
C ALA A 376 23.51 36.93 -16.21
N VAL A 377 23.94 38.01 -16.87
CA VAL A 377 25.25 38.58 -16.54
C VAL A 377 25.24 39.13 -15.12
N TYR A 378 24.11 39.70 -14.68
CA TYR A 378 24.06 40.21 -13.32
C TYR A 378 23.91 39.11 -12.28
N ALA A 379 23.32 37.97 -12.66
CA ALA A 379 23.34 36.81 -11.78
C ALA A 379 24.76 36.30 -11.58
N MET A 380 25.53 36.24 -12.66
CA MET A 380 26.94 35.86 -12.52
C MET A 380 27.70 36.87 -11.65
N ALA A 381 27.43 38.17 -11.86
CA ALA A 381 28.11 39.19 -11.06
C ALA A 381 27.74 39.08 -9.59
N HIS A 382 26.47 38.81 -9.28
CA HIS A 382 26.06 38.67 -7.89
C HIS A 382 26.63 37.40 -7.26
N ALA A 383 26.75 36.33 -8.04
CA ALA A 383 27.41 35.13 -7.53
C ALA A 383 28.87 35.41 -7.21
N LEU A 384 29.55 36.14 -8.09
CA LEU A 384 30.95 36.51 -7.82
C LEU A 384 31.06 37.42 -6.60
N HIS A 385 30.10 38.34 -6.43
CA HIS A 385 30.11 39.20 -5.26
C HIS A 385 29.88 38.40 -3.97
N ASN A 386 29.00 37.40 -4.02
CA ASN A 386 28.79 36.53 -2.88
C ASN A 386 30.03 35.70 -2.57
N MET A 387 30.76 35.29 -3.61
CA MET A 387 32.08 34.69 -3.40
C MET A 387 33.00 35.65 -2.66
N HIS A 388 33.07 36.88 -3.13
CA HIS A 388 33.99 37.85 -2.53
C HIS A 388 33.65 38.13 -1.07
N ARG A 389 32.36 38.27 -0.77
CA ARG A 389 31.93 38.61 0.58
C ARG A 389 31.91 37.42 1.52
N ALA A 390 32.08 36.19 1.00
CA ALA A 390 32.11 35.00 1.83
C ALA A 390 33.44 34.24 1.78
N LEU A 391 34.35 34.63 0.90
CA LEU A 391 35.66 33.98 0.81
C LEU A 391 36.83 34.91 1.04
N CYS A 392 36.66 36.22 0.82
CA CYS A 392 37.71 37.22 1.07
C CYS A 392 37.13 38.33 1.92
N PRO A 393 36.83 38.05 3.20
CA PRO A 393 36.19 39.07 4.05
C PRO A 393 37.16 40.13 4.53
N ASN A 394 38.41 39.73 4.83
CA ASN A 394 39.38 40.66 5.38
C ASN A 394 39.78 41.73 4.37
N THR A 395 40.00 41.33 3.11
CA THR A 395 40.47 42.24 2.08
C THR A 395 39.36 42.50 1.06
N THR A 396 39.14 43.78 0.75
CA THR A 396 38.15 44.15 -0.26
C THR A 396 38.59 43.79 -1.67
N ARG A 397 39.85 43.44 -1.88
CA ARG A 397 40.34 43.00 -3.17
C ARG A 397 40.23 41.49 -3.29
N LEU A 398 40.66 40.96 -4.44
CA LEU A 398 40.63 39.53 -4.69
C LEU A 398 41.70 38.84 -3.84
N CYS A 399 41.27 38.02 -2.88
CA CYS A 399 42.20 37.33 -2.02
C CYS A 399 42.79 36.11 -2.73
N ASP A 400 43.77 35.48 -2.08
CA ASP A 400 44.43 34.32 -2.67
C ASP A 400 43.49 33.13 -2.78
N ALA A 401 42.46 33.07 -1.93
CA ALA A 401 41.53 31.96 -1.97
C ALA A 401 40.63 31.97 -3.20
N MET A 402 40.48 33.13 -3.85
CA MET A 402 39.65 33.25 -5.04
C MET A 402 40.42 33.02 -6.34
N ARG A 403 41.72 32.75 -6.26
CA ARG A 403 42.47 32.44 -7.47
C ARG A 403 41.92 31.21 -8.20
N PRO A 404 41.61 30.09 -7.53
CA PRO A 404 40.89 29.02 -8.23
C PRO A 404 39.47 29.41 -8.56
N VAL A 405 38.94 28.80 -9.61
CA VAL A 405 37.57 29.11 -10.05
C VAL A 405 36.54 28.62 -9.04
N ASN A 406 36.79 27.45 -8.43
CA ASN A 406 35.87 26.84 -7.47
C ASN A 406 34.46 26.70 -8.05
N GLY A 407 34.40 26.23 -9.30
CA GLY A 407 33.12 26.14 -9.99
C GLY A 407 32.15 25.14 -9.37
N ARG A 408 32.68 24.06 -8.79
CA ARG A 408 31.81 23.01 -8.25
C ARG A 408 30.94 23.54 -7.11
N ARG A 409 31.55 24.25 -6.17
CA ARG A 409 30.80 24.80 -5.05
C ARG A 409 30.00 26.03 -5.45
N LEU A 410 30.57 26.85 -6.34
CA LEU A 410 29.93 28.10 -6.73
C LEU A 410 28.54 27.87 -7.31
N TYR A 411 28.45 27.03 -8.35
CA TYR A 411 27.18 26.79 -9.03
C TYR A 411 26.18 26.12 -8.10
N LYS A 412 26.64 25.11 -7.36
CA LYS A 412 25.72 24.34 -6.51
C LYS A 412 25.15 25.20 -5.38
N ASP A 413 25.97 26.08 -4.80
CA ASP A 413 25.57 26.78 -3.59
C ASP A 413 25.10 28.21 -3.84
N PHE A 414 25.93 29.06 -4.44
CA PHE A 414 25.63 30.48 -4.53
C PHE A 414 25.22 30.94 -5.92
N VAL A 415 24.81 30.03 -6.79
CA VAL A 415 24.21 30.37 -8.07
C VAL A 415 22.73 30.02 -8.11
N LEU A 416 22.37 28.84 -7.63
CA LEU A 416 20.97 28.43 -7.55
C LEU A 416 20.22 29.08 -6.39
N ASN A 417 20.91 29.83 -5.54
CA ASN A 417 20.32 30.45 -4.37
C ASN A 417 20.60 31.95 -4.35
N VAL A 418 20.37 32.62 -5.48
CA VAL A 418 20.56 34.06 -5.60
C VAL A 418 19.20 34.73 -5.69
N LYS A 419 19.06 35.87 -5.02
CA LYS A 419 17.80 36.61 -4.95
C LYS A 419 18.02 38.10 -5.16
N PHE A 420 18.86 38.46 -6.13
CA PHE A 420 19.15 39.85 -6.38
C PHE A 420 17.92 40.58 -6.95
N ASP A 421 17.85 41.88 -6.70
CA ASP A 421 16.71 42.67 -7.13
C ASP A 421 16.73 42.84 -8.65
N ALA A 422 15.57 43.19 -9.19
CA ALA A 422 15.43 43.36 -10.63
C ALA A 422 16.28 44.54 -11.10
N PRO A 423 17.15 44.34 -12.09
CA PRO A 423 17.97 45.44 -12.60
C PRO A 423 17.32 46.14 -13.79
N PHE A 424 17.60 47.44 -13.89
CA PHE A 424 17.03 48.29 -14.93
C PHE A 424 15.51 48.17 -14.95
N ARG A 425 14.92 48.14 -13.75
CA ARG A 425 13.50 47.89 -13.62
C ARG A 425 12.69 49.04 -14.21
N PRO A 426 11.61 48.74 -14.94
CA PRO A 426 10.72 49.81 -15.43
C PRO A 426 9.73 50.25 -14.36
N ALA A 427 10.04 49.93 -13.09
CA ALA A 427 9.20 50.23 -11.94
C ALA A 427 7.91 49.42 -11.95
N ASP A 428 7.97 48.19 -12.46
CA ASP A 428 6.85 47.26 -12.41
C ASP A 428 6.94 46.30 -11.22
N THR A 429 7.97 46.45 -10.38
CA THR A 429 8.21 45.65 -9.17
C THR A 429 7.81 44.18 -9.36
N HIS A 430 8.41 43.56 -10.37
CA HIS A 430 8.20 42.14 -10.62
C HIS A 430 9.34 41.29 -10.06
N ASN A 431 10.58 41.55 -10.50
CA ASN A 431 11.76 40.86 -10.00
C ASN A 431 11.59 39.35 -10.00
N GLU A 432 11.62 38.76 -8.81
CA GLU A 432 11.37 37.32 -8.62
C GLU A 432 12.29 36.45 -9.46
N VAL A 433 13.57 36.85 -9.56
CA VAL A 433 14.57 36.07 -10.25
C VAL A 433 15.18 35.09 -9.24
N ARG A 434 14.99 33.79 -9.49
CA ARG A 434 15.45 32.76 -8.57
C ARG A 434 15.50 31.43 -9.32
N PHE A 435 16.71 30.95 -9.59
CA PHE A 435 16.85 29.64 -10.19
C PHE A 435 16.42 28.55 -9.20
N ASP A 436 15.68 27.57 -9.71
CA ASP A 436 15.15 26.51 -8.87
C ASP A 436 16.21 25.43 -8.64
N ARG A 437 15.81 24.37 -7.93
CA ARG A 437 16.74 23.28 -7.66
C ARG A 437 17.11 22.50 -8.91
N PHE A 438 16.33 22.64 -9.99
CA PHE A 438 16.61 21.97 -11.25
C PHE A 438 17.49 22.80 -12.18
N GLY A 439 18.12 23.85 -11.67
CA GLY A 439 18.98 24.68 -12.50
C GLY A 439 18.25 25.38 -13.62
N ASP A 440 17.07 25.91 -13.34
CA ASP A 440 16.27 26.62 -14.35
C ASP A 440 15.64 27.85 -13.72
N GLY A 441 15.51 28.89 -14.54
CA GLY A 441 14.95 30.15 -14.07
C GLY A 441 13.43 30.16 -14.07
N ILE A 442 12.88 31.25 -13.57
CA ILE A 442 11.44 31.45 -13.52
C ILE A 442 11.13 32.85 -14.06
N GLY A 443 9.94 32.99 -14.65
CA GLY A 443 9.52 34.24 -15.22
C GLY A 443 8.02 34.35 -15.25
N ARG A 444 7.53 35.50 -15.69
CA ARG A 444 6.11 35.78 -15.78
C ARG A 444 5.66 35.79 -17.23
N TYR A 445 4.43 35.32 -17.46
CA TYR A 445 3.84 35.28 -18.78
C TYR A 445 2.68 36.26 -18.87
N ASN A 446 2.71 37.13 -19.87
CA ASN A 446 1.65 38.12 -20.08
C ASN A 446 0.58 37.49 -20.95
N ILE A 447 -0.61 37.30 -20.37
CA ILE A 447 -1.72 36.72 -21.13
C ILE A 447 -2.29 37.77 -22.06
N PHE A 448 -2.40 37.42 -23.34
CA PHE A 448 -2.86 38.33 -24.39
C PHE A 448 -4.10 37.71 -25.04
N THR A 449 -5.27 38.03 -24.47
CA THR A 449 -6.52 37.54 -25.04
C THR A 449 -6.83 38.28 -26.33
N TYR A 450 -7.11 37.54 -27.39
CA TYR A 450 -7.41 38.15 -28.68
C TYR A 450 -8.75 38.89 -28.63
N LEU A 451 -8.79 40.06 -29.24
CA LEU A 451 -10.00 40.86 -29.27
C LEU A 451 -9.99 41.71 -30.54
N ARG A 452 -11.19 42.06 -31.01
CA ARG A 452 -11.32 42.87 -32.21
C ARG A 452 -12.41 43.93 -32.10
N ALA A 453 -12.92 44.20 -30.89
CA ALA A 453 -14.00 45.16 -30.73
C ALA A 453 -13.52 46.60 -30.84
N GLY A 454 -12.26 46.87 -30.52
CA GLY A 454 -11.78 48.24 -30.50
C GLY A 454 -11.18 48.72 -31.81
N SER A 455 -10.21 47.98 -32.35
CA SER A 455 -9.54 48.35 -33.58
C SER A 455 -10.10 47.65 -34.80
N GLY A 456 -11.15 46.86 -34.65
CA GLY A 456 -11.73 46.11 -35.76
C GLY A 456 -11.16 44.73 -35.95
N ARG A 457 -9.83 44.62 -35.93
CA ARG A 457 -9.17 43.33 -36.07
C ARG A 457 -7.73 43.46 -35.58
N TYR A 458 -7.17 42.34 -35.13
CA TYR A 458 -5.78 42.25 -34.70
C TYR A 458 -5.47 43.25 -33.58
N ARG A 459 -6.15 43.05 -32.45
CA ARG A 459 -5.94 43.87 -31.26
C ARG A 459 -5.61 42.95 -30.09
N TYR A 460 -4.32 42.84 -29.77
CA TYR A 460 -3.87 42.03 -28.65
C TYR A 460 -3.89 42.88 -27.38
N GLN A 461 -4.74 42.51 -26.43
CA GLN A 461 -4.90 43.26 -25.18
C GLN A 461 -4.46 42.40 -24.01
N LYS A 462 -3.56 42.93 -23.19
CA LYS A 462 -3.08 42.21 -22.02
C LYS A 462 -4.20 42.10 -20.99
N VAL A 463 -4.28 40.95 -20.33
CA VAL A 463 -5.28 40.67 -19.32
C VAL A 463 -4.65 40.51 -17.94
N GLY A 464 -3.63 39.69 -17.83
CA GLY A 464 -2.99 39.44 -16.55
C GLY A 464 -1.62 38.83 -16.73
N TYR A 465 -1.04 38.41 -15.60
CA TYR A 465 0.29 37.83 -15.58
C TYR A 465 0.28 36.58 -14.71
N TRP A 466 1.22 35.67 -15.00
CA TRP A 466 1.38 34.42 -14.27
C TRP A 466 2.76 34.45 -13.62
N ALA A 467 2.83 34.90 -12.37
CA ALA A 467 4.08 34.97 -11.61
C ALA A 467 3.80 34.41 -10.21
N GLU A 468 3.96 33.09 -10.06
CA GLU A 468 3.69 32.40 -8.80
C GLU A 468 2.27 32.63 -8.32
N GLY A 469 1.35 32.81 -9.27
CA GLY A 469 -0.04 33.06 -8.95
C GLY A 469 -0.86 33.39 -10.18
N LEU A 470 -2.09 32.88 -10.24
CA LEU A 470 -2.94 33.07 -11.41
C LEU A 470 -3.76 34.35 -11.24
N THR A 471 -3.70 35.23 -12.23
CA THR A 471 -4.39 36.52 -12.17
C THR A 471 -5.04 36.79 -13.52
N LEU A 472 -6.37 36.65 -13.57
CA LEU A 472 -7.15 36.95 -14.76
C LEU A 472 -8.11 38.08 -14.46
N ASP A 473 -8.15 39.08 -15.35
CA ASP A 473 -9.07 40.21 -15.22
C ASP A 473 -10.30 39.91 -16.05
N THR A 474 -11.34 39.37 -15.39
CA THR A 474 -12.56 38.99 -16.11
C THR A 474 -13.27 40.18 -16.71
N SER A 475 -13.21 41.34 -16.05
CA SER A 475 -13.91 42.52 -16.53
C SER A 475 -13.36 43.01 -17.87
N LEU A 476 -12.14 42.62 -18.24
CA LEU A 476 -11.56 43.03 -19.51
C LEU A 476 -11.83 42.02 -20.62
N ILE A 477 -12.13 40.78 -20.27
CA ILE A 477 -12.41 39.75 -21.29
C ILE A 477 -13.66 40.17 -22.07
N PRO A 478 -13.69 40.03 -23.40
CA PRO A 478 -14.91 40.37 -24.15
C PRO A 478 -16.14 39.61 -23.69
N TRP A 479 -15.98 38.38 -23.21
CA TRP A 479 -17.09 37.60 -22.65
C TRP A 479 -17.41 38.16 -21.27
N ALA A 480 -18.15 39.26 -21.26
CA ALA A 480 -18.51 39.93 -20.02
C ALA A 480 -19.68 39.23 -19.37
N SER A 481 -20.19 39.80 -18.27
CA SER A 481 -21.33 39.20 -17.57
C SER A 481 -22.58 39.12 -18.45
N PRO A 482 -22.99 40.17 -19.18
CA PRO A 482 -24.18 40.02 -20.04
C PRO A 482 -23.91 39.16 -21.26
N SER A 483 -23.74 37.86 -21.05
CA SER A 483 -23.47 36.93 -22.14
C SER A 483 -24.00 35.56 -21.75
N ALA A 484 -24.22 34.72 -22.77
CA ALA A 484 -24.69 33.35 -22.56
C ALA A 484 -23.51 32.41 -22.28
N GLY A 485 -22.75 32.78 -21.25
CA GLY A 485 -21.58 32.03 -20.87
C GLY A 485 -20.36 32.41 -21.67
N PRO A 486 -19.17 32.17 -21.13
CA PRO A 486 -17.92 32.46 -21.84
C PRO A 486 -17.49 31.32 -22.75
N LEU A 487 -18.39 30.90 -23.65
CA LEU A 487 -18.23 29.71 -24.48
C LEU A 487 -17.85 28.51 -23.61
N PRO A 488 -18.74 28.04 -22.74
CA PRO A 488 -18.37 26.97 -21.80
C PRO A 488 -18.02 25.66 -22.49
N ALA A 489 -16.75 25.26 -22.42
CA ALA A 489 -16.38 23.92 -22.86
C ALA A 489 -17.02 22.87 -21.96
N SER A 490 -17.06 23.13 -20.66
CA SER A 490 -17.71 22.27 -19.67
C SER A 490 -17.10 20.88 -19.65
N ARG A 491 -17.78 19.94 -18.99
CA ARG A 491 -17.35 18.55 -18.90
C ARG A 491 -18.45 17.65 -19.44
N CYS A 492 -18.25 16.34 -19.30
CA CYS A 492 -19.18 15.33 -19.79
C CYS A 492 -19.83 14.64 -18.59
N SER A 493 -21.14 14.81 -18.44
CA SER A 493 -21.93 14.15 -17.40
C SER A 493 -21.41 14.46 -16.00
N GLU A 494 -20.73 15.60 -15.84
CA GLU A 494 -20.18 15.99 -14.55
C GLU A 494 -21.24 16.60 -13.62
N PRO A 495 -22.06 17.57 -14.08
CA PRO A 495 -23.03 18.18 -13.14
C PRO A 495 -24.15 17.23 -12.77
N CYS A 496 -24.16 16.79 -11.51
CA CYS A 496 -25.23 15.98 -10.96
C CYS A 496 -25.57 16.48 -9.56
N LEU A 497 -26.81 16.25 -9.15
CA LEU A 497 -27.31 16.78 -7.88
C LEU A 497 -26.94 15.92 -6.69
N GLN A 498 -26.24 14.80 -6.91
CA GLN A 498 -25.75 13.90 -5.87
C GLN A 498 -26.88 13.12 -5.22
N ASN A 499 -28.13 13.44 -5.58
CA ASN A 499 -29.25 12.59 -5.17
C ASN A 499 -29.27 11.30 -5.97
N GLU A 500 -28.96 11.39 -7.26
CA GLU A 500 -28.79 10.22 -8.12
C GLU A 500 -27.33 10.17 -8.58
N VAL A 501 -26.74 8.99 -8.50
CA VAL A 501 -25.32 8.84 -8.83
C VAL A 501 -25.04 7.38 -9.14
N LYS A 502 -24.28 7.16 -10.21
CA LYS A 502 -23.75 5.84 -10.56
C LYS A 502 -22.23 5.82 -10.52
N SER A 503 -21.58 6.75 -11.20
CA SER A 503 -20.13 6.91 -11.20
C SER A 503 -19.43 5.61 -11.63
N VAL A 504 -19.71 5.20 -12.87
CA VAL A 504 -19.09 4.03 -13.45
C VAL A 504 -18.02 4.39 -14.48
N GLN A 505 -18.06 5.61 -15.04
CA GLN A 505 -17.13 6.07 -16.05
C GLN A 505 -17.12 5.15 -17.27
N PRO A 506 -18.21 5.09 -18.03
CA PRO A 506 -18.21 4.23 -19.22
C PRO A 506 -17.17 4.64 -20.26
N GLY A 507 -16.88 5.93 -20.39
CA GLY A 507 -15.93 6.39 -21.38
C GLY A 507 -14.70 7.05 -20.78
N GLU A 508 -14.61 8.37 -20.91
CA GLU A 508 -13.47 9.10 -20.40
C GLU A 508 -13.52 9.19 -18.88
N VAL A 509 -12.41 9.62 -18.28
CA VAL A 509 -12.34 9.77 -16.83
C VAL A 509 -13.33 10.82 -16.34
N CYS A 510 -13.42 11.95 -17.06
CA CYS A 510 -14.36 12.99 -16.66
C CYS A 510 -15.81 12.54 -16.83
N CYS A 511 -16.09 11.72 -17.84
CA CYS A 511 -17.44 11.23 -18.05
C CYS A 511 -17.80 10.22 -16.98
N TRP A 512 -18.96 10.43 -16.35
CA TRP A 512 -19.48 9.48 -15.36
C TRP A 512 -20.99 9.68 -15.27
N LEU A 513 -21.74 8.62 -15.56
CA LEU A 513 -23.19 8.70 -15.48
C LEU A 513 -23.65 8.74 -14.03
N CYS A 514 -24.72 9.50 -13.79
CA CYS A 514 -25.35 9.56 -12.47
C CYS A 514 -26.81 9.13 -12.63
N ILE A 515 -27.04 7.82 -12.58
CA ILE A 515 -28.36 7.23 -12.70
C ILE A 515 -28.65 6.48 -11.40
N PRO A 516 -29.80 6.68 -10.77
CA PRO A 516 -30.07 6.04 -9.49
C PRO A 516 -30.56 4.61 -9.64
N CYS A 517 -30.23 3.79 -8.64
CA CYS A 517 -30.82 2.47 -8.54
C CYS A 517 -32.33 2.60 -8.37
N GLN A 518 -33.07 1.70 -9.03
CA GLN A 518 -34.54 1.82 -9.02
C GLN A 518 -35.12 1.78 -7.61
N PRO A 519 -34.74 0.86 -6.73
CA PRO A 519 -35.14 0.97 -5.32
C PRO A 519 -34.22 1.83 -4.48
N TYR A 520 -33.24 2.49 -5.11
CA TYR A 520 -32.20 3.31 -4.49
C TYR A 520 -31.18 2.42 -3.76
N GLU A 521 -31.52 1.14 -3.61
CA GLU A 521 -30.62 0.07 -3.19
C GLU A 521 -29.55 0.48 -2.17
N TYR A 522 -29.96 1.22 -1.15
CA TYR A 522 -29.10 1.60 -0.01
C TYR A 522 -27.71 2.05 -0.48
N ARG A 523 -27.70 3.12 -1.28
CA ARG A 523 -26.44 3.65 -1.79
C ARG A 523 -25.65 4.31 -0.67
N LEU A 524 -24.40 3.86 -0.49
CA LEU A 524 -23.55 4.35 0.59
C LEU A 524 -22.32 5.09 0.09
N ASP A 525 -21.52 4.47 -0.76
CA ASP A 525 -20.25 5.03 -1.21
C ASP A 525 -20.39 5.86 -2.48
N GLU A 526 -21.61 6.08 -2.97
CA GLU A 526 -21.92 6.83 -4.17
C GLU A 526 -21.35 6.20 -5.43
N PHE A 527 -20.82 4.97 -5.34
CA PHE A 527 -20.27 4.26 -6.48
C PHE A 527 -21.02 2.97 -6.77
N THR A 528 -21.24 2.14 -5.76
CA THR A 528 -21.95 0.87 -5.91
C THR A 528 -23.14 0.86 -4.95
N CYS A 529 -24.30 0.45 -5.47
CA CYS A 529 -25.49 0.31 -4.64
C CYS A 529 -25.29 -0.84 -3.66
N ALA A 530 -25.10 -0.52 -2.39
CA ALA A 530 -24.76 -1.52 -1.37
C ALA A 530 -26.02 -2.25 -0.91
N ASP A 531 -25.87 -3.09 0.11
CA ASP A 531 -26.98 -3.86 0.66
C ASP A 531 -26.91 -3.86 2.19
N CYS A 532 -26.69 -2.67 2.76
CA CYS A 532 -26.57 -2.57 4.22
C CYS A 532 -27.85 -2.99 4.92
N GLY A 533 -28.98 -2.40 4.53
CA GLY A 533 -30.24 -2.75 5.15
C GLY A 533 -31.01 -3.81 4.39
N LEU A 534 -31.24 -3.57 3.11
CA LEU A 534 -31.99 -4.50 2.25
C LEU A 534 -31.84 -4.00 0.81
N GLY A 535 -32.58 -4.62 -0.10
CA GLY A 535 -32.56 -4.24 -1.50
C GLY A 535 -33.46 -3.08 -1.89
N TYR A 536 -34.21 -2.53 -0.96
CA TYR A 536 -35.11 -1.41 -1.21
C TYR A 536 -34.56 -0.15 -0.55
N TRP A 537 -35.36 0.92 -0.62
CA TRP A 537 -34.91 2.23 -0.14
C TRP A 537 -34.95 2.28 1.38
N PRO A 538 -33.82 2.49 2.05
CA PRO A 538 -33.85 2.71 3.50
C PRO A 538 -34.11 4.16 3.85
N ASN A 539 -33.99 4.51 5.13
CA ASN A 539 -34.09 5.90 5.55
C ASN A 539 -32.99 6.76 4.95
N ALA A 540 -31.93 6.14 4.41
CA ALA A 540 -30.88 6.80 3.65
C ALA A 540 -29.94 7.63 4.52
N SER A 541 -30.26 7.76 5.80
CA SER A 541 -29.41 8.45 6.78
C SER A 541 -28.92 9.79 6.25
N LEU A 542 -27.64 10.08 6.47
CA LEU A 542 -27.01 11.28 5.92
C LEU A 542 -26.30 10.91 4.61
N THR A 543 -27.12 10.63 3.60
CA THR A 543 -26.65 10.23 2.26
C THR A 543 -25.75 9.01 2.34
N GLY A 544 -26.35 7.90 2.75
CA GLY A 544 -25.62 6.64 2.86
C GLY A 544 -26.56 5.50 3.15
N CYS A 545 -26.01 4.29 3.14
CA CYS A 545 -26.80 3.11 3.44
C CYS A 545 -27.19 3.09 4.91
N PHE A 546 -28.38 2.56 5.17
CA PHE A 546 -28.92 2.50 6.53
C PHE A 546 -29.90 1.34 6.63
N GLU A 547 -30.40 1.12 7.83
CA GLU A 547 -31.38 0.06 8.10
C GLU A 547 -32.37 0.61 9.13
N LEU A 548 -33.53 1.07 8.65
CA LEU A 548 -34.51 1.67 9.53
C LEU A 548 -35.27 0.59 10.30
N PRO A 549 -35.28 0.63 11.63
CA PRO A 549 -36.04 -0.37 12.40
C PRO A 549 -37.54 -0.12 12.38
N GLN A 550 -38.00 0.78 11.51
CA GLN A 550 -39.40 1.17 11.49
C GLN A 550 -40.29 -0.03 11.15
N GLU A 551 -41.35 -0.21 11.92
CA GLU A 551 -42.30 -1.30 11.71
C GLU A 551 -43.61 -0.94 12.38
N TYR A 552 -44.67 -1.62 11.99
CA TYR A 552 -46.01 -1.41 12.54
C TYR A 552 -46.33 -2.51 13.53
N ILE A 553 -46.75 -2.11 14.73
CA ILE A 553 -47.14 -3.06 15.77
C ILE A 553 -48.65 -3.09 15.98
N ARG A 554 -49.40 -2.18 15.37
CA ARG A 554 -50.85 -2.10 15.47
C ARG A 554 -51.29 -1.91 16.93
N TRP A 555 -50.87 -0.78 17.49
CA TRP A 555 -51.19 -0.44 18.88
C TRP A 555 -52.33 0.58 18.99
N GLY A 556 -52.35 1.58 18.11
CA GLY A 556 -53.35 2.62 18.17
C GLY A 556 -54.57 2.33 17.32
N ASP A 557 -55.36 1.34 17.73
CA ASP A 557 -56.61 0.98 17.06
C ASP A 557 -56.36 0.49 15.63
N ALA A 558 -55.99 1.42 14.75
CA ALA A 558 -55.70 1.14 13.33
C ALA A 558 -56.95 0.51 12.74
N TRP A 559 -56.87 -0.65 12.09
CA TRP A 559 -58.03 -1.32 11.51
C TRP A 559 -58.54 -2.46 12.38
N ALA A 560 -58.05 -2.58 13.61
CA ALA A 560 -58.45 -3.64 14.53
C ALA A 560 -58.95 -3.05 15.85
N VAL A 561 -59.64 -1.91 15.77
CA VAL A 561 -60.18 -1.29 16.97
C VAL A 561 -61.31 -2.14 17.54
N GLY A 562 -62.12 -2.74 16.67
CA GLY A 562 -63.22 -3.57 17.08
C GLY A 562 -62.79 -4.78 17.90
N PRO A 563 -61.96 -5.66 17.32
CA PRO A 563 -61.50 -6.83 18.08
C PRO A 563 -60.74 -6.49 19.35
N VAL A 564 -60.01 -5.37 19.37
CA VAL A 564 -59.28 -4.98 20.57
C VAL A 564 -60.25 -4.66 21.70
N THR A 565 -61.32 -3.92 21.41
CA THR A 565 -62.30 -3.57 22.42
C THR A 565 -63.22 -4.73 22.74
N ILE A 566 -63.55 -5.57 21.75
CA ILE A 566 -64.43 -6.70 21.99
C ILE A 566 -63.79 -7.71 22.93
N ALA A 567 -62.49 -7.99 22.73
CA ALA A 567 -61.81 -8.98 23.56
C ALA A 567 -61.74 -8.54 25.02
N CYS A 568 -61.40 -7.29 25.27
CA CYS A 568 -61.30 -6.80 26.64
C CYS A 568 -62.66 -6.78 27.33
N LEU A 569 -63.70 -6.35 26.61
CA LEU A 569 -65.04 -6.31 27.19
C LEU A 569 -65.54 -7.72 27.51
N GLY A 570 -65.32 -8.67 26.60
CA GLY A 570 -65.78 -10.03 26.83
C GLY A 570 -65.05 -10.71 27.98
N ALA A 571 -63.75 -10.45 28.12
CA ALA A 571 -62.96 -11.08 29.18
C ALA A 571 -63.45 -10.64 30.55
N LEU A 572 -63.72 -9.35 30.73
CA LEU A 572 -64.18 -8.85 32.02
C LEU A 572 -65.55 -9.42 32.38
N ALA A 573 -66.47 -9.47 31.43
CA ALA A 573 -67.80 -10.00 31.70
C ALA A 573 -67.77 -11.48 32.03
N THR A 574 -66.96 -12.25 31.30
CA THR A 574 -66.90 -13.69 31.54
C THR A 574 -66.34 -14.01 32.91
N LEU A 575 -65.29 -13.29 33.34
CA LEU A 575 -64.69 -13.54 34.64
C LEU A 575 -65.67 -13.20 35.77
N PHE A 576 -66.37 -12.08 35.66
CA PHE A 576 -67.32 -11.69 36.70
C PHE A 576 -68.50 -12.66 36.75
N VAL A 577 -68.99 -13.11 35.60
CA VAL A 577 -70.13 -14.01 35.57
C VAL A 577 -69.77 -15.36 36.17
N LEU A 578 -68.53 -15.82 35.94
CA LEU A 578 -68.11 -17.12 36.45
C LEU A 578 -68.07 -17.15 37.97
N GLY A 579 -67.84 -15.99 38.61
CA GLY A 579 -67.78 -15.94 40.06
C GLY A 579 -69.11 -16.01 40.76
N VAL A 580 -70.22 -15.85 40.03
CA VAL A 580 -71.54 -15.92 40.64
C VAL A 580 -71.82 -17.33 41.17
N PHE A 581 -71.47 -18.36 40.39
CA PHE A 581 -71.71 -19.73 40.82
C PHE A 581 -70.83 -20.09 42.02
N VAL A 582 -69.60 -19.58 42.06
CA VAL A 582 -68.70 -19.90 43.17
C VAL A 582 -69.16 -19.27 44.47
N ARG A 583 -70.05 -18.29 44.42
CA ARG A 583 -70.52 -17.65 45.66
C ARG A 583 -71.28 -18.64 46.54
N HIS A 584 -72.11 -19.48 45.92
CA HIS A 584 -72.90 -20.47 46.67
C HIS A 584 -72.11 -21.76 46.89
N ASN A 585 -71.67 -22.39 45.79
CA ASN A 585 -70.89 -23.62 45.80
C ASN A 585 -71.66 -24.80 46.40
N ALA A 586 -72.94 -24.64 46.66
CA ALA A 586 -73.78 -25.71 47.20
C ALA A 586 -74.99 -26.02 46.34
N THR A 587 -75.64 -25.00 45.79
CA THR A 587 -76.76 -25.24 44.89
C THR A 587 -76.36 -25.97 43.60
N PRO A 588 -75.26 -25.64 42.90
CA PRO A 588 -74.98 -26.36 41.65
C PRO A 588 -74.48 -27.77 41.85
N VAL A 589 -73.82 -28.06 42.98
CA VAL A 589 -73.19 -29.37 43.15
C VAL A 589 -74.23 -30.48 43.28
N VAL A 590 -75.41 -30.16 43.82
CA VAL A 590 -76.45 -31.18 43.96
C VAL A 590 -77.04 -31.56 42.60
N LYS A 591 -76.87 -30.72 41.58
CA LYS A 591 -77.32 -30.99 40.22
C LYS A 591 -76.17 -31.47 39.33
N ALA A 592 -75.26 -32.27 39.90
CA ALA A 592 -74.06 -32.74 39.22
C ALA A 592 -73.17 -31.56 38.80
N SER A 593 -72.22 -31.81 37.92
CA SER A 593 -71.24 -30.80 37.48
C SER A 593 -70.59 -30.13 38.69
N GLY A 594 -69.86 -30.93 39.46
CA GLY A 594 -69.26 -30.48 40.69
C GLY A 594 -68.15 -29.47 40.46
N ARG A 595 -67.43 -29.20 41.55
CA ARG A 595 -66.34 -28.21 41.52
C ARG A 595 -65.22 -28.62 40.58
N GLU A 596 -65.06 -29.92 40.31
CA GLU A 596 -64.03 -30.36 39.36
C GLU A 596 -64.32 -29.82 37.96
N LEU A 597 -65.58 -29.89 37.53
CA LEU A 597 -65.94 -29.33 36.22
C LEU A 597 -66.00 -27.81 36.27
N CYS A 598 -66.46 -27.24 37.39
CA CYS A 598 -66.55 -25.79 37.51
C CYS A 598 -65.18 -25.14 37.45
N TYR A 599 -64.20 -25.73 38.15
CA TYR A 599 -62.84 -25.18 38.13
C TYR A 599 -62.24 -25.25 36.73
N ILE A 600 -62.45 -26.36 36.03
CA ILE A 600 -61.94 -26.49 34.67
C ILE A 600 -62.60 -25.48 33.75
N LEU A 601 -63.93 -25.32 33.87
CA LEU A 601 -64.65 -24.36 33.06
C LEU A 601 -64.20 -22.93 33.36
N LEU A 602 -64.02 -22.61 34.64
CA LEU A 602 -63.57 -21.28 35.01
C LEU A 602 -62.15 -21.01 34.51
N GLY A 603 -61.26 -22.00 34.62
CA GLY A 603 -59.92 -21.83 34.11
C GLY A 603 -59.87 -21.73 32.60
N GLY A 604 -60.72 -22.49 31.91
CA GLY A 604 -60.70 -22.48 30.46
C GLY A 604 -61.14 -21.16 29.87
N VAL A 605 -62.21 -20.57 30.42
CA VAL A 605 -62.71 -19.31 29.87
C VAL A 605 -61.72 -18.18 30.15
N PHE A 606 -61.06 -18.21 31.31
CA PHE A 606 -60.08 -17.16 31.63
C PHE A 606 -58.88 -17.23 30.72
N LEU A 607 -58.40 -18.44 30.41
CA LEU A 607 -57.22 -18.60 29.58
C LEU A 607 -57.46 -18.13 28.15
N CYS A 608 -58.61 -18.52 27.58
CA CYS A 608 -58.89 -18.14 26.20
C CYS A 608 -59.19 -16.66 26.07
N TYR A 609 -59.91 -16.09 27.05
CA TYR A 609 -60.25 -14.67 26.99
C TYR A 609 -59.00 -13.79 27.06
N CYS A 610 -58.06 -14.13 27.94
CA CYS A 610 -56.83 -13.35 28.05
C CYS A 610 -55.88 -13.58 26.88
N MET A 611 -56.02 -14.72 26.19
CA MET A 611 -55.17 -14.98 25.03
C MET A 611 -55.47 -14.03 23.88
N THR A 612 -56.71 -13.52 23.81
CA THR A 612 -57.04 -12.58 22.75
C THR A 612 -56.42 -11.21 23.00
N PHE A 613 -56.35 -10.79 24.27
CA PHE A 613 -55.81 -9.47 24.58
C PHE A 613 -54.30 -9.42 24.45
N ILE A 614 -53.61 -10.54 24.71
CA ILE A 614 -52.15 -10.53 24.65
C ILE A 614 -51.64 -10.44 23.21
N PHE A 615 -52.52 -10.66 22.23
CA PHE A 615 -52.10 -10.57 20.83
C PHE A 615 -51.64 -9.16 20.48
N ILE A 616 -52.21 -8.13 21.11
CA ILE A 616 -51.84 -6.74 20.85
C ILE A 616 -50.66 -6.43 21.77
N ALA A 617 -49.46 -6.75 21.29
CA ALA A 617 -48.24 -6.51 22.06
C ALA A 617 -47.07 -6.39 21.09
N LYS A 618 -45.98 -5.83 21.60
CA LYS A 618 -44.78 -5.67 20.79
C LYS A 618 -44.13 -7.03 20.55
N PRO A 619 -43.91 -7.43 19.29
CA PRO A 619 -43.33 -8.75 19.04
C PRO A 619 -41.85 -8.82 19.35
N SER A 620 -41.50 -8.79 20.62
CA SER A 620 -40.10 -8.91 21.05
C SER A 620 -39.72 -10.39 21.06
N THR A 621 -38.54 -10.71 21.60
CA THR A 621 -38.12 -12.10 21.66
C THR A 621 -39.01 -12.91 22.61
N ALA A 622 -39.58 -12.27 23.63
CA ALA A 622 -40.49 -12.96 24.54
C ALA A 622 -41.86 -13.15 23.92
N VAL A 623 -42.33 -12.16 23.15
CA VAL A 623 -43.68 -12.23 22.59
C VAL A 623 -43.81 -13.37 21.60
N CYS A 624 -42.79 -13.56 20.75
CA CYS A 624 -42.83 -14.65 19.78
C CYS A 624 -42.90 -16.01 20.48
N THR A 625 -42.15 -16.17 21.57
CA THR A 625 -42.17 -17.43 22.31
C THR A 625 -43.53 -17.67 22.94
N LEU A 626 -44.11 -16.65 23.57
CA LEU A 626 -45.40 -16.80 24.22
C LEU A 626 -46.56 -16.79 23.24
N ARG A 627 -46.33 -16.37 21.98
CA ARG A 627 -47.40 -16.43 20.99
C ARG A 627 -47.84 -17.86 20.75
N ARG A 628 -46.89 -18.79 20.63
CA ARG A 628 -47.24 -20.20 20.58
C ARG A 628 -47.79 -20.69 21.91
N LEU A 629 -47.22 -20.21 23.02
CA LEU A 629 -47.71 -20.59 24.34
C LEU A 629 -49.10 -20.03 24.63
N GLY A 630 -49.51 -18.98 23.94
CA GLY A 630 -50.83 -18.41 24.13
C GLY A 630 -51.95 -19.38 23.79
N LEU A 631 -52.05 -19.74 22.50
CA LEU A 631 -53.05 -20.69 22.07
C LEU A 631 -52.62 -22.14 22.25
N GLY A 632 -51.35 -22.39 22.58
CA GLY A 632 -50.91 -23.74 22.85
C GLY A 632 -51.41 -24.29 24.17
N THR A 633 -51.79 -23.42 25.11
CA THR A 633 -52.32 -23.82 26.39
C THR A 633 -53.77 -23.43 26.59
N ALA A 634 -54.15 -22.21 26.20
CA ALA A 634 -55.53 -21.76 26.37
C ALA A 634 -56.50 -22.61 25.55
N PHE A 635 -56.14 -22.92 24.31
CA PHE A 635 -56.98 -23.79 23.49
C PHE A 635 -56.91 -25.23 23.94
N SER A 636 -55.80 -25.62 24.58
CA SER A 636 -55.67 -26.99 25.06
C SER A 636 -56.57 -27.26 26.26
N VAL A 637 -56.60 -26.33 27.22
CA VAL A 637 -57.36 -26.56 28.45
C VAL A 637 -58.85 -26.53 28.18
N CYS A 638 -59.31 -25.60 27.33
CA CYS A 638 -60.74 -25.52 27.03
C CYS A 638 -61.22 -26.75 26.28
N TYR A 639 -60.43 -27.24 25.32
CA TYR A 639 -60.78 -28.47 24.62
C TYR A 639 -60.77 -29.66 25.56
N SER A 640 -59.79 -29.73 26.47
CA SER A 640 -59.72 -30.82 27.42
C SER A 640 -60.82 -30.71 28.47
N ALA A 641 -61.28 -29.49 28.76
CA ALA A 641 -62.34 -29.33 29.76
C ALA A 641 -63.65 -29.99 29.30
N LEU A 642 -64.01 -29.79 28.03
CA LEU A 642 -65.22 -30.42 27.51
C LEU A 642 -65.00 -31.91 27.25
N LEU A 643 -63.77 -32.32 26.94
CA LEU A 643 -63.49 -33.74 26.71
C LEU A 643 -63.71 -34.55 27.99
N THR A 644 -63.26 -34.02 29.13
CA THR A 644 -63.44 -34.75 30.40
C THR A 644 -64.91 -34.89 30.74
N LYS A 645 -65.70 -33.83 30.55
CA LYS A 645 -67.13 -33.91 30.81
C LYS A 645 -67.81 -34.89 29.86
N THR A 646 -67.44 -34.85 28.58
CA THR A 646 -68.01 -35.77 27.61
C THR A 646 -67.60 -37.22 27.91
N ASN A 647 -66.35 -37.42 28.33
CA ASN A 647 -65.90 -38.77 28.64
C ASN A 647 -66.64 -39.35 29.84
N ARG A 648 -66.94 -38.51 30.83
CA ARG A 648 -67.68 -38.97 32.01
C ARG A 648 -69.07 -39.46 31.63
N ILE A 649 -69.74 -38.73 30.73
CA ILE A 649 -71.06 -39.15 30.27
C ILE A 649 -70.96 -40.46 29.49
N ALA A 650 -69.95 -40.58 28.62
CA ALA A 650 -69.77 -41.80 27.86
C ALA A 650 -69.42 -42.97 28.77
N ARG A 651 -68.57 -42.74 29.76
CA ARG A 651 -68.19 -43.80 30.68
C ARG A 651 -69.34 -44.23 31.58
N ILE A 652 -70.34 -43.38 31.77
CA ILE A 652 -71.49 -43.71 32.61
C ILE A 652 -72.58 -44.47 31.85
N PHE A 653 -72.44 -44.62 30.53
CA PHE A 653 -73.44 -45.33 29.74
C PHE A 653 -73.03 -46.79 29.52
N ILE A 666 -66.13 -43.59 37.31
CA ILE A 666 -66.35 -42.18 37.59
C ILE A 666 -65.06 -41.53 38.05
N SER A 667 -64.60 -41.89 39.25
CA SER A 667 -63.39 -41.37 39.87
C SER A 667 -63.42 -39.85 39.90
N PRO A 668 -64.25 -39.23 40.75
CA PRO A 668 -64.27 -37.76 40.82
C PRO A 668 -62.93 -37.16 41.19
N ALA A 669 -62.16 -37.82 42.06
CA ALA A 669 -60.83 -37.34 42.38
C ALA A 669 -59.91 -37.38 41.17
N SER A 670 -60.01 -38.44 40.36
CA SER A 670 -59.22 -38.59 39.15
C SER A 670 -59.88 -38.00 37.92
N GLN A 671 -61.05 -37.37 38.08
CA GLN A 671 -61.72 -36.75 36.94
C GLN A 671 -60.88 -35.62 36.34
N VAL A 672 -60.26 -34.81 37.21
CA VAL A 672 -59.37 -33.76 36.72
C VAL A 672 -58.04 -34.32 36.25
N ALA A 673 -57.65 -35.51 36.72
CA ALA A 673 -56.37 -36.08 36.33
C ALA A 673 -56.32 -36.36 34.84
N ILE A 674 -57.39 -36.93 34.27
CA ILE A 674 -57.41 -37.22 32.84
C ILE A 674 -57.50 -35.94 32.03
N CYS A 675 -58.18 -34.91 32.56
CA CYS A 675 -58.30 -33.65 31.83
C CYS A 675 -56.95 -32.96 31.70
N LEU A 676 -56.19 -32.88 32.80
CA LEU A 676 -54.87 -32.25 32.73
C LEU A 676 -53.87 -33.13 32.00
N ALA A 677 -54.05 -34.46 32.04
CA ALA A 677 -53.16 -35.34 31.30
C ALA A 677 -53.23 -35.07 29.81
N LEU A 678 -54.44 -34.89 29.27
CA LEU A 678 -54.58 -34.47 27.88
C LEU A 678 -54.02 -33.07 27.68
N ILE A 679 -54.24 -32.17 28.64
CA ILE A 679 -53.68 -30.82 28.55
C ILE A 679 -52.16 -30.87 28.61
N SER A 680 -51.60 -31.70 29.50
CA SER A 680 -50.16 -31.83 29.57
C SER A 680 -49.58 -32.44 28.31
N GLY A 681 -50.29 -33.38 27.70
CA GLY A 681 -49.83 -33.94 26.43
C GLY A 681 -49.78 -32.90 25.33
N GLN A 682 -50.78 -32.02 25.29
CA GLN A 682 -50.74 -30.90 24.35
C GLN A 682 -49.58 -29.96 24.67
N LEU A 683 -49.35 -29.69 25.96
CA LEU A 683 -48.21 -28.87 26.35
C LEU A 683 -46.90 -29.57 26.03
N LEU A 684 -46.86 -30.90 26.13
CA LEU A 684 -45.64 -31.63 25.78
C LEU A 684 -45.29 -31.46 24.32
N ILE A 685 -46.30 -31.43 23.44
CA ILE A 685 -46.05 -31.17 22.03
C ILE A 685 -45.60 -29.71 21.82
N VAL A 686 -46.18 -28.79 22.59
CA VAL A 686 -45.84 -27.38 22.43
C VAL A 686 -44.40 -27.13 22.84
N VAL A 687 -43.98 -27.67 24.00
CA VAL A 687 -42.62 -27.43 24.47
C VAL A 687 -41.60 -28.11 23.56
N ALA A 688 -41.94 -29.27 23.01
CA ALA A 688 -41.03 -29.98 22.12
C ALA A 688 -40.90 -29.30 20.77
N TRP A 689 -41.89 -28.50 20.37
CA TRP A 689 -41.86 -27.82 19.08
C TRP A 689 -41.21 -26.45 19.16
N LEU A 690 -41.45 -25.72 20.25
CA LEU A 690 -40.91 -24.36 20.36
C LEU A 690 -39.38 -24.37 20.51
N VAL A 691 -38.82 -25.40 21.15
CA VAL A 691 -37.38 -25.48 21.27
C VAL A 691 -36.73 -25.67 19.90
N VAL A 692 -37.34 -26.52 19.06
CA VAL A 692 -36.83 -26.72 17.71
C VAL A 692 -37.08 -25.48 16.86
N GLU A 693 -38.28 -24.90 16.96
CA GLU A 693 -38.61 -23.72 16.17
C GLU A 693 -37.76 -22.52 16.57
N ALA A 694 -37.51 -22.35 17.88
CA ALA A 694 -36.77 -21.23 18.43
C ALA A 694 -37.36 -19.91 17.96
N PRO A 695 -38.54 -19.53 18.47
CA PRO A 695 -39.20 -18.32 17.98
C PRO A 695 -38.35 -17.08 18.20
N GLY A 696 -38.39 -16.17 17.23
CA GLY A 696 -37.64 -14.93 17.30
C GLY A 696 -38.26 -13.88 16.41
N THR A 697 -37.82 -12.64 16.60
CA THR A 697 -38.33 -11.54 15.80
C THR A 697 -37.91 -11.68 14.35
N GLY A 698 -38.86 -11.43 13.44
CA GLY A 698 -38.58 -11.53 12.02
C GLY A 698 -38.59 -10.19 11.33
N LYS A 699 -37.42 -9.75 10.85
CA LYS A 699 -37.34 -8.45 10.19
C LYS A 699 -38.03 -8.46 8.83
N GLU A 700 -37.99 -9.59 8.12
CA GLU A 700 -38.54 -9.68 6.77
C GLU A 700 -40.03 -10.02 6.86
N THR A 701 -40.87 -9.00 6.70
CA THR A 701 -42.31 -9.21 6.65
C THR A 701 -42.99 -8.34 5.60
N ALA A 702 -42.23 -7.64 4.77
CA ALA A 702 -42.73 -6.75 3.73
C ALA A 702 -42.36 -7.29 2.35
N PRO A 703 -43.10 -6.90 1.30
CA PRO A 703 -42.74 -7.35 -0.05
C PRO A 703 -41.40 -6.80 -0.52
N GLU A 704 -40.96 -7.24 -1.70
CA GLU A 704 -39.61 -6.91 -2.16
C GLU A 704 -39.43 -5.41 -2.39
N ARG A 705 -40.43 -4.75 -2.97
CA ARG A 705 -40.31 -3.36 -3.38
C ARG A 705 -40.80 -2.38 -2.32
N ARG A 706 -41.39 -2.85 -1.24
CA ARG A 706 -41.90 -1.95 -0.21
C ARG A 706 -40.91 -1.82 0.94
N GLU A 707 -41.08 -0.74 1.71
CA GLU A 707 -40.23 -0.49 2.87
C GLU A 707 -40.65 -1.40 4.03
N VAL A 708 -39.82 -1.40 5.08
CA VAL A 708 -40.08 -2.21 6.26
C VAL A 708 -41.34 -1.66 6.93
N VAL A 709 -42.42 -2.45 6.92
CA VAL A 709 -43.69 -2.06 7.49
C VAL A 709 -44.06 -2.91 8.71
N THR A 710 -43.70 -4.19 8.68
CA THR A 710 -44.07 -5.11 9.75
C THR A 710 -42.84 -5.88 10.21
N LEU A 711 -42.79 -6.17 11.50
CA LEU A 711 -41.71 -6.93 12.12
C LEU A 711 -42.27 -8.18 12.81
N ARG A 712 -43.19 -8.86 12.15
CA ARG A 712 -43.77 -10.08 12.71
C ARG A 712 -42.74 -11.19 12.81
N CYS A 713 -42.92 -12.05 13.80
CA CYS A 713 -41.98 -13.15 14.05
C CYS A 713 -41.92 -14.09 12.85
N ASN A 714 -40.75 -14.16 12.20
CA ASN A 714 -40.60 -15.05 11.05
C ASN A 714 -40.74 -16.51 11.45
N HIS A 715 -40.19 -16.88 12.61
CA HIS A 715 -40.32 -18.26 13.07
C HIS A 715 -41.78 -18.62 13.36
N ARG A 716 -42.54 -17.68 13.93
CA ARG A 716 -43.94 -17.92 14.20
C ARG A 716 -44.77 -18.02 12.92
N ASP A 717 -44.29 -17.44 11.82
CA ASP A 717 -45.00 -17.58 10.55
C ASP A 717 -45.06 -19.03 10.11
N ALA A 718 -43.94 -19.74 10.21
CA ALA A 718 -43.96 -21.18 9.94
C ALA A 718 -44.66 -21.93 11.05
N SER A 719 -44.52 -21.47 12.30
CA SER A 719 -45.21 -22.08 13.42
C SER A 719 -46.72 -21.84 13.38
N MET A 720 -47.16 -20.83 12.61
CA MET A 720 -48.60 -20.59 12.47
C MET A 720 -49.30 -21.79 11.83
N LEU A 721 -48.67 -22.38 10.81
CA LEU A 721 -49.21 -23.61 10.23
C LEU A 721 -49.22 -24.73 11.26
N GLY A 722 -48.15 -24.84 12.04
CA GLY A 722 -48.12 -25.84 13.10
C GLY A 722 -49.06 -25.52 14.25
N SER A 723 -49.36 -24.23 14.45
CA SER A 723 -50.33 -23.85 15.47
C SER A 723 -51.71 -24.39 15.14
N LEU A 724 -52.10 -24.33 13.87
CA LEU A 724 -53.36 -24.95 13.46
C LEU A 724 -53.29 -26.47 13.61
N ALA A 725 -52.13 -27.06 13.29
CA ALA A 725 -51.96 -28.50 13.49
C ALA A 725 -52.03 -28.86 14.98
N TYR A 726 -51.44 -28.02 15.83
CA TYR A 726 -51.55 -28.24 17.27
C TYR A 726 -53.00 -28.11 17.73
N ASN A 727 -53.72 -27.12 17.21
CA ASN A 727 -55.14 -26.98 17.51
C ASN A 727 -55.98 -28.05 16.83
N VAL A 728 -55.47 -28.66 15.75
CA VAL A 728 -56.21 -29.72 15.08
C VAL A 728 -56.40 -30.91 16.01
N LEU A 729 -55.34 -31.27 16.76
CA LEU A 729 -55.46 -32.37 17.71
C LEU A 729 -56.49 -32.05 18.80
N LEU A 730 -56.49 -30.81 19.28
CA LEU A 730 -57.52 -30.39 20.22
C LEU A 730 -58.90 -30.41 19.57
N ILE A 731 -58.99 -29.97 18.32
CA ILE A 731 -60.25 -30.01 17.59
C ILE A 731 -60.68 -31.45 17.34
N ALA A 732 -59.72 -32.32 17.01
CA ALA A 732 -60.04 -33.73 16.79
C ALA A 732 -60.57 -34.37 18.06
N LEU A 733 -59.97 -34.05 19.21
CA LEU A 733 -60.46 -34.57 20.49
C LEU A 733 -61.87 -34.06 20.77
N CYS A 734 -62.14 -32.80 20.46
CA CYS A 734 -63.48 -32.25 20.67
C CYS A 734 -64.51 -32.97 19.80
N THR A 735 -64.18 -33.23 18.53
CA THR A 735 -65.09 -33.96 17.67
C THR A 735 -65.31 -35.38 18.16
N LEU A 736 -64.23 -36.05 18.60
CA LEU A 736 -64.37 -37.40 19.15
C LEU A 736 -65.19 -37.38 20.44
N TYR A 737 -65.00 -36.37 21.29
CA TYR A 737 -65.76 -36.28 22.52
C TYR A 737 -67.24 -36.06 22.23
N ALA A 738 -67.56 -35.22 21.24
CA ALA A 738 -68.96 -34.97 20.90
C ALA A 738 -69.64 -36.24 20.40
N PHE A 739 -68.93 -37.04 19.61
CA PHE A 739 -69.51 -38.28 19.10
C PHE A 739 -69.79 -39.26 20.23
N LYS A 740 -68.92 -39.31 21.25
CA LYS A 740 -69.11 -40.23 22.35
C LYS A 740 -70.34 -39.87 23.17
N THR A 741 -70.75 -38.59 23.18
CA THR A 741 -71.93 -38.19 23.93
C THR A 741 -73.19 -38.86 23.38
N ARG A 742 -73.31 -38.92 22.05
CA ARG A 742 -74.47 -39.50 21.36
C ARG A 742 -75.71 -38.74 21.81
N LYS A 743 -76.71 -39.39 22.41
CA LYS A 743 -77.89 -38.68 22.89
C LYS A 743 -77.54 -37.77 24.06
N CYS A 744 -78.11 -36.58 24.06
CA CYS A 744 -77.88 -35.58 25.10
C CYS A 744 -79.21 -35.05 25.60
N PRO A 745 -79.96 -35.84 26.38
CA PRO A 745 -81.24 -35.36 26.91
C PRO A 745 -81.12 -34.71 28.28
N GLU A 746 -82.24 -34.20 28.80
CA GLU A 746 -82.33 -33.47 30.08
C GLU A 746 -81.39 -32.26 29.99
N ASN A 747 -80.63 -31.97 31.04
CA ASN A 747 -79.77 -30.79 31.08
C ASN A 747 -78.52 -31.04 30.25
N PHE A 748 -78.61 -30.74 28.95
CA PHE A 748 -77.49 -30.92 28.04
C PHE A 748 -77.35 -29.71 27.13
N ASN A 749 -77.42 -28.51 27.71
CA ASN A 749 -77.25 -27.30 26.93
C ASN A 749 -75.83 -27.18 26.37
N GLU A 750 -74.87 -27.85 27.01
CA GLU A 750 -73.50 -27.83 26.50
C GLU A 750 -73.39 -28.55 25.16
N ALA A 751 -74.29 -29.50 24.89
CA ALA A 751 -74.27 -30.19 23.61
C ALA A 751 -74.54 -29.22 22.46
N LYS A 752 -75.50 -28.30 22.64
CA LYS A 752 -75.72 -27.26 21.66
C LYS A 752 -74.49 -26.35 21.53
N PHE A 753 -73.88 -26.02 22.66
CA PHE A 753 -72.63 -25.26 22.63
C PHE A 753 -71.51 -26.05 21.97
N ILE A 754 -71.48 -27.38 22.19
CA ILE A 754 -70.49 -28.22 21.54
C ILE A 754 -70.69 -28.20 20.03
N GLY A 755 -71.94 -28.28 19.58
CA GLY A 755 -72.22 -28.12 18.16
C GLY A 755 -71.83 -26.75 17.64
N PHE A 756 -72.10 -25.71 18.44
CA PHE A 756 -71.62 -24.38 18.09
C PHE A 756 -70.10 -24.31 18.10
N THR A 757 -69.48 -24.99 19.06
CA THR A 757 -68.02 -25.06 19.10
C THR A 757 -67.48 -25.79 17.87
N MET A 758 -68.17 -26.85 17.44
CA MET A 758 -67.77 -27.53 16.21
C MET A 758 -67.87 -26.60 15.01
N TYR A 759 -68.93 -25.79 14.94
CA TYR A 759 -69.01 -24.77 13.91
C TYR A 759 -67.92 -23.72 14.10
N THR A 760 -67.62 -23.36 15.36
CA THR A 760 -66.56 -22.40 15.62
C THR A 760 -65.20 -22.93 15.16
N THR A 761 -64.93 -24.21 15.41
CA THR A 761 -63.70 -24.80 14.90
C THR A 761 -63.69 -24.83 13.37
N CYS A 762 -64.84 -25.14 12.77
CA CYS A 762 -64.94 -25.07 11.31
C CYS A 762 -64.76 -23.65 10.82
N ILE A 763 -65.33 -22.67 11.53
CA ILE A 763 -65.12 -21.27 11.18
C ILE A 763 -63.64 -20.91 11.33
N ILE A 764 -63.01 -21.37 12.42
CA ILE A 764 -61.58 -21.14 12.60
C ILE A 764 -60.79 -21.84 11.50
N TRP A 765 -61.18 -23.07 11.18
CA TRP A 765 -60.52 -23.78 10.08
C TRP A 765 -60.76 -23.07 8.75
N LEU A 766 -61.98 -22.58 8.53
CA LEU A 766 -62.26 -21.81 7.32
C LEU A 766 -61.42 -20.53 7.28
N ALA A 767 -61.29 -19.86 8.42
CA ALA A 767 -60.46 -18.67 8.52
C ALA A 767 -58.97 -18.99 8.61
N PHE A 768 -58.60 -20.26 8.81
CA PHE A 768 -57.19 -20.62 8.88
C PHE A 768 -56.54 -20.57 7.50
N LEU A 769 -57.27 -20.92 6.44
CA LEU A 769 -56.70 -20.92 5.10
C LEU A 769 -56.23 -19.53 4.66
N PRO A 770 -57.01 -18.45 4.80
CA PRO A 770 -56.49 -17.13 4.41
C PRO A 770 -55.30 -16.68 5.23
N ILE A 771 -55.10 -17.22 6.44
CA ILE A 771 -53.95 -16.83 7.25
C ILE A 771 -52.65 -17.17 6.53
N PHE A 772 -52.57 -18.37 5.97
CA PHE A 772 -51.38 -18.73 5.21
C PHE A 772 -51.25 -17.89 3.94
N TYR A 773 -52.38 -17.61 3.28
CA TYR A 773 -52.33 -16.95 1.98
C TYR A 773 -52.18 -15.43 2.09
N VAL A 774 -53.18 -14.76 2.67
CA VAL A 774 -53.23 -13.30 2.59
C VAL A 774 -53.35 -12.65 3.96
N THR A 775 -53.95 -13.36 4.92
CA THR A 775 -54.26 -12.73 6.20
C THR A 775 -53.03 -12.48 7.06
N SER A 776 -51.89 -13.08 6.75
CA SER A 776 -50.66 -12.82 7.49
C SER A 776 -49.78 -11.78 6.81
N SER A 777 -49.80 -11.71 5.48
CA SER A 777 -49.03 -10.72 4.75
C SER A 777 -49.68 -9.34 4.77
N ASP A 778 -50.91 -9.24 5.24
CA ASP A 778 -51.62 -7.96 5.31
C ASP A 778 -51.17 -7.20 6.56
N TYR A 779 -51.89 -6.13 6.90
CA TYR A 779 -51.60 -5.29 8.06
C TYR A 779 -51.91 -5.97 9.39
N ARG A 780 -52.19 -7.27 9.40
CA ARG A 780 -52.48 -8.09 10.58
C ARG A 780 -53.82 -7.73 11.23
N VAL A 781 -54.62 -6.88 10.60
CA VAL A 781 -55.95 -6.58 11.13
C VAL A 781 -56.83 -7.83 11.08
N GLN A 782 -56.78 -8.56 9.97
CA GLN A 782 -57.55 -9.80 9.86
C GLN A 782 -57.04 -10.85 10.84
N THR A 783 -55.72 -10.94 11.01
CA THR A 783 -55.17 -11.91 11.95
C THR A 783 -55.61 -11.62 13.38
N THR A 784 -55.62 -10.34 13.77
CA THR A 784 -56.09 -9.98 15.10
C THR A 784 -57.59 -10.20 15.23
N THR A 785 -58.35 -10.01 14.16
CA THR A 785 -59.79 -10.24 14.22
C THR A 785 -60.12 -11.71 14.42
N MET A 786 -59.28 -12.61 13.90
CA MET A 786 -59.52 -14.04 14.08
C MET A 786 -59.42 -14.45 15.54
N CYS A 787 -58.51 -13.84 16.30
CA CYS A 787 -58.39 -14.15 17.72
C CYS A 787 -59.65 -13.74 18.48
N VAL A 788 -60.23 -12.60 18.13
CA VAL A 788 -61.47 -12.16 18.78
C VAL A 788 -62.60 -13.13 18.49
N SER A 789 -62.71 -13.58 17.23
CA SER A 789 -63.78 -14.51 16.87
C SER A 789 -63.64 -15.82 17.63
N VAL A 790 -62.41 -16.33 17.77
CA VAL A 790 -62.20 -17.55 18.54
C VAL A 790 -62.54 -17.32 20.01
N SER A 791 -62.10 -16.20 20.57
CA SER A 791 -62.42 -15.88 21.96
C SER A 791 -63.91 -15.65 22.14
N LEU A 792 -64.54 -14.94 21.20
CA LEU A 792 -65.98 -14.70 21.30
C LEU A 792 -66.76 -16.00 21.18
N SER A 793 -66.35 -16.88 20.26
CA SER A 793 -67.02 -18.18 20.13
C SER A 793 -66.86 -19.00 21.41
N GLY A 794 -65.66 -18.96 22.02
CA GLY A 794 -65.49 -19.58 23.31
C GLY A 794 -66.35 -18.94 24.38
N SER A 795 -66.45 -17.61 24.34
CA SER A 795 -67.36 -16.91 25.24
C SER A 795 -68.82 -17.12 24.86
N VAL A 796 -69.11 -17.33 23.57
CA VAL A 796 -70.46 -17.69 23.16
C VAL A 796 -70.82 -19.07 23.69
N VAL A 797 -69.87 -20.00 23.65
CA VAL A 797 -70.08 -21.30 24.27
C VAL A 797 -70.28 -21.14 25.78
N LEU A 798 -69.48 -20.28 26.41
CA LEU A 798 -69.67 -20.00 27.82
C LEU A 798 -71.03 -19.38 28.08
N GLY A 799 -71.49 -18.51 27.19
CA GLY A 799 -72.84 -17.99 27.29
C GLY A 799 -73.89 -19.04 27.07
N CYS A 800 -73.58 -20.07 26.26
CA CYS A 800 -74.47 -21.21 26.07
C CYS A 800 -74.16 -22.35 27.02
N LEU A 801 -73.15 -22.23 27.88
CA LEU A 801 -72.84 -23.23 28.89
C LEU A 801 -73.39 -22.83 30.24
N PHE A 802 -72.99 -21.66 30.76
CA PHE A 802 -73.63 -21.10 31.96
C PHE A 802 -74.85 -20.28 31.56
N ALA A 803 -75.69 -20.89 30.73
CA ALA A 803 -76.99 -20.33 30.38
C ALA A 803 -78.03 -20.72 31.43
N PRO A 804 -78.03 -21.99 31.93
CA PRO A 804 -78.88 -22.31 33.08
C PRO A 804 -78.64 -21.38 34.25
N LYS A 805 -77.37 -21.16 34.61
CA LYS A 805 -77.05 -20.27 35.71
C LYS A 805 -77.49 -18.84 35.45
N LEU A 806 -77.47 -18.42 34.18
CA LEU A 806 -77.97 -17.10 33.83
C LEU A 806 -79.47 -16.98 34.10
N HIS A 807 -80.20 -18.08 33.92
CA HIS A 807 -81.65 -18.08 34.13
C HIS A 807 -82.08 -18.63 35.47
N ILE A 808 -81.38 -19.64 36.00
CA ILE A 808 -81.76 -20.20 37.30
C ILE A 808 -81.59 -19.16 38.40
N ILE A 809 -80.46 -18.46 38.39
CA ILE A 809 -80.22 -17.42 39.40
C ILE A 809 -81.26 -16.31 39.28
N LEU A 810 -81.56 -15.89 38.06
CA LEU A 810 -82.54 -14.84 37.82
C LEU A 810 -83.95 -15.34 38.12
N ARG B 39 56.06 15.74 -19.14
CA ARG B 39 55.17 15.02 -20.04
C ARG B 39 55.94 13.96 -20.84
N ARG B 40 55.76 12.70 -20.47
CA ARG B 40 56.43 11.58 -21.14
C ARG B 40 55.37 10.70 -21.80
N GLU B 41 55.58 10.39 -23.07
CA GLU B 41 54.60 9.64 -23.84
C GLU B 41 55.29 8.96 -25.01
N ILE B 42 54.60 8.01 -25.62
CA ILE B 42 55.07 7.31 -26.79
C ILE B 42 54.50 7.99 -28.03
N LYS B 43 55.37 8.28 -29.00
CA LYS B 43 55.00 9.04 -30.18
C LYS B 43 55.36 8.28 -31.45
N ILE B 44 54.97 7.01 -31.50
CA ILE B 44 55.18 6.20 -32.70
C ILE B 44 54.16 6.65 -33.76
N GLU B 45 54.67 7.09 -34.90
CA GLU B 45 53.84 7.64 -35.96
C GLU B 45 53.57 6.60 -37.04
N GLY B 46 52.59 6.90 -37.89
CA GLY B 46 52.23 6.01 -38.97
C GLY B 46 51.09 6.60 -39.78
N ASP B 47 50.63 5.80 -40.74
CA ASP B 47 49.52 6.25 -41.59
C ASP B 47 48.25 6.46 -40.78
N LEU B 48 47.95 5.54 -39.87
CA LEU B 48 46.79 5.65 -38.98
C LEU B 48 47.25 5.42 -37.56
N VAL B 49 46.81 6.28 -36.64
CA VAL B 49 47.26 6.27 -35.26
C VAL B 49 46.12 5.78 -34.37
N LEU B 50 46.43 4.82 -33.50
CA LEU B 50 45.48 4.33 -32.49
C LEU B 50 46.01 4.74 -31.11
N GLY B 51 45.25 5.59 -30.43
CA GLY B 51 45.65 6.05 -29.12
C GLY B 51 45.46 4.99 -28.05
N GLY B 52 45.87 5.33 -26.84
CA GLY B 52 45.73 4.42 -25.72
C GLY B 52 45.87 5.15 -24.40
N LEU B 53 45.32 4.54 -23.36
CA LEU B 53 45.37 5.09 -22.01
C LEU B 53 45.58 3.95 -21.04
N PHE B 54 46.73 3.92 -20.37
CA PHE B 54 47.08 2.87 -19.44
C PHE B 54 47.49 3.48 -18.11
N PRO B 55 47.22 2.79 -17.00
CA PRO B 55 47.63 3.30 -15.67
C PRO B 55 49.03 2.85 -15.28
N ILE B 56 50.04 3.44 -15.95
CA ILE B 56 51.42 3.08 -15.65
C ILE B 56 51.78 3.48 -14.23
N ASN B 57 51.39 4.68 -13.82
CA ASN B 57 51.68 5.19 -12.48
C ASN B 57 50.48 4.93 -11.58
N GLU B 58 50.75 4.38 -10.39
CA GLU B 58 49.68 4.07 -9.45
C GLU B 58 49.28 5.31 -8.64
N CYS B 66 51.43 10.34 -8.00
CA CYS B 66 51.60 9.06 -8.70
C CYS B 66 53.08 8.81 -9.03
N GLY B 67 53.93 8.87 -8.00
CA GLY B 67 55.35 8.65 -8.23
C GLY B 67 55.69 7.23 -8.61
N ARG B 68 55.04 6.26 -7.97
CA ARG B 68 55.38 4.86 -8.21
C ARG B 68 54.87 4.40 -9.57
N ILE B 69 55.40 3.26 -10.02
CA ILE B 69 55.07 2.67 -11.31
C ILE B 69 54.48 1.29 -11.08
N ASN B 70 53.32 1.03 -11.67
CA ASN B 70 52.69 -0.28 -11.56
C ASN B 70 53.50 -1.31 -12.34
N GLU B 71 53.70 -2.48 -11.73
CA GLU B 71 54.50 -3.53 -12.37
C GLU B 71 53.66 -4.53 -13.15
N ASP B 72 52.46 -4.85 -12.67
CA ASP B 72 51.63 -5.89 -13.28
C ASP B 72 50.42 -5.36 -14.02
N ARG B 73 49.93 -4.17 -13.66
CA ARG B 73 48.75 -3.61 -14.31
C ARG B 73 49.06 -2.56 -15.35
N GLY B 74 50.14 -1.80 -15.18
CA GLY B 74 50.49 -0.76 -16.13
C GLY B 74 51.45 -1.20 -17.21
N ILE B 75 52.59 -1.76 -16.80
CA ILE B 75 53.63 -2.13 -17.76
C ILE B 75 53.20 -3.33 -18.58
N GLN B 76 52.61 -4.34 -17.93
CA GLN B 76 52.21 -5.56 -18.64
C GLN B 76 51.20 -5.26 -19.73
N ARG B 77 50.18 -4.44 -19.42
CA ARG B 77 49.18 -4.10 -20.42
C ARG B 77 49.73 -3.16 -21.48
N LEU B 78 50.64 -2.26 -21.11
CA LEU B 78 51.22 -1.35 -22.09
C LEU B 78 52.02 -2.11 -23.13
N GLU B 79 52.83 -3.09 -22.71
CA GLU B 79 53.60 -3.87 -23.66
C GLU B 79 52.74 -4.75 -24.54
N ALA B 80 51.55 -5.12 -24.08
CA ALA B 80 50.65 -5.93 -24.90
C ALA B 80 50.20 -5.15 -26.13
N MET B 81 49.88 -3.86 -25.97
CA MET B 81 49.47 -3.05 -27.11
C MET B 81 50.59 -2.89 -28.13
N LEU B 82 51.81 -2.64 -27.65
CA LEU B 82 52.95 -2.55 -28.58
C LEU B 82 53.19 -3.88 -29.28
N PHE B 83 53.04 -4.99 -28.55
CA PHE B 83 53.24 -6.30 -29.15
C PHE B 83 52.22 -6.56 -30.25
N ALA B 84 50.96 -6.17 -30.01
CA ALA B 84 49.92 -6.36 -31.03
C ALA B 84 50.12 -5.43 -32.21
N ILE B 85 50.63 -4.23 -31.99
CA ILE B 85 50.78 -3.25 -33.07
C ILE B 85 51.79 -3.74 -34.11
N ASP B 86 52.94 -4.26 -33.65
CA ASP B 86 53.95 -4.73 -34.59
C ASP B 86 53.47 -5.97 -35.34
N GLU B 87 52.66 -6.82 -34.71
CA GLU B 87 52.13 -7.99 -35.39
C GLU B 87 51.21 -7.58 -36.53
N ILE B 88 50.42 -6.52 -36.33
CA ILE B 88 49.55 -6.02 -37.40
C ILE B 88 50.37 -5.55 -38.58
N ASN B 89 51.45 -4.81 -38.31
CA ASN B 89 52.32 -4.34 -39.39
C ASN B 89 52.97 -5.52 -40.13
N LYS B 90 53.41 -6.53 -39.38
CA LYS B 90 54.00 -7.73 -39.98
C LYS B 90 52.93 -8.79 -40.23
N ASP B 91 51.92 -8.40 -40.99
CA ASP B 91 50.82 -9.27 -41.34
C ASP B 91 50.48 -9.09 -42.81
N ASP B 92 49.90 -10.14 -43.40
CA ASP B 92 49.53 -10.13 -44.81
C ASP B 92 48.03 -10.26 -45.05
N TYR B 93 47.27 -10.81 -44.11
CA TYR B 93 45.84 -11.03 -44.28
C TYR B 93 45.00 -10.04 -43.45
N LEU B 94 45.57 -8.90 -43.07
CA LEU B 94 44.84 -7.93 -42.26
C LEU B 94 45.45 -6.55 -42.49
N LEU B 95 44.70 -5.69 -43.19
CA LEU B 95 45.06 -4.30 -43.44
C LEU B 95 46.49 -4.17 -43.99
N PRO B 96 46.74 -4.63 -45.20
CA PRO B 96 48.09 -4.55 -45.77
C PRO B 96 48.37 -3.20 -46.39
N GLY B 97 49.66 -2.85 -46.40
CA GLY B 97 50.12 -1.64 -47.06
C GLY B 97 50.16 -0.40 -46.20
N VAL B 98 49.63 -0.44 -44.98
CA VAL B 98 49.60 0.71 -44.10
C VAL B 98 50.11 0.29 -42.72
N LYS B 99 50.96 1.13 -42.12
CA LYS B 99 51.49 0.89 -40.79
C LYS B 99 50.70 1.69 -39.76
N LEU B 100 50.56 1.11 -38.57
CA LEU B 100 49.77 1.69 -37.50
C LEU B 100 50.67 2.25 -36.42
N GLY B 101 50.41 3.50 -36.03
CA GLY B 101 51.12 4.14 -34.95
C GLY B 101 50.27 4.23 -33.69
N VAL B 102 50.91 4.66 -32.61
CA VAL B 102 50.24 4.79 -31.31
C VAL B 102 50.53 6.16 -30.72
N HIS B 103 49.65 6.58 -29.82
CA HIS B 103 49.77 7.83 -29.07
C HIS B 103 49.50 7.58 -27.59
N ILE B 104 50.12 6.54 -27.05
CA ILE B 104 49.83 6.09 -25.70
C ILE B 104 50.24 7.15 -24.68
N LEU B 105 49.38 7.38 -23.70
CA LEU B 105 49.66 8.33 -22.63
C LEU B 105 49.52 7.67 -21.26
N ASP B 106 49.58 8.48 -20.20
CA ASP B 106 49.45 7.98 -18.84
C ASP B 106 48.23 8.60 -18.18
N THR B 107 47.70 7.91 -17.17
CA THR B 107 46.54 8.37 -16.44
C THR B 107 46.76 8.55 -14.95
N CYS B 108 47.80 7.95 -14.39
CA CYS B 108 48.12 8.04 -12.96
C CYS B 108 46.97 7.56 -12.08
N SER B 109 46.08 6.72 -12.62
CA SER B 109 44.92 6.20 -11.89
C SER B 109 44.06 7.32 -11.33
N ARG B 110 43.91 8.39 -12.10
CA ARG B 110 43.14 9.56 -11.69
C ARG B 110 42.23 9.98 -12.83
N ASP B 111 40.97 10.24 -12.51
CA ASP B 111 40.01 10.65 -13.54
C ASP B 111 40.25 12.08 -14.01
N THR B 112 40.61 12.97 -13.08
CA THR B 112 40.89 14.35 -13.47
C THR B 112 42.12 14.44 -14.36
N TYR B 113 43.17 13.68 -14.03
CA TYR B 113 44.38 13.69 -14.85
C TYR B 113 44.14 13.03 -16.20
N ALA B 114 43.19 12.11 -16.28
CA ALA B 114 42.88 11.47 -17.56
C ALA B 114 42.30 12.47 -18.55
N LEU B 115 41.45 13.39 -18.09
CA LEU B 115 40.84 14.36 -18.99
C LEU B 115 41.88 15.27 -19.61
N GLU B 116 42.87 15.71 -18.82
CA GLU B 116 43.91 16.57 -19.36
C GLU B 116 44.72 15.86 -20.43
N GLN B 117 45.05 14.59 -20.21
CA GLN B 117 45.79 13.83 -21.21
C GLN B 117 44.91 13.51 -22.42
N SER B 118 43.62 13.26 -22.19
CA SER B 118 42.71 12.93 -23.27
C SER B 118 42.49 14.10 -24.23
N LEU B 119 42.77 15.33 -23.79
CA LEU B 119 42.61 16.49 -24.66
C LEU B 119 43.59 16.47 -25.83
N GLU B 120 44.70 15.73 -25.72
CA GLU B 120 45.64 15.64 -26.81
C GLU B 120 45.07 14.88 -28.00
N PHE B 121 44.15 13.94 -27.75
CA PHE B 121 43.58 13.15 -28.83
C PHE B 121 42.74 14.02 -29.77
N VAL B 122 41.98 14.96 -29.22
CA VAL B 122 41.03 15.75 -30.01
C VAL B 122 41.71 16.99 -30.57
N ARG B 123 43.03 17.09 -30.38
CA ARG B 123 43.76 18.26 -30.89
C ARG B 123 43.77 18.27 -32.42
N ALA B 124 43.92 17.11 -33.04
CA ALA B 124 44.00 17.03 -34.49
C ALA B 124 42.64 17.06 -35.19
N SER B 125 41.55 17.01 -34.43
CA SER B 125 40.21 16.97 -35.01
C SER B 125 39.61 18.36 -35.22
N LEU B 126 40.37 19.42 -34.93
CA LEU B 126 39.85 20.78 -35.06
C LEU B 126 40.18 21.39 -36.42
N THR B 127 41.47 21.45 -36.76
CA THR B 127 41.95 22.05 -38.00
C THR B 127 41.44 23.48 -38.15
N LYS B 128 41.87 24.33 -37.21
CA LYS B 128 41.47 25.73 -37.21
C LYS B 128 42.70 26.64 -37.17
N VAL B 129 43.75 26.20 -36.48
CA VAL B 129 44.98 26.98 -36.37
C VAL B 129 46.19 26.08 -36.59
N ASN B 146 55.56 19.32 -31.65
CA ASN B 146 54.44 18.48 -31.23
C ASN B 146 53.26 18.62 -32.19
N ILE B 147 53.48 18.26 -33.45
CA ILE B 147 52.41 18.34 -34.45
C ILE B 147 51.33 17.32 -34.11
N PRO B 148 50.05 17.69 -34.15
CA PRO B 148 48.99 16.71 -33.87
C PRO B 148 48.88 15.66 -34.97
N LEU B 149 48.43 14.48 -34.58
CA LEU B 149 48.18 13.38 -35.50
C LEU B 149 46.74 12.91 -35.38
N LEU B 150 46.12 12.65 -36.52
CA LEU B 150 44.74 12.15 -36.52
C LEU B 150 44.70 10.74 -35.93
N ILE B 151 43.71 10.50 -35.08
CA ILE B 151 43.56 9.23 -34.37
C ILE B 151 42.21 8.62 -34.73
N ALA B 152 42.24 7.41 -35.27
CA ALA B 152 41.00 6.71 -35.59
C ALA B 152 40.24 6.33 -34.32
N GLY B 153 40.95 5.85 -33.31
CA GLY B 153 40.33 5.47 -32.06
C GLY B 153 41.38 5.20 -31.01
N VAL B 154 40.93 5.19 -29.75
CA VAL B 154 41.82 5.00 -28.62
C VAL B 154 41.36 3.76 -27.85
N ILE B 155 42.22 3.31 -26.94
CA ILE B 155 41.93 2.19 -26.05
C ILE B 155 41.64 2.77 -24.67
N GLY B 156 40.49 2.39 -24.10
CA GLY B 156 40.05 2.97 -22.86
C GLY B 156 40.94 2.62 -21.68
N GLY B 157 40.85 3.44 -20.65
CA GLY B 157 41.63 3.21 -19.44
C GLY B 157 41.15 2.01 -18.67
N SER B 158 42.04 1.49 -17.83
CA SER B 158 41.73 0.30 -17.04
C SER B 158 40.61 0.59 -16.04
N TYR B 159 40.71 1.70 -15.32
CA TYR B 159 39.73 2.03 -14.29
C TYR B 159 38.45 2.55 -14.91
N SER B 160 37.33 2.27 -14.24
CA SER B 160 36.03 2.72 -14.73
C SER B 160 35.91 4.24 -14.69
N SER B 161 36.44 4.86 -13.63
CA SER B 161 36.37 6.31 -13.51
C SER B 161 37.14 6.99 -14.64
N VAL B 162 38.29 6.44 -15.02
CA VAL B 162 39.07 6.99 -16.11
C VAL B 162 38.30 6.89 -17.42
N SER B 163 37.66 5.75 -17.66
CA SER B 163 36.93 5.54 -18.92
C SER B 163 35.75 6.48 -19.05
N ILE B 164 35.03 6.74 -17.95
CA ILE B 164 33.84 7.58 -18.01
C ILE B 164 34.22 9.00 -18.43
N GLN B 165 35.26 9.56 -17.83
CA GLN B 165 35.67 10.92 -18.14
C GLN B 165 36.12 11.05 -19.59
N VAL B 166 36.90 10.07 -20.07
CA VAL B 166 37.39 10.12 -21.45
C VAL B 166 36.27 9.89 -22.44
N ALA B 167 35.36 8.96 -22.13
CA ALA B 167 34.26 8.66 -23.05
C ALA B 167 33.36 9.87 -23.25
N ASN B 168 33.06 10.61 -22.17
CA ASN B 168 32.23 11.80 -22.31
C ASN B 168 32.90 12.86 -23.18
N LEU B 169 34.22 13.03 -23.02
CA LEU B 169 34.94 14.00 -23.84
C LEU B 169 35.01 13.56 -25.29
N LEU B 170 35.28 12.27 -25.53
CA LEU B 170 35.46 11.77 -26.89
C LEU B 170 34.13 11.62 -27.64
N ARG B 171 33.00 11.56 -26.92
CA ARG B 171 31.72 11.42 -27.59
C ARG B 171 31.42 12.65 -28.44
N LEU B 172 31.77 13.84 -27.95
CA LEU B 172 31.48 15.06 -28.69
C LEU B 172 32.27 15.11 -30.00
N PHE B 173 33.53 14.68 -29.98
CA PHE B 173 34.40 14.76 -31.15
C PHE B 173 34.34 13.52 -32.03
N GLN B 174 33.48 12.56 -31.70
CA GLN B 174 33.29 11.34 -32.49
C GLN B 174 34.59 10.56 -32.62
N ILE B 175 35.15 10.19 -31.47
CA ILE B 175 36.36 9.36 -31.42
C ILE B 175 36.02 8.06 -30.71
N PRO B 176 35.95 6.94 -31.42
CA PRO B 176 35.59 5.67 -30.77
C PRO B 176 36.61 5.27 -29.71
N GLN B 177 36.10 4.65 -28.64
CA GLN B 177 36.91 4.21 -27.53
C GLN B 177 36.42 2.86 -27.05
N ILE B 178 37.34 1.95 -26.79
CA ILE B 178 37.02 0.65 -26.20
C ILE B 178 38.00 0.40 -25.05
N SER B 179 37.49 -0.21 -23.98
CA SER B 179 38.29 -0.50 -22.80
C SER B 179 38.62 -1.98 -22.73
N TYR B 180 39.50 -2.32 -21.81
CA TYR B 180 39.89 -3.71 -21.56
C TYR B 180 39.61 -4.19 -20.15
N ALA B 181 39.39 -3.28 -19.19
CA ALA B 181 39.13 -3.68 -17.82
C ALA B 181 38.04 -2.85 -17.14
N SER B 182 37.39 -1.92 -17.84
CA SER B 182 36.39 -1.05 -17.22
C SER B 182 35.07 -1.79 -17.12
N THR B 183 35.00 -2.69 -16.14
CA THR B 183 33.78 -3.45 -15.87
C THR B 183 32.93 -2.64 -14.90
N SER B 184 32.10 -1.75 -15.44
CA SER B 184 31.21 -0.92 -14.64
C SER B 184 29.81 -0.96 -15.22
N ALA B 185 28.81 -1.03 -14.35
CA ALA B 185 27.42 -1.07 -14.78
C ALA B 185 26.86 0.30 -15.14
N LYS B 186 27.54 1.38 -14.74
CA LYS B 186 27.07 2.71 -15.11
C LYS B 186 27.17 2.95 -16.62
N LEU B 187 28.17 2.37 -17.26
CA LEU B 187 28.33 2.50 -18.70
C LEU B 187 27.40 1.51 -19.40
N SER B 188 27.62 1.30 -20.69
CA SER B 188 26.85 0.43 -21.57
C SER B 188 25.44 0.96 -21.83
N ASP B 189 25.09 2.12 -21.29
CA ASP B 189 23.81 2.77 -21.61
C ASP B 189 24.04 3.62 -22.85
N LYS B 190 23.53 3.15 -23.99
CA LYS B 190 23.81 3.81 -25.26
C LYS B 190 22.93 5.04 -25.46
N SER B 191 22.96 5.96 -24.50
CA SER B 191 22.27 7.24 -24.62
C SER B 191 23.24 8.37 -24.28
N ARG B 192 24.21 8.08 -23.41
CA ARG B 192 25.23 9.04 -23.00
C ARG B 192 26.62 8.65 -23.50
N TYR B 193 27.07 7.44 -23.20
CA TYR B 193 28.35 6.95 -23.69
C TYR B 193 28.14 6.15 -24.97
N ASP B 194 27.69 6.86 -26.00
CA ASP B 194 27.37 6.22 -27.28
C ASP B 194 28.60 5.60 -27.93
N TYR B 195 29.72 6.32 -27.91
CA TYR B 195 30.95 5.86 -28.58
C TYR B 195 31.85 5.16 -27.57
N PHE B 196 31.37 4.02 -27.09
CA PHE B 196 32.15 3.23 -26.13
C PHE B 196 31.70 1.78 -26.22
N ALA B 197 32.60 0.92 -26.69
CA ALA B 197 32.40 -0.53 -26.69
C ALA B 197 33.36 -1.17 -25.71
N ARG B 198 33.14 -2.46 -25.43
CA ARG B 198 33.96 -3.18 -24.48
C ARG B 198 34.21 -4.60 -24.97
N THR B 199 35.28 -5.20 -24.44
CA THR B 199 35.56 -6.62 -24.62
C THR B 199 35.17 -7.43 -23.40
N VAL B 200 35.06 -6.81 -22.23
CA VAL B 200 34.79 -7.48 -20.97
C VAL B 200 33.31 -7.33 -20.62
N PRO B 201 32.72 -8.28 -19.91
CA PRO B 201 31.29 -8.17 -19.53
C PRO B 201 31.07 -7.05 -18.54
N PRO B 202 29.83 -6.52 -18.47
CA PRO B 202 29.56 -5.41 -17.54
C PRO B 202 29.57 -5.83 -16.09
N ASP B 203 29.39 -4.87 -15.19
CA ASP B 203 29.45 -5.13 -13.75
C ASP B 203 28.06 -5.39 -13.16
N PHE B 204 27.33 -6.35 -13.74
CA PHE B 204 26.14 -6.90 -13.12
C PHE B 204 26.10 -8.41 -13.13
N TYR B 205 26.86 -9.07 -14.02
CA TYR B 205 27.05 -10.51 -13.90
C TYR B 205 27.90 -10.85 -12.68
N GLN B 206 28.88 -10.00 -12.36
CA GLN B 206 29.73 -10.26 -11.20
C GLN B 206 28.95 -10.18 -9.90
N ALA B 207 27.97 -9.29 -9.82
CA ALA B 207 27.13 -9.23 -8.63
C ALA B 207 26.35 -10.51 -8.44
N LYS B 208 25.83 -11.08 -9.54
CA LYS B 208 25.16 -12.37 -9.47
C LYS B 208 26.14 -13.47 -9.06
N ALA B 209 27.37 -13.42 -9.56
CA ALA B 209 28.36 -14.43 -9.21
C ALA B 209 28.68 -14.41 -7.72
N MET B 210 28.83 -13.21 -7.14
CA MET B 210 29.08 -13.11 -5.72
C MET B 210 27.90 -13.62 -4.91
N ALA B 211 26.67 -13.28 -5.33
CA ALA B 211 25.49 -13.75 -4.62
C ALA B 211 25.39 -15.27 -4.67
N GLU B 212 25.68 -15.87 -5.82
CA GLU B 212 25.64 -17.32 -5.94
C GLU B 212 26.70 -17.97 -5.06
N ILE B 213 27.90 -17.38 -4.99
CA ILE B 213 28.96 -17.95 -4.16
C ILE B 213 28.57 -17.89 -2.68
N LEU B 214 28.02 -16.75 -2.24
CA LEU B 214 27.60 -16.63 -0.85
C LEU B 214 26.48 -17.62 -0.52
N ARG B 215 25.53 -17.79 -1.45
CA ARG B 215 24.44 -18.73 -1.21
C ARG B 215 24.92 -20.18 -1.25
N PHE B 216 25.94 -20.47 -2.05
CA PHE B 216 26.46 -21.83 -2.12
C PHE B 216 27.06 -22.26 -0.79
N PHE B 217 27.78 -21.38 -0.12
CA PHE B 217 28.40 -21.67 1.16
C PHE B 217 27.52 -21.33 2.35
N ASN B 218 26.23 -21.07 2.11
CA ASN B 218 25.28 -20.75 3.17
C ASN B 218 25.73 -19.54 3.99
N TRP B 219 26.26 -18.54 3.30
CA TRP B 219 26.70 -17.30 3.94
C TRP B 219 25.62 -16.24 3.78
N THR B 220 25.13 -15.71 4.89
CA THR B 220 24.05 -14.74 4.90
C THR B 220 24.48 -13.37 5.40
N TYR B 221 25.08 -13.31 6.58
CA TYR B 221 25.49 -12.03 7.19
C TYR B 221 26.88 -11.67 6.66
N VAL B 222 26.93 -10.70 5.76
CA VAL B 222 28.17 -10.23 5.17
C VAL B 222 28.20 -8.71 5.22
N SER B 223 29.40 -8.15 5.11
CA SER B 223 29.60 -6.71 5.06
C SER B 223 30.24 -6.33 3.73
N THR B 224 29.89 -5.16 3.22
CA THR B 224 30.36 -4.70 1.92
C THR B 224 31.03 -3.34 2.06
N VAL B 225 32.06 -3.13 1.24
CA VAL B 225 32.77 -1.86 1.17
C VAL B 225 32.93 -1.48 -0.30
N ALA B 226 33.19 -0.19 -0.53
CA ALA B 226 33.31 0.31 -1.90
C ALA B 226 34.18 1.56 -1.89
N SER B 227 34.62 1.93 -3.09
CA SER B 227 35.41 3.14 -3.29
C SER B 227 34.52 4.29 -3.75
N GLU B 228 34.99 5.51 -3.52
CA GLU B 228 34.24 6.70 -3.93
C GLU B 228 34.23 6.89 -5.44
N GLY B 229 35.08 6.17 -6.16
CA GLY B 229 35.06 6.27 -7.61
C GLY B 229 33.80 5.67 -8.21
N ASP B 230 33.54 6.01 -9.47
CA ASP B 230 32.31 5.58 -10.13
C ASP B 230 32.20 4.06 -10.22
N TYR B 231 33.32 3.34 -10.09
CA TYR B 231 33.25 1.88 -10.09
C TYR B 231 32.70 1.34 -8.78
N GLY B 232 32.90 2.06 -7.68
CA GLY B 232 32.53 1.57 -6.37
C GLY B 232 31.04 1.48 -6.10
N GLU B 233 30.37 2.63 -5.98
CA GLU B 233 28.97 2.63 -5.61
C GLU B 233 28.05 2.07 -6.69
N THR B 234 28.50 2.05 -7.95
CA THR B 234 27.64 1.57 -9.02
C THR B 234 27.35 0.08 -8.86
N GLY B 235 28.39 -0.72 -8.61
CA GLY B 235 28.19 -2.16 -8.44
C GLY B 235 27.57 -2.54 -7.12
N ILE B 236 27.67 -1.68 -6.11
CA ILE B 236 27.06 -1.98 -4.81
C ILE B 236 25.54 -2.02 -4.94
N GLU B 237 24.96 -1.06 -5.68
CA GLU B 237 23.51 -1.06 -5.88
C GLU B 237 23.06 -2.32 -6.60
N ALA B 238 23.81 -2.74 -7.62
CA ALA B 238 23.47 -3.97 -8.35
C ALA B 238 23.53 -5.18 -7.42
N PHE B 239 24.51 -5.21 -6.52
CA PHE B 239 24.63 -6.32 -5.58
C PHE B 239 23.50 -6.34 -4.55
N GLU B 240 22.78 -5.23 -4.39
CA GLU B 240 21.75 -5.17 -3.35
C GLU B 240 20.56 -6.07 -3.68
N GLN B 241 20.05 -5.98 -4.91
CA GLN B 241 18.91 -6.82 -5.29
C GLN B 241 19.29 -8.29 -5.30
N GLU B 242 20.49 -8.61 -5.77
CA GLU B 242 20.92 -10.01 -5.81
C GLU B 242 21.01 -10.59 -4.41
N ALA B 243 21.51 -9.82 -3.44
CA ALA B 243 21.54 -10.28 -2.06
C ALA B 243 20.13 -10.46 -1.51
N ARG B 244 19.24 -9.51 -1.79
CA ARG B 244 17.88 -9.60 -1.26
C ARG B 244 17.10 -10.78 -1.86
N LEU B 245 17.35 -11.09 -3.13
CA LEU B 245 16.65 -12.22 -3.75
C LEU B 245 17.02 -13.55 -3.10
N ARG B 246 18.28 -13.70 -2.69
CA ARG B 246 18.77 -14.93 -2.11
C ARG B 246 18.64 -14.96 -0.58
N ASN B 247 17.74 -14.15 -0.02
CA ASN B 247 17.42 -14.16 1.41
C ASN B 247 18.66 -13.92 2.28
N ILE B 248 19.53 -13.01 1.83
CA ILE B 248 20.67 -12.56 2.62
C ILE B 248 20.68 -11.04 2.62
N CYS B 249 21.35 -10.48 3.64
CA CYS B 249 21.42 -9.04 3.82
C CYS B 249 22.86 -8.63 4.13
N ILE B 250 23.17 -7.38 3.81
CA ILE B 250 24.48 -6.80 4.11
C ILE B 250 24.42 -6.16 5.49
N ALA B 251 25.45 -6.40 6.29
CA ALA B 251 25.52 -5.78 7.61
C ALA B 251 25.61 -4.26 7.49
N THR B 252 26.69 -3.77 6.90
CA THR B 252 26.88 -2.35 6.66
C THR B 252 27.44 -2.14 5.26
N ALA B 253 27.16 -0.98 4.69
CA ALA B 253 27.61 -0.61 3.35
C ALA B 253 28.53 0.59 3.47
N GLU B 254 29.83 0.33 3.65
CA GLU B 254 30.81 1.39 3.78
C GLU B 254 31.12 2.00 2.42
N LYS B 255 31.51 3.28 2.44
CA LYS B 255 31.92 4.01 1.25
C LYS B 255 33.21 4.76 1.63
N VAL B 256 34.35 4.11 1.43
CA VAL B 256 35.65 4.65 1.80
C VAL B 256 36.28 5.31 0.58
N GLY B 257 36.97 6.43 0.81
CA GLY B 257 37.57 7.19 -0.27
C GLY B 257 39.03 6.84 -0.49
N ARG B 258 39.64 7.57 -1.42
CA ARG B 258 41.05 7.42 -1.78
C ARG B 258 41.90 8.55 -1.18
N SER B 259 41.56 9.01 0.02
CA SER B 259 42.26 10.12 0.62
C SER B 259 43.54 9.66 1.32
N ASN B 260 43.40 8.83 2.34
CA ASN B 260 44.54 8.37 3.12
C ASN B 260 44.15 7.05 3.81
N ILE B 261 44.98 6.63 4.75
CA ILE B 261 44.78 5.37 5.48
C ILE B 261 44.41 5.62 6.93
N ARG B 262 45.15 6.52 7.61
CA ARG B 262 44.89 6.78 9.02
C ARG B 262 43.51 7.40 9.24
N LYS B 263 43.09 8.28 8.32
CA LYS B 263 41.83 8.99 8.51
C LYS B 263 40.63 8.08 8.35
N SER B 264 40.62 7.23 7.33
CA SER B 264 39.44 6.45 6.97
C SER B 264 39.64 4.95 7.02
N TYR B 265 40.79 4.45 6.55
CA TYR B 265 40.98 3.00 6.44
C TYR B 265 40.96 2.34 7.82
N ASP B 266 41.58 2.97 8.82
CA ASP B 266 41.56 2.42 10.17
C ASP B 266 40.15 2.38 10.73
N SER B 267 39.36 3.42 10.47
CA SER B 267 37.98 3.44 10.96
C SER B 267 37.14 2.33 10.32
N VAL B 268 37.34 2.09 9.03
CA VAL B 268 36.58 1.04 8.34
C VAL B 268 36.91 -0.32 8.93
N ILE B 269 38.20 -0.59 9.15
CA ILE B 269 38.59 -1.87 9.75
C ILE B 269 38.11 -1.96 11.19
N ARG B 270 38.18 -0.85 11.93
CA ARG B 270 37.76 -0.86 13.33
C ARG B 270 36.27 -1.17 13.44
N GLU B 271 35.45 -0.63 12.54
CA GLU B 271 34.03 -0.91 12.57
C GLU B 271 33.75 -2.40 12.33
N LEU B 272 34.47 -3.02 11.40
CA LEU B 272 34.33 -4.45 11.18
C LEU B 272 34.91 -5.25 12.35
N LEU B 273 35.98 -4.75 12.97
CA LEU B 273 36.62 -5.48 14.06
C LEU B 273 35.79 -5.43 15.33
N GLN B 274 35.07 -4.33 15.56
CA GLN B 274 34.28 -4.19 16.78
C GLN B 274 33.12 -5.16 16.83
N LYS B 275 32.74 -5.76 15.72
CA LYS B 275 31.67 -6.76 15.66
C LYS B 275 32.21 -8.00 14.96
N PRO B 276 32.91 -8.87 15.69
CA PRO B 276 33.45 -10.10 15.08
C PRO B 276 32.40 -11.08 14.60
N ASN B 277 31.11 -10.75 14.68
CA ASN B 277 30.07 -11.67 14.27
C ASN B 277 30.17 -12.00 12.78
N ALA B 278 30.43 -11.01 11.95
CA ALA B 278 30.56 -11.20 10.51
C ALA B 278 32.01 -11.56 10.20
N ARG B 279 32.25 -12.84 9.89
CA ARG B 279 33.59 -13.33 9.60
C ARG B 279 33.94 -13.28 8.11
N VAL B 280 32.94 -13.11 7.23
CA VAL B 280 33.17 -13.06 5.79
C VAL B 280 32.60 -11.74 5.26
N VAL B 281 33.40 -11.05 4.46
CA VAL B 281 33.01 -9.77 3.87
C VAL B 281 33.36 -9.80 2.38
N VAL B 282 32.73 -8.92 1.62
CA VAL B 282 32.96 -8.80 0.18
C VAL B 282 33.72 -7.51 -0.09
N LEU B 283 34.79 -7.61 -0.87
CA LEU B 283 35.66 -6.47 -1.20
C LEU B 283 35.39 -6.08 -2.64
N PHE B 284 34.45 -5.16 -2.84
CA PHE B 284 34.17 -4.62 -4.16
C PHE B 284 34.83 -3.24 -4.30
N MET B 285 36.15 -3.28 -4.49
CA MET B 285 36.94 -2.06 -4.56
C MET B 285 37.95 -2.15 -5.70
N ARG B 286 38.42 -0.98 -6.12
CA ARG B 286 39.48 -0.89 -7.11
C ARG B 286 40.79 -1.43 -6.55
N SER B 287 41.71 -1.75 -7.45
CA SER B 287 43.01 -2.27 -7.03
C SER B 287 43.84 -1.23 -6.32
N ASP B 288 43.64 0.05 -6.63
CA ASP B 288 44.42 1.10 -6.01
C ASP B 288 44.18 1.18 -4.51
N ASP B 289 42.93 1.02 -4.09
CA ASP B 289 42.57 1.11 -2.68
C ASP B 289 42.73 -0.21 -1.93
N SER B 290 42.95 -1.32 -2.63
CA SER B 290 43.11 -2.60 -1.96
C SER B 290 44.48 -2.76 -1.32
N ARG B 291 45.50 -2.08 -1.86
CA ARG B 291 46.85 -2.24 -1.34
C ARG B 291 46.97 -1.68 0.08
N GLU B 292 46.43 -0.50 0.32
CA GLU B 292 46.58 0.14 1.63
C GLU B 292 45.67 -0.48 2.69
N LEU B 293 44.47 -0.94 2.30
CA LEU B 293 43.59 -1.58 3.26
C LEU B 293 44.19 -2.88 3.79
N ILE B 294 44.79 -3.67 2.91
CA ILE B 294 45.42 -4.93 3.33
C ILE B 294 46.57 -4.65 4.29
N ALA B 295 47.39 -3.63 3.98
CA ALA B 295 48.45 -3.24 4.90
C ALA B 295 47.88 -2.74 6.22
N ALA B 296 46.78 -1.97 6.16
CA ALA B 296 46.15 -1.50 7.38
C ALA B 296 45.54 -2.64 8.18
N ALA B 297 45.11 -3.70 7.52
CA ALA B 297 44.56 -4.86 8.24
C ALA B 297 45.63 -5.55 9.08
N SER B 298 46.86 -5.60 8.57
CA SER B 298 47.94 -6.23 9.33
C SER B 298 48.22 -5.48 10.62
N ARG B 299 48.17 -4.15 10.58
CA ARG B 299 48.38 -3.35 11.78
C ARG B 299 47.31 -3.62 12.82
N ALA B 300 46.06 -3.76 12.39
CA ALA B 300 44.94 -4.05 13.28
C ALA B 300 44.73 -5.54 13.51
N ASN B 301 45.52 -6.40 12.85
CA ASN B 301 45.43 -7.84 13.01
C ASN B 301 44.03 -8.36 12.66
N ALA B 302 43.63 -8.12 11.42
CA ALA B 302 42.36 -8.60 10.92
C ALA B 302 42.45 -10.05 10.51
N SER B 303 41.34 -10.78 10.70
CA SER B 303 41.25 -12.20 10.38
C SER B 303 39.96 -12.50 9.63
N PHE B 304 39.67 -11.68 8.62
CA PHE B 304 38.47 -11.84 7.82
C PHE B 304 38.74 -12.71 6.59
N THR B 305 37.67 -13.20 5.99
CA THR B 305 37.72 -13.96 4.74
C THR B 305 37.18 -13.04 3.64
N TRP B 306 38.09 -12.37 2.95
CA TRP B 306 37.71 -11.35 1.98
C TRP B 306 37.23 -11.99 0.68
N VAL B 307 36.16 -11.44 0.13
CA VAL B 307 35.62 -11.86 -1.16
C VAL B 307 35.78 -10.67 -2.11
N ALA B 308 36.76 -10.77 -3.00
CA ALA B 308 37.15 -9.64 -3.84
C ALA B 308 36.54 -9.74 -5.23
N SER B 309 36.42 -8.58 -5.87
CA SER B 309 35.96 -8.48 -7.25
C SER B 309 37.16 -8.53 -8.19
N ASP B 310 36.95 -8.18 -9.46
CA ASP B 310 38.04 -8.19 -10.43
C ASP B 310 39.08 -7.11 -10.15
N GLY B 311 38.80 -6.17 -9.25
CA GLY B 311 39.77 -5.17 -8.86
C GLY B 311 41.02 -5.79 -8.25
N TRP B 312 40.84 -6.51 -7.14
CA TRP B 312 41.96 -7.25 -6.56
C TRP B 312 42.42 -8.35 -7.51
N GLY B 313 41.49 -9.17 -7.99
CA GLY B 313 41.81 -10.21 -8.96
C GLY B 313 42.86 -11.18 -8.44
N ALA B 314 43.78 -11.55 -9.32
CA ALA B 314 44.87 -12.47 -8.99
C ALA B 314 46.19 -11.73 -8.83
N GLN B 315 46.16 -10.47 -8.42
CA GLN B 315 47.38 -9.69 -8.27
C GLN B 315 48.23 -10.24 -7.13
N GLU B 316 49.54 -10.33 -7.38
CA GLU B 316 50.49 -10.76 -6.37
C GLU B 316 51.33 -9.61 -5.83
N SER B 317 50.99 -8.37 -6.19
CA SER B 317 51.72 -7.20 -5.70
C SER B 317 50.98 -6.44 -4.62
N ILE B 318 49.65 -6.55 -4.55
CA ILE B 318 48.90 -5.90 -3.49
C ILE B 318 49.27 -6.48 -2.13
N ILE B 319 49.33 -7.80 -2.03
CA ILE B 319 49.69 -8.49 -0.80
C ILE B 319 51.20 -8.72 -0.83
N LYS B 320 51.95 -7.73 -0.36
CA LYS B 320 53.41 -7.81 -0.28
C LYS B 320 53.82 -7.36 1.11
N GLY B 321 54.28 -8.31 1.93
CA GLY B 321 54.63 -8.03 3.31
C GLY B 321 53.48 -8.11 4.28
N SER B 322 52.25 -8.33 3.80
CA SER B 322 51.08 -8.44 4.66
C SER B 322 50.20 -9.59 4.20
N GLU B 323 50.83 -10.70 3.81
CA GLU B 323 50.10 -11.86 3.32
C GLU B 323 49.50 -12.70 4.43
N HIS B 324 49.89 -12.47 5.70
CA HIS B 324 49.38 -13.28 6.80
C HIS B 324 47.93 -12.95 7.15
N VAL B 325 47.37 -11.87 6.62
CA VAL B 325 45.98 -11.52 6.88
C VAL B 325 45.05 -11.90 5.74
N ALA B 326 45.55 -12.01 4.51
CA ALA B 326 44.74 -12.32 3.34
C ALA B 326 44.61 -13.82 3.11
N TYR B 327 44.81 -14.63 4.15
CA TYR B 327 44.73 -16.07 4.00
C TYR B 327 43.31 -16.51 3.69
N GLY B 328 43.16 -17.39 2.71
CA GLY B 328 41.85 -17.92 2.37
C GLY B 328 40.92 -16.94 1.71
N ALA B 329 41.43 -15.89 1.07
CA ALA B 329 40.60 -14.86 0.47
C ALA B 329 40.12 -15.31 -0.89
N ILE B 330 38.80 -15.21 -1.13
CA ILE B 330 38.21 -15.55 -2.42
C ILE B 330 38.26 -14.31 -3.32
N THR B 331 38.85 -14.45 -4.49
CA THR B 331 38.93 -13.38 -5.47
C THR B 331 38.34 -13.83 -6.79
N LEU B 332 37.65 -12.92 -7.47
CA LEU B 332 37.03 -13.19 -8.76
C LEU B 332 37.83 -12.50 -9.85
N GLU B 333 38.20 -13.26 -10.88
CA GLU B 333 38.98 -12.74 -11.98
C GLU B 333 38.42 -13.26 -13.30
N LEU B 334 38.45 -12.43 -14.32
CA LEU B 334 37.94 -12.84 -15.64
C LEU B 334 38.83 -13.91 -16.24
N ALA B 335 38.19 -14.92 -16.84
CA ALA B 335 38.94 -16.00 -17.47
C ALA B 335 39.57 -15.51 -18.77
N SER B 336 40.85 -15.85 -18.96
CA SER B 336 41.56 -15.46 -20.18
C SER B 336 42.73 -16.42 -20.36
N GLN B 337 42.75 -17.16 -21.44
CA GLN B 337 43.84 -18.09 -21.70
C GLN B 337 45.12 -17.31 -21.95
N PRO B 338 46.20 -17.61 -21.23
CA PRO B 338 47.46 -16.89 -21.45
C PRO B 338 47.97 -17.08 -22.87
N VAL B 339 48.55 -16.01 -23.43
CA VAL B 339 49.08 -16.03 -24.78
C VAL B 339 50.57 -16.35 -24.72
N ARG B 340 50.99 -17.36 -25.48
CA ARG B 340 52.37 -17.81 -25.45
C ARG B 340 53.30 -16.87 -26.22
N GLN B 341 52.80 -16.23 -27.27
CA GLN B 341 53.66 -15.36 -28.07
C GLN B 341 54.14 -14.16 -27.26
N PHE B 342 53.27 -13.57 -26.44
CA PHE B 342 53.65 -12.44 -25.61
C PHE B 342 54.68 -12.81 -24.56
N ASP B 343 54.75 -14.08 -24.16
CA ASP B 343 55.75 -14.51 -23.18
C ASP B 343 57.16 -14.31 -23.72
N ARG B 344 57.39 -14.67 -24.98
CA ARG B 344 58.72 -14.51 -25.57
C ARG B 344 59.11 -13.05 -25.69
N TYR B 345 58.14 -12.19 -26.04
CA TYR B 345 58.43 -10.76 -26.19
C TYR B 345 58.85 -10.14 -24.87
N PHE B 346 58.13 -10.44 -23.79
CA PHE B 346 58.41 -9.81 -22.51
C PHE B 346 59.64 -10.42 -21.84
N GLN B 347 59.84 -11.73 -21.99
CA GLN B 347 60.99 -12.38 -21.35
C GLN B 347 62.30 -12.02 -22.02
N SER B 348 62.26 -11.53 -23.26
CA SER B 348 63.45 -11.08 -23.97
C SER B 348 63.48 -9.57 -24.11
N LEU B 349 62.98 -8.86 -23.10
CA LEU B 349 62.87 -7.41 -23.12
C LEU B 349 63.87 -6.80 -22.15
N ASN B 350 64.68 -5.88 -22.63
CA ASN B 350 65.73 -5.25 -21.83
C ASN B 350 65.75 -3.76 -22.14
N PRO B 351 66.27 -2.95 -21.21
CA PRO B 351 66.34 -1.49 -21.47
C PRO B 351 67.25 -1.12 -22.63
N TYR B 352 68.15 -2.02 -23.05
CA TYR B 352 69.05 -1.72 -24.15
C TYR B 352 68.40 -1.86 -25.52
N ASN B 353 67.18 -2.41 -25.59
CA ASN B 353 66.47 -2.57 -26.85
C ASN B 353 65.02 -2.10 -26.76
N ASN B 354 64.68 -1.32 -25.74
CA ASN B 354 63.33 -0.83 -25.52
C ASN B 354 63.35 0.66 -25.21
N HIS B 355 64.03 1.44 -26.06
CA HIS B 355 64.06 2.89 -25.89
C HIS B 355 62.73 3.55 -26.24
N ARG B 356 61.75 2.79 -26.74
CA ARG B 356 60.47 3.36 -27.12
C ARG B 356 59.59 3.67 -25.91
N ASN B 357 59.86 3.08 -24.75
CA ASN B 357 59.03 3.28 -23.57
C ASN B 357 59.73 4.20 -22.59
N PRO B 358 59.28 5.45 -22.43
CA PRO B 358 59.89 6.32 -21.42
C PRO B 358 59.76 5.80 -20.01
N TRP B 359 58.68 5.09 -19.69
CA TRP B 359 58.46 4.59 -18.34
C TRP B 359 59.17 3.28 -18.05
N PHE B 360 59.82 2.68 -19.05
CA PHE B 360 60.49 1.40 -18.82
C PHE B 360 61.70 1.57 -17.90
N ARG B 361 62.37 2.71 -17.97
CA ARG B 361 63.53 2.94 -17.11
C ARG B 361 63.12 2.92 -15.64
N ASP B 362 62.01 3.56 -15.30
CA ASP B 362 61.51 3.51 -13.93
C ASP B 362 61.06 2.11 -13.55
N PHE B 363 60.41 1.39 -14.47
CA PHE B 363 59.98 0.03 -14.18
C PHE B 363 61.16 -0.88 -13.94
N TRP B 364 62.21 -0.76 -14.76
CA TRP B 364 63.41 -1.56 -14.54
C TRP B 364 64.09 -1.19 -13.22
N GLU B 365 64.12 0.11 -12.90
CA GLU B 365 64.73 0.55 -11.65
C GLU B 365 63.91 0.14 -10.42
N GLN B 366 62.63 -0.20 -10.62
CA GLN B 366 61.75 -0.54 -9.50
C GLN B 366 61.54 -2.04 -9.34
N LYS B 367 61.34 -2.77 -10.45
CA LYS B 367 61.18 -4.22 -10.36
C LYS B 367 62.49 -4.89 -9.94
N PHE B 368 63.54 -4.70 -10.73
CA PHE B 368 64.87 -5.17 -10.37
C PHE B 368 65.58 -4.02 -9.66
N GLN B 369 65.74 -4.14 -8.35
CA GLN B 369 66.23 -3.04 -7.53
C GLN B 369 67.70 -2.79 -7.84
N CYS B 370 67.97 -1.76 -8.63
CA CYS B 370 69.31 -1.32 -8.97
C CYS B 370 69.19 0.02 -9.67
N SER B 371 70.35 0.59 -10.03
CA SER B 371 70.41 1.89 -10.69
C SER B 371 71.17 1.75 -12.01
N LEU B 372 70.61 2.33 -13.07
CA LEU B 372 71.26 2.28 -14.38
C LEU B 372 72.14 3.50 -14.60
N ARG B 379 70.54 -0.58 -4.42
CA ARG B 379 71.61 -1.56 -4.57
C ARG B 379 72.66 -1.07 -5.56
N ARG B 380 72.66 0.25 -5.80
CA ARG B 380 73.62 0.90 -6.71
C ARG B 380 73.44 0.30 -8.11
N VAL B 381 74.53 0.18 -8.85
CA VAL B 381 74.48 -0.37 -10.20
C VAL B 381 74.42 -1.89 -10.12
N CYS B 382 73.47 -2.49 -10.84
CA CYS B 382 73.33 -3.93 -10.89
C CYS B 382 74.25 -4.50 -11.96
N ASP B 383 74.28 -5.84 -12.05
CA ASP B 383 75.14 -6.50 -13.02
C ASP B 383 74.70 -6.26 -14.46
N LYS B 384 73.47 -5.79 -14.66
CA LYS B 384 72.92 -5.47 -15.98
C LYS B 384 72.86 -6.69 -16.90
N HIS B 385 72.90 -7.90 -16.34
CA HIS B 385 72.82 -9.12 -17.12
C HIS B 385 71.54 -9.91 -16.86
N LEU B 386 70.88 -9.71 -15.73
CA LEU B 386 69.65 -10.43 -15.43
C LEU B 386 68.54 -9.99 -16.38
N ALA B 387 67.62 -10.91 -16.65
CA ALA B 387 66.51 -10.67 -17.55
C ALA B 387 65.21 -11.14 -16.90
N ILE B 388 64.09 -10.66 -17.42
CA ILE B 388 62.78 -11.02 -16.90
C ILE B 388 62.52 -12.48 -17.26
N ASP B 389 62.58 -13.36 -16.26
CA ASP B 389 62.37 -14.78 -16.44
C ASP B 389 61.15 -15.25 -15.66
N SER B 390 60.75 -16.49 -15.91
CA SER B 390 59.55 -17.03 -15.27
C SER B 390 59.70 -17.15 -13.76
N SER B 391 60.92 -17.10 -13.24
CA SER B 391 61.12 -17.20 -11.79
C SER B 391 60.57 -15.99 -11.06
N ASN B 392 60.56 -14.82 -11.71
CA ASN B 392 60.10 -13.59 -11.07
C ASN B 392 59.20 -12.81 -12.03
N TYR B 393 58.29 -13.51 -12.71
CA TYR B 393 57.39 -12.86 -13.65
C TYR B 393 56.18 -13.76 -13.87
N GLU B 394 54.99 -13.15 -13.82
CA GLU B 394 53.74 -13.88 -14.01
C GLU B 394 52.87 -13.15 -15.02
N GLN B 395 52.08 -13.93 -15.76
CA GLN B 395 51.20 -13.35 -16.77
C GLN B 395 50.01 -12.67 -16.12
N GLU B 396 49.74 -11.44 -16.54
CA GLU B 396 48.54 -10.75 -16.08
C GLU B 396 47.31 -11.35 -16.74
N SER B 397 46.22 -11.46 -15.97
CA SER B 397 45.01 -12.09 -16.48
C SER B 397 44.40 -11.30 -17.63
N LYS B 398 44.38 -9.97 -17.50
CA LYS B 398 43.74 -9.12 -18.52
C LYS B 398 44.76 -8.64 -19.55
N ILE B 399 45.40 -9.61 -20.19
CA ILE B 399 46.29 -9.36 -21.32
C ILE B 399 45.65 -9.73 -22.65
N MET B 400 44.91 -10.83 -22.67
CA MET B 400 44.19 -11.21 -23.89
C MET B 400 43.17 -10.14 -24.28
N PHE B 401 42.55 -9.51 -23.29
CA PHE B 401 41.60 -8.43 -23.58
C PHE B 401 42.29 -7.26 -24.25
N VAL B 402 43.50 -6.91 -23.79
CA VAL B 402 44.24 -5.81 -24.40
C VAL B 402 44.62 -6.15 -25.83
N VAL B 403 45.08 -7.38 -26.08
CA VAL B 403 45.41 -7.80 -27.43
C VAL B 403 44.17 -7.81 -28.30
N ASN B 404 43.06 -8.31 -27.76
CA ASN B 404 41.80 -8.28 -28.51
C ASN B 404 41.34 -6.86 -28.76
N ALA B 405 41.57 -5.96 -27.80
CA ALA B 405 41.15 -4.57 -27.97
C ALA B 405 41.89 -3.91 -29.13
N VAL B 406 43.20 -4.15 -29.23
CA VAL B 406 43.97 -3.57 -30.34
C VAL B 406 43.48 -4.13 -31.67
N TYR B 407 43.22 -5.45 -31.71
CA TYR B 407 42.75 -6.08 -32.94
C TYR B 407 41.34 -5.68 -33.32
N ALA B 408 40.59 -5.03 -32.41
CA ALA B 408 39.23 -4.61 -32.74
C ALA B 408 39.25 -3.57 -33.86
N MET B 409 40.04 -2.50 -33.69
CA MET B 409 40.21 -1.53 -34.76
C MET B 409 40.91 -2.15 -35.96
N ALA B 410 41.91 -3.01 -35.72
CA ALA B 410 42.63 -3.62 -36.83
C ALA B 410 41.71 -4.41 -37.75
N HIS B 411 40.77 -5.16 -37.16
CA HIS B 411 39.79 -5.87 -37.98
C HIS B 411 38.71 -4.95 -38.50
N ALA B 412 38.26 -3.97 -37.70
CA ALA B 412 37.19 -3.09 -38.12
C ALA B 412 37.63 -2.17 -39.27
N LEU B 413 38.82 -1.59 -39.15
CA LEU B 413 39.34 -0.76 -40.23
C LEU B 413 39.60 -1.57 -41.49
N HIS B 414 40.03 -2.82 -41.34
CA HIS B 414 40.19 -3.68 -42.51
C HIS B 414 38.84 -3.91 -43.20
N LYS B 415 37.79 -4.13 -42.43
CA LYS B 415 36.45 -4.28 -43.00
C LYS B 415 35.92 -2.95 -43.54
N MET B 416 36.51 -1.82 -43.13
CA MET B 416 36.05 -0.51 -43.57
C MET B 416 36.89 0.08 -44.68
N GLN B 417 38.18 -0.23 -44.75
CA GLN B 417 39.06 0.34 -45.76
C GLN B 417 38.99 -0.41 -47.08
N ARG B 418 39.17 -1.73 -47.05
CA ARG B 418 39.14 -2.52 -48.28
C ARG B 418 37.75 -2.48 -48.92
N THR B 419 36.70 -2.60 -48.11
CA THR B 419 35.34 -2.61 -48.65
C THR B 419 34.98 -1.27 -49.29
N LEU B 420 35.32 -0.16 -48.62
CA LEU B 420 34.96 1.15 -49.14
C LEU B 420 35.78 1.52 -50.37
N CYS B 421 37.04 1.07 -50.43
CA CYS B 421 37.92 1.34 -51.56
C CYS B 421 38.51 0.03 -52.06
N PRO B 422 37.73 -0.75 -52.80
CA PRO B 422 38.26 -2.01 -53.36
C PRO B 422 39.27 -1.81 -54.47
N ASN B 423 39.41 -0.59 -55.00
CA ASN B 423 40.32 -0.35 -56.10
C ASN B 423 41.76 -0.62 -55.70
N THR B 424 42.17 -0.17 -54.51
CA THR B 424 43.52 -0.37 -54.03
C THR B 424 43.51 -0.64 -52.54
N THR B 425 44.52 -1.38 -52.08
CA THR B 425 44.67 -1.69 -50.66
C THR B 425 45.57 -0.67 -49.95
N LYS B 426 45.24 0.61 -50.11
CA LYS B 426 46.00 1.70 -49.51
C LYS B 426 45.03 2.77 -49.03
N LEU B 427 45.59 3.88 -48.56
CA LEU B 427 44.78 4.99 -48.07
C LEU B 427 44.25 5.76 -49.27
N CYS B 428 43.00 5.48 -49.64
CA CYS B 428 42.37 6.17 -50.76
C CYS B 428 42.02 7.60 -50.37
N ASP B 429 41.66 8.40 -51.37
CA ASP B 429 41.34 9.80 -51.14
C ASP B 429 40.10 9.97 -50.26
N ALA B 430 39.22 8.96 -50.24
CA ALA B 430 38.01 9.03 -49.43
C ALA B 430 38.28 8.86 -47.94
N MET B 431 39.47 8.40 -47.56
CA MET B 431 39.81 8.16 -46.16
C MET B 431 40.66 9.27 -45.55
N LYS B 432 40.80 10.41 -46.25
CA LYS B 432 41.56 11.52 -45.68
C LYS B 432 40.90 12.05 -44.41
N ILE B 433 39.57 12.15 -44.42
CA ILE B 433 38.80 12.57 -43.26
C ILE B 433 38.04 11.37 -42.75
N LEU B 434 38.27 11.01 -41.49
CA LEU B 434 37.64 9.84 -40.89
C LEU B 434 36.25 10.19 -40.37
N ASP B 435 35.43 9.15 -40.23
CA ASP B 435 34.07 9.28 -39.72
C ASP B 435 33.91 8.47 -38.44
N GLY B 436 33.05 8.94 -37.55
CA GLY B 436 32.83 8.28 -36.28
C GLY B 436 31.52 7.52 -36.21
N LYS B 437 30.47 8.07 -36.85
CA LYS B 437 29.17 7.41 -36.81
C LYS B 437 29.18 6.10 -37.59
N LYS B 438 29.69 6.14 -38.83
CA LYS B 438 29.67 4.96 -39.67
C LYS B 438 30.70 3.92 -39.23
N LEU B 439 31.89 4.37 -38.80
CA LEU B 439 32.94 3.44 -38.42
C LEU B 439 32.54 2.61 -37.21
N TYR B 440 31.91 3.24 -36.21
CA TYR B 440 31.63 2.57 -34.95
C TYR B 440 30.33 1.76 -35.01
N LYS B 441 29.22 2.43 -35.37
CA LYS B 441 27.91 1.81 -35.25
C LYS B 441 27.77 0.58 -36.13
N ASP B 442 28.26 0.66 -37.36
CA ASP B 442 28.06 -0.43 -38.33
C ASP B 442 29.11 -1.52 -38.21
N TYR B 443 30.39 -1.14 -38.09
CA TYR B 443 31.48 -2.10 -38.22
C TYR B 443 31.92 -2.70 -36.88
N LEU B 444 32.13 -1.86 -35.86
CA LEU B 444 32.58 -2.38 -34.58
C LEU B 444 31.52 -3.27 -33.92
N LEU B 445 30.24 -2.91 -34.05
CA LEU B 445 29.19 -3.65 -33.38
C LEU B 445 28.90 -5.01 -34.00
N LYS B 446 29.45 -5.32 -35.17
CA LYS B 446 29.22 -6.62 -35.80
C LYS B 446 30.50 -7.36 -36.15
N ILE B 447 31.66 -6.86 -35.72
CA ILE B 447 32.92 -7.52 -36.08
C ILE B 447 33.02 -8.85 -35.35
N ASN B 448 33.25 -9.91 -36.12
CA ASN B 448 33.40 -11.27 -35.57
C ASN B 448 34.67 -11.88 -36.14
N PHE B 449 35.59 -12.23 -35.27
CA PHE B 449 36.87 -12.79 -35.69
C PHE B 449 37.42 -13.67 -34.57
N THR B 450 38.13 -14.73 -34.97
CA THR B 450 38.66 -15.68 -34.01
C THR B 450 39.81 -15.07 -33.22
N ALA B 451 40.12 -15.69 -32.08
CA ALA B 451 41.18 -15.18 -31.23
C ALA B 451 42.50 -15.19 -31.98
N PRO B 452 43.31 -14.13 -31.86
CA PRO B 452 44.55 -14.07 -32.65
C PRO B 452 45.52 -15.19 -32.31
N PHE B 453 45.92 -15.30 -31.04
CA PHE B 453 46.92 -16.28 -30.60
C PHE B 453 46.28 -17.13 -29.51
N ASN B 454 45.59 -18.20 -29.92
CA ASN B 454 44.93 -19.11 -29.01
C ASN B 454 44.80 -20.47 -29.67
N PRO B 455 44.97 -21.56 -28.93
CA PRO B 455 44.87 -22.90 -29.53
C PRO B 455 43.48 -23.49 -29.57
N ASN B 456 42.44 -22.70 -29.35
CA ASN B 456 41.06 -23.17 -29.35
C ASN B 456 40.24 -22.40 -30.38
N LYS B 457 39.20 -23.05 -30.89
CA LYS B 457 38.31 -22.45 -31.88
C LYS B 457 36.85 -22.55 -31.44
N ASP B 458 36.62 -22.59 -30.13
CA ASP B 458 35.27 -22.69 -29.60
C ASP B 458 34.61 -21.31 -29.58
N ALA B 459 33.44 -21.22 -28.95
CA ALA B 459 32.73 -19.94 -28.87
C ALA B 459 33.46 -18.91 -28.00
N ASP B 460 34.32 -19.37 -27.09
CA ASP B 460 35.07 -18.43 -26.25
C ASP B 460 36.19 -17.75 -27.03
N SER B 461 36.79 -18.44 -27.99
CA SER B 461 37.90 -17.86 -28.74
C SER B 461 37.44 -16.66 -29.57
N ILE B 462 36.31 -16.78 -30.24
CA ILE B 462 35.81 -15.68 -31.07
C ILE B 462 35.33 -14.55 -30.18
N VAL B 463 35.58 -13.32 -30.62
CA VAL B 463 35.18 -12.12 -29.89
C VAL B 463 34.05 -11.45 -30.67
N LYS B 464 32.96 -11.13 -29.97
CA LYS B 464 31.81 -10.49 -30.58
C LYS B 464 31.26 -9.43 -29.63
N PHE B 465 30.83 -8.31 -30.20
CA PHE B 465 30.22 -7.24 -29.42
C PHE B 465 28.72 -7.44 -29.36
N ASP B 466 28.14 -7.21 -28.19
CA ASP B 466 26.71 -7.40 -27.98
C ASP B 466 25.94 -6.23 -28.58
N THR B 467 24.64 -6.14 -28.26
CA THR B 467 23.83 -5.03 -28.78
C THR B 467 24.35 -3.70 -28.30
N PHE B 468 24.71 -3.60 -27.02
CA PHE B 468 25.32 -2.39 -26.47
C PHE B 468 26.84 -2.38 -26.59
N GLY B 469 27.44 -3.52 -26.89
CA GLY B 469 28.89 -3.62 -26.96
C GLY B 469 29.47 -4.13 -25.66
N ASP B 470 29.83 -5.40 -25.62
CA ASP B 470 30.23 -6.08 -24.39
C ASP B 470 30.89 -7.40 -24.77
N GLY B 471 31.15 -8.23 -23.77
CA GLY B 471 31.67 -9.57 -24.01
C GLY B 471 30.69 -10.64 -23.57
N MET B 472 31.15 -11.54 -22.69
CA MET B 472 30.27 -12.56 -22.13
C MET B 472 30.84 -13.02 -20.80
N GLY B 473 29.95 -13.42 -19.89
CA GLY B 473 30.34 -13.80 -18.55
C GLY B 473 31.22 -15.02 -18.46
N ARG B 474 32.48 -14.83 -18.10
CA ARG B 474 33.44 -15.92 -17.91
C ARG B 474 34.21 -15.72 -16.62
N TYR B 475 33.53 -15.28 -15.56
CA TYR B 475 34.20 -14.98 -14.31
C TYR B 475 34.69 -16.27 -13.65
N ASN B 476 35.90 -16.22 -13.09
CA ASN B 476 36.49 -17.33 -12.36
C ASN B 476 36.42 -17.07 -10.86
N VAL B 477 36.71 -18.12 -10.10
CA VAL B 477 36.72 -18.05 -8.64
C VAL B 477 38.10 -18.51 -8.18
N PHE B 478 38.99 -17.54 -7.97
CA PHE B 478 40.32 -17.84 -7.47
C PHE B 478 40.29 -17.98 -5.95
N ASN B 479 41.41 -18.44 -5.40
CA ASN B 479 41.53 -18.61 -3.96
C ASN B 479 42.99 -18.47 -3.56
N PHE B 480 43.23 -17.85 -2.42
CA PHE B 480 44.58 -17.70 -1.88
C PHE B 480 44.91 -18.97 -1.11
N GLN B 481 45.68 -19.86 -1.72
CA GLN B 481 45.77 -21.26 -1.33
C GLN B 481 47.23 -21.67 -1.14
N ASN B 482 47.93 -20.92 -0.28
CA ASN B 482 49.30 -21.21 0.12
C ASN B 482 49.50 -22.70 0.38
N VAL B 483 50.49 -23.28 -0.30
CA VAL B 483 50.85 -24.68 -0.10
C VAL B 483 52.32 -24.84 -0.50
N GLY B 484 53.04 -25.66 0.27
CA GLY B 484 54.44 -25.88 0.00
C GLY B 484 55.36 -24.73 0.35
N GLY B 485 54.88 -23.75 1.11
CA GLY B 485 55.67 -22.60 1.46
C GLY B 485 55.69 -21.48 0.45
N LYS B 486 54.95 -21.61 -0.65
CA LYS B 486 54.90 -20.61 -1.70
C LYS B 486 53.50 -19.99 -1.76
N TYR B 487 53.46 -18.67 -1.85
CA TYR B 487 52.20 -17.93 -1.86
C TYR B 487 51.74 -17.76 -3.30
N SER B 488 50.59 -18.34 -3.63
CA SER B 488 50.11 -18.29 -5.00
C SER B 488 48.61 -18.57 -5.05
N TYR B 489 47.93 -17.93 -6.00
CA TYR B 489 46.53 -18.18 -6.27
C TYR B 489 46.36 -19.50 -7.03
N LEU B 490 45.16 -20.07 -6.93
CA LEU B 490 44.87 -21.32 -7.62
C LEU B 490 43.38 -21.38 -7.94
N LYS B 491 43.06 -21.77 -9.17
CA LYS B 491 41.69 -21.75 -9.64
C LYS B 491 40.82 -22.76 -8.89
N VAL B 492 39.60 -22.35 -8.56
CA VAL B 492 38.68 -23.20 -7.82
C VAL B 492 37.36 -23.45 -8.53
N GLY B 493 36.90 -22.56 -9.40
CA GLY B 493 35.64 -22.79 -10.07
C GLY B 493 35.49 -21.95 -11.31
N HIS B 494 34.27 -21.94 -11.84
CA HIS B 494 33.98 -21.19 -13.06
C HIS B 494 32.52 -20.76 -13.00
N TRP B 495 32.21 -19.66 -13.70
CA TRP B 495 30.88 -19.06 -13.67
C TRP B 495 30.40 -18.73 -15.07
N ALA B 496 30.49 -19.70 -15.98
CA ALA B 496 29.95 -19.49 -17.33
C ALA B 496 28.47 -19.15 -17.27
N GLU B 497 27.64 -20.07 -16.81
CA GLU B 497 26.26 -19.75 -16.48
C GLU B 497 25.75 -20.50 -15.26
N THR B 498 26.56 -21.36 -14.65
CA THR B 498 26.16 -22.14 -13.48
C THR B 498 27.33 -22.23 -12.51
N LEU B 499 27.01 -22.48 -11.25
CA LEU B 499 28.06 -22.64 -10.24
C LEU B 499 28.80 -23.95 -10.47
N SER B 500 30.13 -23.87 -10.52
CA SER B 500 30.97 -25.04 -10.77
C SER B 500 32.14 -25.10 -9.79
N LEU B 501 31.95 -24.58 -8.58
CA LEU B 501 33.00 -24.60 -7.59
C LEU B 501 33.30 -26.02 -7.13
N ASP B 502 34.58 -26.34 -7.00
CA ASP B 502 35.04 -27.61 -6.45
C ASP B 502 35.64 -27.38 -5.08
N VAL B 503 35.32 -28.27 -4.13
CA VAL B 503 35.74 -28.07 -2.75
C VAL B 503 37.19 -28.49 -2.60
N ASN B 504 38.11 -27.55 -2.83
CA ASN B 504 39.53 -27.78 -2.63
C ASN B 504 40.24 -26.59 -1.99
N SER B 505 39.53 -25.49 -1.73
CA SER B 505 40.17 -24.30 -1.18
C SER B 505 40.63 -24.55 0.24
N ILE B 506 41.83 -24.03 0.56
CA ILE B 506 42.37 -24.10 1.91
C ILE B 506 41.93 -22.83 2.63
N HIS B 507 40.97 -22.97 3.53
CA HIS B 507 40.39 -21.83 4.23
C HIS B 507 41.35 -21.35 5.31
N TRP B 508 40.89 -20.41 6.14
CA TRP B 508 41.75 -19.75 7.12
C TRP B 508 42.31 -20.72 8.16
N SER B 509 41.44 -21.26 9.01
CA SER B 509 41.94 -22.11 10.09
C SER B 509 41.89 -23.60 9.74
N ARG B 510 40.68 -24.15 9.59
CA ARG B 510 40.54 -25.55 9.20
C ARG B 510 39.36 -25.84 8.29
N ASN B 511 38.56 -24.85 7.92
CA ASN B 511 37.34 -25.07 7.15
C ASN B 511 36.74 -23.70 6.83
N SER B 512 35.70 -23.72 6.01
CA SER B 512 35.01 -22.48 5.65
C SER B 512 34.44 -21.81 6.89
N VAL B 513 34.70 -20.51 7.00
CA VAL B 513 34.27 -19.77 8.20
C VAL B 513 32.74 -19.65 8.20
N PRO B 514 32.07 -19.93 9.32
CA PRO B 514 30.63 -19.75 9.39
C PRO B 514 30.23 -18.34 9.79
N THR B 515 29.12 -17.89 9.22
CA THR B 515 28.60 -16.56 9.52
C THR B 515 27.11 -16.62 9.85
N SER B 516 26.48 -15.45 9.94
CA SER B 516 25.05 -15.35 10.24
C SER B 516 24.71 -15.97 11.59
N GLN B 517 25.46 -15.59 12.62
CA GLN B 517 25.15 -16.00 13.98
C GLN B 517 24.20 -15.06 14.69
N CYS B 518 23.87 -13.91 14.07
CA CYS B 518 22.88 -13.01 14.67
C CYS B 518 21.48 -13.56 14.49
N SER B 519 21.24 -14.35 13.45
CA SER B 519 19.95 -14.99 13.21
C SER B 519 20.17 -16.44 12.85
N ASP B 520 19.43 -17.34 13.52
CA ASP B 520 19.53 -18.77 13.28
C ASP B 520 18.14 -19.35 13.07
N PRO B 521 18.03 -20.44 12.31
CA PRO B 521 16.72 -21.06 12.09
C PRO B 521 16.08 -21.53 13.40
N CYS B 522 14.97 -20.90 13.77
CA CYS B 522 14.28 -21.23 15.00
C CYS B 522 13.18 -22.25 14.72
N ALA B 523 12.28 -22.45 15.69
CA ALA B 523 11.19 -23.40 15.59
C ALA B 523 9.85 -22.68 15.72
N PRO B 524 8.79 -23.23 15.15
CA PRO B 524 7.46 -22.59 15.28
C PRO B 524 6.95 -22.50 16.71
N ASN B 525 7.57 -23.22 17.66
CA ASN B 525 7.10 -23.17 19.04
C ASN B 525 7.20 -21.77 19.62
N GLU B 526 8.29 -21.06 19.32
CA GLU B 526 8.47 -19.71 19.85
C GLU B 526 7.68 -18.69 19.03
N MET B 527 8.04 -18.54 17.76
CA MET B 527 7.36 -17.62 16.84
C MET B 527 7.33 -16.20 17.39
N LYS B 528 8.50 -15.71 17.78
CA LYS B 528 8.69 -14.36 18.33
C LYS B 528 9.87 -13.68 17.66
N ASN B 529 9.90 -13.71 16.33
CA ASN B 529 11.06 -13.26 15.57
C ASN B 529 11.18 -11.74 15.64
N MET B 530 11.42 -11.22 16.83
CA MET B 530 11.53 -9.79 17.04
C MET B 530 12.88 -9.27 16.53
N GLN B 531 12.92 -7.97 16.27
CA GLN B 531 14.11 -7.33 15.70
C GLN B 531 14.75 -6.43 16.74
N PRO B 532 15.99 -6.72 17.17
CA PRO B 532 16.70 -5.79 18.06
C PRO B 532 17.20 -4.56 17.34
N GLY B 533 18.00 -3.74 18.02
CA GLY B 533 18.40 -2.46 17.47
C GLY B 533 19.10 -2.55 16.12
N ASP B 534 19.77 -3.66 15.84
CA ASP B 534 20.43 -3.84 14.55
C ASP B 534 19.39 -4.25 13.52
N VAL B 535 19.83 -4.67 12.33
CA VAL B 535 18.93 -4.87 11.21
C VAL B 535 19.13 -6.26 10.62
N CYS B 536 18.04 -6.79 10.03
CA CYS B 536 18.02 -8.02 9.22
C CYS B 536 18.72 -9.20 9.91
N CYS B 537 18.67 -9.26 11.24
CA CYS B 537 19.09 -10.47 11.95
C CYS B 537 18.25 -10.56 13.23
N TRP B 538 17.16 -11.34 13.15
CA TRP B 538 16.29 -11.58 14.27
C TRP B 538 16.80 -12.67 15.18
N ILE B 539 16.58 -12.51 16.48
CA ILE B 539 16.93 -13.50 17.49
C ILE B 539 15.64 -14.09 18.04
N CYS B 540 15.63 -15.41 18.27
CA CYS B 540 14.44 -16.12 18.66
C CYS B 540 14.33 -16.18 20.18
N ILE B 541 13.14 -15.85 20.70
CA ILE B 541 12.83 -15.95 22.11
C ILE B 541 11.48 -16.65 22.25
N PRO B 542 11.28 -17.52 23.24
CA PRO B 542 9.97 -18.14 23.42
C PRO B 542 8.92 -17.11 23.83
N CYS B 543 7.72 -17.24 23.26
CA CYS B 543 6.57 -16.42 23.61
C CYS B 543 5.33 -17.28 23.48
N GLU B 544 4.17 -16.63 23.48
CA GLU B 544 2.88 -17.24 23.18
C GLU B 544 2.56 -18.37 24.15
N PRO B 545 2.23 -18.08 25.41
CA PRO B 545 1.76 -19.13 26.32
C PRO B 545 0.38 -19.61 25.90
N TYR B 546 0.34 -20.47 24.88
CA TYR B 546 -0.89 -20.94 24.25
C TYR B 546 -1.64 -19.81 23.55
N GLU B 547 -0.87 -18.88 22.96
CA GLU B 547 -1.42 -17.82 22.12
C GLU B 547 -1.28 -18.23 20.65
N TYR B 548 -1.48 -17.28 19.74
CA TYR B 548 -1.20 -17.52 18.33
C TYR B 548 -0.24 -16.44 17.83
N LEU B 549 0.55 -16.79 16.82
CA LEU B 549 1.46 -15.84 16.17
C LEU B 549 1.08 -15.76 14.71
N ALA B 550 0.38 -14.69 14.34
CA ALA B 550 -0.01 -14.44 12.96
C ALA B 550 0.91 -13.45 12.26
N ASP B 551 1.96 -12.99 12.93
CA ASP B 551 2.93 -12.10 12.35
C ASP B 551 4.33 -12.59 12.70
N GLU B 552 5.34 -11.97 12.09
CA GLU B 552 6.71 -12.43 12.27
C GLU B 552 7.20 -12.15 13.68
N PHE B 553 6.97 -10.93 14.19
CA PHE B 553 7.57 -10.48 15.43
C PHE B 553 6.56 -10.14 16.52
N THR B 554 5.29 -10.54 16.37
CA THR B 554 4.27 -10.24 17.36
C THR B 554 3.61 -11.53 17.83
N CYS B 555 3.35 -11.62 19.12
CA CYS B 555 2.70 -12.77 19.75
C CYS B 555 1.36 -12.29 20.32
N MET B 556 0.32 -12.31 19.49
CA MET B 556 -0.98 -11.79 19.90
C MET B 556 -1.66 -12.73 20.89
N ASP B 557 -2.39 -12.14 21.84
CA ASP B 557 -3.20 -12.91 22.77
C ASP B 557 -4.54 -13.24 22.12
N CYS B 558 -4.88 -14.52 22.08
CA CYS B 558 -6.10 -14.97 21.40
C CYS B 558 -7.30 -14.77 22.31
N GLY B 559 -8.46 -15.28 21.88
CA GLY B 559 -9.64 -15.20 22.71
C GLY B 559 -9.48 -15.99 24.00
N SER B 560 -10.09 -15.48 25.06
CA SER B 560 -9.96 -16.12 26.36
C SER B 560 -10.68 -17.46 26.42
N GLY B 561 -11.68 -17.68 25.56
CA GLY B 561 -12.43 -18.91 25.57
C GLY B 561 -12.02 -19.90 24.50
N GLN B 562 -10.84 -19.70 23.92
CA GLN B 562 -10.37 -20.52 22.81
C GLN B 562 -9.01 -21.12 23.13
N TRP B 563 -8.58 -22.04 22.26
CA TRP B 563 -7.31 -22.74 22.38
C TRP B 563 -6.53 -22.60 21.09
N PRO B 564 -5.20 -22.43 21.17
CA PRO B 564 -4.41 -22.25 19.94
C PRO B 564 -4.46 -23.48 19.05
N THR B 565 -4.40 -23.23 17.74
CA THR B 565 -4.42 -24.29 16.76
C THR B 565 -3.01 -24.88 16.58
N ALA B 566 -2.95 -26.04 15.93
CA ALA B 566 -1.65 -26.67 15.64
C ALA B 566 -0.82 -25.79 14.70
N ASP B 567 -1.46 -25.20 13.69
CA ASP B 567 -0.76 -24.33 12.76
C ASP B 567 -0.35 -23.01 13.38
N LEU B 568 -0.86 -22.68 14.57
CA LEU B 568 -0.52 -21.51 15.37
C LEU B 568 -1.02 -20.20 14.74
N THR B 569 -1.65 -20.26 13.57
CA THR B 569 -2.17 -19.05 12.94
C THR B 569 -3.48 -18.58 13.55
N GLY B 570 -4.09 -19.37 14.43
CA GLY B 570 -5.37 -19.02 15.01
C GLY B 570 -5.52 -19.64 16.39
N CYS B 571 -6.64 -19.30 17.03
CA CYS B 571 -6.98 -19.81 18.37
C CYS B 571 -8.41 -20.35 18.30
N TYR B 572 -8.54 -21.66 18.09
CA TYR B 572 -9.84 -22.28 17.91
C TYR B 572 -10.50 -22.58 19.25
N ASP B 573 -11.82 -22.71 19.23
CA ASP B 573 -12.59 -22.96 20.44
C ASP B 573 -12.41 -24.41 20.87
N LEU B 574 -11.84 -24.61 22.05
CA LEU B 574 -11.68 -25.95 22.59
C LEU B 574 -13.04 -26.53 22.97
N PRO B 575 -13.20 -27.85 22.87
CA PRO B 575 -14.49 -28.47 23.24
C PRO B 575 -14.62 -28.55 24.76
N GLU B 576 -15.64 -27.89 25.30
CA GLU B 576 -15.88 -27.91 26.73
C GLU B 576 -16.39 -29.28 27.16
N ASP B 577 -16.17 -29.60 28.43
CA ASP B 577 -16.55 -30.89 29.00
C ASP B 577 -17.73 -30.70 29.93
N TYR B 578 -18.83 -31.37 29.63
CA TYR B 578 -20.01 -31.34 30.48
C TYR B 578 -19.94 -32.48 31.49
N ILE B 579 -21.06 -32.75 32.18
CA ILE B 579 -21.11 -33.88 33.10
C ILE B 579 -20.94 -35.18 32.34
N ARG B 580 -21.49 -35.24 31.11
CA ARG B 580 -21.33 -36.37 30.20
C ARG B 580 -21.92 -37.67 30.75
N TRP B 581 -22.87 -37.55 31.68
CA TRP B 581 -23.56 -38.70 32.26
C TRP B 581 -22.57 -39.70 32.85
N GLU B 582 -22.43 -40.87 32.23
CA GLU B 582 -21.51 -41.89 32.70
C GLU B 582 -20.06 -41.38 32.66
N ASP B 583 -19.46 -41.20 33.83
CA ASP B 583 -18.15 -40.56 33.95
C ASP B 583 -17.63 -40.84 35.35
N ALA B 584 -16.58 -40.11 35.73
CA ALA B 584 -15.96 -40.21 37.05
C ALA B 584 -16.82 -39.50 38.08
N TRP B 585 -16.25 -39.20 39.26
CA TRP B 585 -16.96 -38.63 40.39
C TRP B 585 -17.96 -37.54 40.00
N ALA B 586 -17.70 -36.84 38.88
CA ALA B 586 -18.70 -35.94 38.33
C ALA B 586 -20.02 -36.65 38.07
N ILE B 587 -19.98 -37.96 37.77
CA ILE B 587 -21.18 -38.76 37.66
C ILE B 587 -21.72 -39.20 39.01
N GLY B 588 -21.11 -38.77 40.10
CA GLY B 588 -21.54 -39.13 41.44
C GLY B 588 -22.97 -38.74 41.75
N PRO B 589 -23.32 -37.46 41.55
CA PRO B 589 -24.71 -37.04 41.80
C PRO B 589 -25.73 -37.75 40.93
N VAL B 590 -25.32 -38.32 39.79
CA VAL B 590 -26.26 -39.09 38.97
C VAL B 590 -26.73 -40.32 39.73
N THR B 591 -25.85 -40.93 40.52
CA THR B 591 -26.25 -42.08 41.33
C THR B 591 -27.31 -41.68 42.36
N ILE B 592 -27.13 -40.53 43.01
CA ILE B 592 -28.16 -40.02 43.90
C ILE B 592 -29.40 -39.64 43.12
N ALA B 593 -29.22 -39.06 41.92
CA ALA B 593 -30.35 -38.75 41.06
C ALA B 593 -31.11 -40.02 40.68
N CYS B 594 -30.39 -41.08 40.33
CA CYS B 594 -31.04 -42.37 40.11
C CYS B 594 -31.68 -42.89 41.39
N LEU B 595 -31.00 -42.72 42.53
CA LEU B 595 -31.59 -43.09 43.81
C LEU B 595 -32.79 -42.21 44.13
N GLY B 596 -32.70 -40.92 43.80
CA GLY B 596 -33.85 -40.04 43.97
C GLY B 596 -35.04 -40.45 43.13
N PHE B 597 -34.79 -40.97 41.93
CA PHE B 597 -35.88 -41.49 41.12
C PHE B 597 -36.57 -42.66 41.80
N MET B 598 -35.80 -43.53 42.45
CA MET B 598 -36.39 -44.62 43.23
C MET B 598 -37.20 -44.06 44.40
N CYS B 599 -36.74 -42.96 45.00
CA CYS B 599 -37.50 -42.33 46.07
C CYS B 599 -38.84 -41.81 45.54
N THR B 600 -38.85 -41.23 44.34
CA THR B 600 -40.11 -40.81 43.73
C THR B 600 -41.01 -42.01 43.47
N CYS B 601 -40.44 -43.12 43.02
CA CYS B 601 -41.22 -44.34 42.86
C CYS B 601 -41.76 -44.81 44.21
N MET B 602 -40.93 -44.73 45.26
CA MET B 602 -41.41 -45.04 46.60
C MET B 602 -42.48 -44.03 47.04
N VAL B 603 -42.29 -42.76 46.70
CA VAL B 603 -43.31 -41.76 46.97
C VAL B 603 -44.58 -42.07 46.19
N VAL B 604 -44.43 -42.48 44.92
CA VAL B 604 -45.57 -42.90 44.13
C VAL B 604 -46.22 -44.15 44.73
N THR B 605 -45.39 -45.05 45.26
CA THR B 605 -45.91 -46.22 45.95
C THR B 605 -46.71 -45.82 47.19
N VAL B 606 -46.20 -44.83 47.94
CA VAL B 606 -46.96 -44.29 49.06
C VAL B 606 -48.25 -43.65 48.57
N PHE B 607 -48.18 -42.90 47.47
CA PHE B 607 -49.38 -42.33 46.87
C PHE B 607 -50.30 -43.44 46.35
N ILE B 608 -49.73 -44.54 45.86
CA ILE B 608 -50.53 -45.66 45.40
C ILE B 608 -51.28 -46.28 46.57
N LYS B 609 -50.66 -46.32 47.73
CA LYS B 609 -51.35 -46.80 48.94
C LYS B 609 -52.17 -45.70 49.60
N HIS B 610 -51.97 -44.44 49.23
CA HIS B 610 -52.71 -43.35 49.87
C HIS B 610 -54.17 -43.34 49.44
N ASN B 611 -54.43 -43.49 48.14
CA ASN B 611 -55.81 -43.41 47.66
C ASN B 611 -56.64 -44.62 48.06
N ASN B 612 -56.00 -45.71 48.48
CA ASN B 612 -56.72 -46.90 48.92
C ASN B 612 -57.27 -46.65 50.31
N THR B 613 -58.48 -46.08 50.36
CA THR B 613 -59.18 -45.73 51.60
C THR B 613 -58.31 -44.84 52.48
N PRO B 614 -58.07 -43.58 52.09
CA PRO B 614 -57.25 -42.70 52.92
C PRO B 614 -57.91 -42.41 54.26
N LEU B 615 -57.08 -42.20 55.28
CA LEU B 615 -57.58 -41.92 56.61
C LEU B 615 -58.21 -40.54 56.66
N VAL B 616 -59.41 -40.46 57.24
CA VAL B 616 -60.10 -39.18 57.35
C VAL B 616 -59.38 -38.27 58.33
N LYS B 617 -58.86 -38.83 59.43
CA LYS B 617 -58.17 -38.02 60.43
C LYS B 617 -56.84 -37.46 59.93
N ALA B 618 -56.31 -38.00 58.82
CA ALA B 618 -55.07 -37.47 58.28
C ALA B 618 -55.23 -36.05 57.79
N SER B 619 -56.39 -35.73 57.20
CA SER B 619 -56.74 -34.41 56.67
C SER B 619 -55.85 -33.98 55.52
N GLY B 620 -55.00 -34.87 55.01
CA GLY B 620 -54.16 -34.55 53.87
C GLY B 620 -54.79 -34.94 52.56
N ARG B 621 -55.96 -34.37 52.25
CA ARG B 621 -56.64 -34.69 51.01
C ARG B 621 -55.82 -34.24 49.79
N GLU B 622 -55.22 -33.06 49.87
CA GLU B 622 -54.41 -32.53 48.77
C GLU B 622 -53.08 -31.94 49.20
N LEU B 623 -52.87 -31.67 50.49
CA LEU B 623 -51.59 -31.10 50.92
C LEU B 623 -50.47 -32.13 50.79
N CYS B 624 -50.76 -33.40 51.06
CA CYS B 624 -49.76 -34.44 50.88
C CYS B 624 -49.41 -34.61 49.39
N TYR B 625 -50.41 -34.52 48.52
CA TYR B 625 -50.14 -34.61 47.09
C TYR B 625 -49.27 -33.46 46.62
N ILE B 626 -49.52 -32.25 47.12
CA ILE B 626 -48.67 -31.11 46.80
C ILE B 626 -47.27 -31.33 47.31
N LEU B 627 -47.14 -31.85 48.54
CA LEU B 627 -45.82 -32.17 49.07
C LEU B 627 -45.14 -33.26 48.24
N LEU B 628 -45.89 -34.29 47.85
CA LEU B 628 -45.35 -35.30 46.94
C LEU B 628 -45.00 -34.69 45.59
N PHE B 629 -45.84 -33.78 45.09
CA PHE B 629 -45.52 -33.07 43.86
C PHE B 629 -44.28 -32.21 44.04
N GLY B 630 -44.14 -31.56 45.20
CA GLY B 630 -42.96 -30.75 45.45
C GLY B 630 -41.68 -31.56 45.48
N VAL B 631 -41.70 -32.71 46.17
CA VAL B 631 -40.52 -33.55 46.24
C VAL B 631 -40.34 -34.39 44.99
N GLY B 632 -41.40 -34.64 44.22
CA GLY B 632 -41.27 -35.40 43.00
C GLY B 632 -40.42 -34.69 41.95
N LEU B 633 -40.67 -33.39 41.76
CA LEU B 633 -39.86 -32.60 40.84
C LEU B 633 -38.53 -32.17 41.44
N SER B 634 -38.38 -32.28 42.76
CA SER B 634 -37.09 -31.99 43.38
C SER B 634 -36.03 -32.98 42.89
N TYR B 635 -36.38 -34.26 42.82
CA TYR B 635 -35.47 -35.24 42.23
C TYR B 635 -35.32 -35.01 40.73
N CYS B 636 -36.39 -34.61 40.06
CA CYS B 636 -36.32 -34.31 38.63
C CYS B 636 -35.46 -33.09 38.36
N MET B 637 -35.50 -32.09 39.24
CA MET B 637 -34.67 -30.90 39.07
C MET B 637 -33.19 -31.24 39.15
N THR B 638 -32.84 -32.29 39.90
CA THR B 638 -31.44 -32.72 39.97
C THR B 638 -30.96 -33.22 38.62
N PHE B 639 -31.82 -33.86 37.84
CA PHE B 639 -31.44 -34.33 36.52
C PHE B 639 -31.07 -33.15 35.61
N PHE B 640 -31.85 -32.07 35.67
CA PHE B 640 -31.55 -30.91 34.84
C PHE B 640 -30.22 -30.27 35.23
N PHE B 641 -29.94 -30.18 36.52
CA PHE B 641 -28.69 -29.57 36.96
C PHE B 641 -27.47 -30.38 36.53
N ILE B 642 -27.62 -31.71 36.43
CA ILE B 642 -26.52 -32.56 35.99
C ILE B 642 -26.56 -32.86 34.51
N ALA B 643 -27.50 -32.26 33.77
CA ALA B 643 -27.60 -32.47 32.33
C ALA B 643 -26.74 -31.44 31.59
N LYS B 644 -26.85 -31.41 30.27
CA LYS B 644 -26.10 -30.45 29.49
C LYS B 644 -26.61 -29.03 29.74
N PRO B 645 -25.72 -28.03 29.68
CA PRO B 645 -26.14 -26.64 29.92
C PRO B 645 -26.89 -26.03 28.74
N SER B 646 -28.02 -26.64 28.39
CA SER B 646 -28.85 -26.13 27.31
C SER B 646 -29.53 -24.83 27.73
N PRO B 647 -29.86 -23.95 26.77
CA PRO B 647 -30.60 -22.73 27.13
C PRO B 647 -31.93 -23.01 27.79
N VAL B 648 -32.63 -24.07 27.38
CA VAL B 648 -33.88 -24.44 28.04
C VAL B 648 -33.62 -24.94 29.45
N ILE B 649 -32.53 -25.70 29.65
CA ILE B 649 -32.22 -26.23 30.97
C ILE B 649 -31.76 -25.13 31.90
N CYS B 650 -30.92 -24.21 31.40
CA CYS B 650 -30.41 -23.13 32.25
C CYS B 650 -31.55 -22.27 32.78
N ALA B 651 -32.53 -21.97 31.94
CA ALA B 651 -33.70 -21.23 32.39
C ALA B 651 -34.50 -22.04 33.41
N LEU B 652 -34.64 -23.34 33.18
CA LEU B 652 -35.43 -24.19 34.07
C LEU B 652 -34.70 -24.50 35.37
N ARG B 653 -33.37 -24.44 35.38
CA ARG B 653 -32.61 -24.76 36.59
C ARG B 653 -32.96 -23.81 37.73
N ARG B 654 -32.99 -22.50 37.44
CA ARG B 654 -33.34 -21.53 38.48
C ARG B 654 -34.81 -21.63 38.88
N LEU B 655 -35.70 -21.77 37.89
CA LEU B 655 -37.12 -21.83 38.20
C LEU B 655 -37.48 -23.13 38.91
N GLY B 656 -36.87 -24.24 38.49
CA GLY B 656 -37.19 -25.53 39.10
C GLY B 656 -36.78 -25.62 40.56
N LEU B 657 -35.58 -25.14 40.88
CA LEU B 657 -35.10 -25.23 42.26
C LEU B 657 -35.92 -24.33 43.18
N GLY B 658 -36.20 -23.10 42.76
CA GLY B 658 -36.96 -22.19 43.59
C GLY B 658 -38.40 -22.64 43.82
N SER B 659 -39.05 -23.10 42.76
CA SER B 659 -40.45 -23.49 42.88
C SER B 659 -40.63 -24.74 43.75
N SER B 660 -39.77 -25.74 43.54
CA SER B 660 -39.90 -26.98 44.30
C SER B 660 -39.63 -26.75 45.78
N PHE B 661 -38.60 -25.97 46.11
CA PHE B 661 -38.29 -25.70 47.51
C PHE B 661 -39.41 -24.90 48.18
N ALA B 662 -39.93 -23.89 47.49
CA ALA B 662 -40.96 -23.05 48.08
C ALA B 662 -42.27 -23.82 48.25
N ILE B 663 -42.64 -24.64 47.27
CA ILE B 663 -43.90 -25.36 47.34
C ILE B 663 -43.89 -26.36 48.49
N CYS B 664 -42.79 -27.12 48.64
CA CYS B 664 -42.69 -28.09 49.72
C CYS B 664 -42.70 -27.41 51.09
N TYR B 665 -41.96 -26.31 51.22
CA TYR B 665 -41.93 -25.59 52.49
C TYR B 665 -43.30 -24.98 52.80
N SER B 666 -43.99 -24.43 51.80
CA SER B 666 -45.29 -23.82 52.03
C SER B 666 -46.31 -24.84 52.47
N ALA B 667 -46.29 -26.05 51.89
CA ALA B 667 -47.25 -27.08 52.28
C ALA B 667 -47.06 -27.48 53.74
N LEU B 668 -45.81 -27.66 54.17
CA LEU B 668 -45.56 -28.01 55.56
C LEU B 668 -45.98 -26.88 56.51
N LEU B 669 -45.70 -25.63 56.13
CA LEU B 669 -46.09 -24.51 56.98
C LEU B 669 -47.60 -24.37 57.07
N THR B 670 -48.30 -24.54 55.94
CA THR B 670 -49.76 -24.43 55.95
C THR B 670 -50.39 -25.52 56.80
N LYS B 671 -49.88 -26.75 56.67
CA LYS B 671 -50.41 -27.85 57.48
C LYS B 671 -50.12 -27.63 58.97
N THR B 672 -48.93 -27.13 59.29
CA THR B 672 -48.59 -26.86 60.69
C THR B 672 -49.50 -25.78 61.28
N ASN B 673 -49.74 -24.71 60.55
CA ASN B 673 -50.58 -23.62 61.03
C ASN B 673 -52.05 -23.94 60.83
N LYS B 690 -63.42 -23.69 55.82
CA LYS B 690 -62.99 -24.98 56.34
C LYS B 690 -61.61 -25.35 55.81
N PHE B 691 -61.50 -26.52 55.19
CA PHE B 691 -60.24 -26.98 54.63
C PHE B 691 -59.94 -26.40 53.26
N ILE B 692 -60.90 -25.70 52.65
CA ILE B 692 -60.66 -25.10 51.33
C ILE B 692 -59.69 -23.93 51.44
N SER B 693 -59.84 -23.11 52.47
CA SER B 693 -58.99 -21.92 52.60
C SER B 693 -57.50 -22.24 52.74
N PRO B 694 -57.05 -23.21 53.54
CA PRO B 694 -55.61 -23.50 53.56
C PRO B 694 -55.05 -23.93 52.21
N SER B 695 -55.83 -24.65 51.41
CA SER B 695 -55.38 -25.04 50.09
C SER B 695 -55.19 -23.81 49.20
N SER B 696 -56.14 -22.88 49.24
CA SER B 696 -56.00 -21.64 48.47
C SER B 696 -54.83 -20.81 48.98
N GLN B 697 -54.66 -20.73 50.30
CA GLN B 697 -53.54 -19.98 50.87
C GLN B 697 -52.20 -20.59 50.47
N VAL B 698 -52.12 -21.93 50.47
CA VAL B 698 -50.89 -22.59 50.05
C VAL B 698 -50.59 -22.28 48.59
N PHE B 699 -51.60 -22.32 47.73
CA PHE B 699 -51.40 -21.99 46.32
C PHE B 699 -51.08 -20.51 46.14
N ILE B 700 -51.70 -19.65 46.96
CA ILE B 700 -51.48 -18.20 46.82
C ILE B 700 -50.05 -17.85 47.19
N CYS B 701 -49.57 -18.34 48.34
CA CYS B 701 -48.21 -18.04 48.75
C CYS B 701 -47.19 -18.67 47.81
N LEU B 702 -47.43 -19.90 47.36
CA LEU B 702 -46.57 -20.51 46.36
C LEU B 702 -46.65 -19.75 45.05
N GLY B 703 -47.85 -19.32 44.66
CA GLY B 703 -47.98 -18.50 43.46
C GLY B 703 -47.32 -17.15 43.60
N LEU B 704 -47.38 -16.56 44.80
CA LEU B 704 -46.73 -15.27 45.03
C LEU B 704 -45.21 -15.40 44.86
N ILE B 705 -44.63 -16.49 45.35
CA ILE B 705 -43.21 -16.74 45.10
C ILE B 705 -42.98 -17.06 43.62
N LEU B 706 -43.92 -17.78 43.01
CA LEU B 706 -43.77 -18.15 41.61
C LEU B 706 -43.79 -16.92 40.70
N VAL B 707 -44.72 -16.00 40.93
CA VAL B 707 -44.75 -14.78 40.12
C VAL B 707 -43.54 -13.90 40.43
N GLN B 708 -42.99 -14.01 41.64
CA GLN B 708 -41.74 -13.33 41.93
C GLN B 708 -40.58 -13.93 41.15
N ILE B 709 -40.60 -15.25 40.94
CA ILE B 709 -39.54 -15.90 40.18
C ILE B 709 -39.55 -15.43 38.73
N VAL B 710 -40.73 -15.42 38.10
CA VAL B 710 -40.82 -14.97 36.71
C VAL B 710 -40.57 -13.46 36.62
N MET B 711 -40.82 -12.73 37.71
CA MET B 711 -40.49 -11.31 37.72
C MET B 711 -38.99 -11.09 37.59
N VAL B 712 -38.19 -11.90 38.25
CA VAL B 712 -36.74 -11.82 38.09
C VAL B 712 -36.27 -12.64 36.89
N SER B 713 -37.08 -13.59 36.42
CA SER B 713 -36.68 -14.42 35.29
C SER B 713 -36.55 -13.59 34.01
N VAL B 714 -37.47 -12.64 33.80
CA VAL B 714 -37.43 -11.83 32.58
C VAL B 714 -36.15 -11.01 32.51
N TRP B 715 -35.54 -10.71 33.66
CA TRP B 715 -34.25 -10.04 33.69
C TRP B 715 -33.08 -11.02 33.65
N LEU B 716 -33.33 -12.32 33.77
CA LEU B 716 -32.28 -13.33 33.76
C LEU B 716 -32.41 -14.30 32.60
N ILE B 717 -33.58 -14.90 32.41
CA ILE B 717 -33.80 -15.84 31.32
C ILE B 717 -33.74 -15.17 29.95
N LEU B 718 -33.90 -13.84 29.91
CA LEU B 718 -33.77 -13.12 28.64
C LEU B 718 -32.37 -13.27 28.04
N GLU B 719 -31.40 -13.67 28.84
CA GLU B 719 -30.04 -13.93 28.37
C GLU B 719 -29.82 -15.38 27.97
N ALA B 720 -30.87 -16.21 28.00
CA ALA B 720 -30.74 -17.59 27.56
C ALA B 720 -30.23 -17.74 26.14
N PRO B 721 -30.68 -16.95 25.15
CA PRO B 721 -30.01 -17.01 23.84
C PRO B 721 -28.52 -16.72 23.92
N GLY B 722 -28.11 -15.82 24.80
CA GLY B 722 -26.71 -15.55 25.05
C GLY B 722 -26.07 -16.44 26.08
N THR B 723 -26.80 -17.43 26.60
CA THR B 723 -26.26 -18.35 27.59
C THR B 723 -25.40 -19.41 26.90
N ARG B 724 -25.05 -20.46 27.64
CA ARG B 724 -24.17 -21.52 27.15
C ARG B 724 -22.83 -20.95 26.67
N ARG B 725 -22.34 -19.95 27.40
CA ARG B 725 -21.09 -19.28 27.08
C ARG B 725 -19.97 -19.81 27.98
N TYR B 726 -18.75 -19.76 27.45
CA TYR B 726 -17.60 -20.25 28.20
C TYR B 726 -17.30 -19.35 29.39
N THR B 727 -16.89 -19.97 30.51
CA THR B 727 -16.58 -19.25 31.72
C THR B 727 -15.27 -19.74 32.32
N LEU B 728 -14.98 -19.34 33.56
CA LEU B 728 -13.75 -19.72 34.25
C LEU B 728 -12.52 -19.28 33.45
N ALA B 729 -12.55 -18.02 33.01
CA ALA B 729 -11.49 -17.47 32.15
C ALA B 729 -10.32 -17.00 33.02
N GLU B 730 -9.62 -17.98 33.58
CA GLU B 730 -8.44 -17.75 34.42
C GLU B 730 -7.21 -18.05 33.58
N LYS B 731 -6.72 -17.06 32.86
CA LYS B 731 -5.54 -17.18 31.99
C LYS B 731 -5.73 -18.27 30.95
N ARG B 732 -6.98 -18.51 30.54
CA ARG B 732 -7.33 -19.54 29.55
C ARG B 732 -6.80 -20.91 29.97
N GLU B 733 -6.84 -21.21 31.27
CA GLU B 733 -6.39 -22.48 31.80
C GLU B 733 -7.53 -23.48 31.71
N THR B 734 -7.75 -23.99 30.50
CA THR B 734 -8.80 -24.96 30.20
C THR B 734 -10.18 -24.41 30.60
N VAL B 735 -10.57 -23.33 29.92
CA VAL B 735 -11.86 -22.72 30.20
C VAL B 735 -12.99 -23.69 29.86
N ILE B 736 -14.11 -23.54 30.55
CA ILE B 736 -15.25 -24.45 30.43
C ILE B 736 -16.51 -23.64 30.23
N LEU B 737 -17.52 -24.28 29.64
CA LEU B 737 -18.79 -23.62 29.32
C LEU B 737 -19.84 -23.98 30.35
N LYS B 738 -20.72 -23.02 30.64
CA LYS B 738 -21.79 -23.20 31.61
C LYS B 738 -22.93 -22.25 31.23
N CYS B 739 -23.87 -22.06 32.15
CA CYS B 739 -24.98 -21.15 31.90
C CYS B 739 -24.50 -19.72 31.68
N ASN B 740 -23.45 -19.32 32.40
CA ASN B 740 -22.78 -18.03 32.28
C ASN B 740 -23.66 -16.85 32.68
N VAL B 741 -24.89 -17.08 33.12
CA VAL B 741 -25.79 -16.01 33.53
C VAL B 741 -26.45 -16.40 34.85
N LYS B 742 -26.81 -15.37 35.62
CA LYS B 742 -27.47 -15.56 36.91
C LYS B 742 -26.66 -16.46 37.84
N ASP B 743 -25.34 -16.28 37.84
CA ASP B 743 -24.48 -17.06 38.72
C ASP B 743 -24.72 -16.68 40.19
N SER B 744 -24.47 -15.42 40.53
CA SER B 744 -24.78 -14.95 41.89
C SER B 744 -26.27 -14.73 42.08
N SER B 745 -27.01 -14.48 41.00
CA SER B 745 -28.45 -14.25 41.12
C SER B 745 -29.17 -15.51 41.61
N MET B 746 -28.75 -16.69 41.12
CA MET B 746 -29.35 -17.93 41.58
C MET B 746 -29.10 -18.14 43.07
N LEU B 747 -27.88 -17.85 43.53
CA LEU B 747 -27.59 -17.92 44.96
C LEU B 747 -28.42 -16.91 45.74
N ILE B 748 -28.56 -15.70 45.19
CA ILE B 748 -29.38 -14.68 45.85
C ILE B 748 -30.85 -15.08 45.84
N SER B 749 -31.29 -15.74 44.77
CA SER B 749 -32.68 -16.19 44.69
C SER B 749 -32.99 -17.21 45.77
N LEU B 750 -32.07 -18.13 46.03
CA LEU B 750 -32.28 -19.14 47.07
C LEU B 750 -32.22 -18.55 48.46
N THR B 751 -31.69 -17.32 48.61
CA THR B 751 -31.59 -16.71 49.93
C THR B 751 -32.96 -16.43 50.52
N TYR B 752 -33.83 -15.76 49.76
CA TYR B 752 -35.16 -15.46 50.25
C TYR B 752 -36.12 -16.64 50.11
N ASP B 753 -35.78 -17.63 49.29
CA ASP B 753 -36.59 -18.84 49.22
C ASP B 753 -36.55 -19.60 50.54
N VAL B 754 -35.37 -19.71 51.15
CA VAL B 754 -35.24 -20.37 52.43
C VAL B 754 -35.53 -19.43 53.60
N ILE B 755 -35.45 -18.11 53.38
CA ILE B 755 -35.75 -17.16 54.45
C ILE B 755 -37.21 -17.28 54.88
N LEU B 756 -38.11 -17.41 53.92
CA LEU B 756 -39.52 -17.62 54.25
C LEU B 756 -39.72 -18.97 54.92
N VAL B 757 -38.98 -19.99 54.48
CA VAL B 757 -39.12 -21.33 55.05
C VAL B 757 -38.68 -21.34 56.51
N ILE B 758 -37.51 -20.74 56.80
CA ILE B 758 -37.02 -20.72 58.18
C ILE B 758 -37.89 -19.81 59.04
N LEU B 759 -38.44 -18.74 58.47
CA LEU B 759 -39.33 -17.87 59.23
C LEU B 759 -40.59 -18.61 59.66
N CYS B 760 -41.15 -19.43 58.77
CA CYS B 760 -42.31 -20.23 59.14
C CYS B 760 -41.93 -21.39 60.06
N THR B 761 -40.67 -21.85 59.98
CA THR B 761 -40.23 -22.96 60.82
C THR B 761 -40.22 -22.55 62.30
N VAL B 762 -39.66 -21.38 62.60
CA VAL B 762 -39.59 -20.93 63.99
C VAL B 762 -40.96 -20.47 64.49
N TYR B 763 -41.87 -20.13 63.59
CA TYR B 763 -43.21 -19.72 64.01
C TYR B 763 -44.04 -20.90 64.53
N ALA B 764 -43.60 -22.13 64.26
CA ALA B 764 -44.34 -23.30 64.74
C ALA B 764 -44.35 -23.37 66.26
N PHE B 765 -43.23 -23.03 66.89
CA PHE B 765 -43.07 -23.10 68.35
C PHE B 765 -43.37 -24.51 68.87
N LYS B 766 -42.85 -25.51 68.15
CA LYS B 766 -42.96 -26.93 68.50
C LYS B 766 -44.37 -27.45 68.30
N THR B 767 -45.31 -26.57 67.95
CA THR B 767 -46.69 -26.91 67.64
C THR B 767 -47.31 -27.74 68.77
N ARG B 768 -47.52 -27.08 69.91
CA ARG B 768 -48.19 -27.71 71.05
C ARG B 768 -49.68 -27.81 70.74
N LYS B 769 -50.13 -29.01 70.40
CA LYS B 769 -51.53 -29.22 70.00
C LYS B 769 -51.94 -30.63 70.42
N CYS B 770 -53.05 -31.09 69.87
CA CYS B 770 -53.56 -32.41 70.21
C CYS B 770 -52.60 -33.50 69.71
N PRO B 771 -52.54 -34.64 70.41
CA PRO B 771 -51.62 -35.71 70.00
C PRO B 771 -52.03 -36.42 68.73
N GLU B 772 -53.18 -36.10 68.13
CA GLU B 772 -53.56 -36.73 66.87
C GLU B 772 -52.58 -36.37 65.77
N ASN B 773 -52.14 -35.12 65.71
CA ASN B 773 -51.17 -34.68 64.72
C ASN B 773 -49.88 -34.17 65.35
N PHE B 774 -49.73 -34.30 66.67
CA PHE B 774 -48.51 -33.84 67.32
C PHE B 774 -47.31 -34.67 66.88
N ASN B 775 -47.49 -35.98 66.71
CA ASN B 775 -46.41 -36.82 66.21
C ASN B 775 -46.01 -36.41 64.80
N GLU B 776 -46.99 -36.10 63.95
CA GLU B 776 -46.69 -35.52 62.64
C GLU B 776 -46.05 -34.15 62.80
N ALA B 777 -46.56 -33.34 63.73
CA ALA B 777 -45.94 -32.05 64.01
C ALA B 777 -44.53 -32.22 64.54
N LYS B 778 -44.32 -33.23 65.39
CA LYS B 778 -42.96 -33.54 65.84
C LYS B 778 -42.07 -33.94 64.67
N PHE B 779 -42.61 -34.73 63.75
CA PHE B 779 -41.88 -35.04 62.52
C PHE B 779 -41.64 -33.78 61.71
N ILE B 780 -42.64 -32.92 61.59
CA ILE B 780 -42.45 -31.64 60.91
C ILE B 780 -41.46 -30.79 61.69
N GLY B 781 -41.59 -30.75 63.02
CA GLY B 781 -40.65 -30.00 63.84
C GLY B 781 -39.23 -30.54 63.81
N PHE B 782 -39.06 -31.79 63.41
CA PHE B 782 -37.72 -32.38 63.28
C PHE B 782 -37.17 -32.26 61.87
N THR B 783 -38.01 -32.54 60.85
CA THR B 783 -37.56 -32.40 59.47
C THR B 783 -37.24 -30.94 59.14
N MET B 784 -38.09 -30.01 59.59
CA MET B 784 -37.82 -28.60 59.35
C MET B 784 -36.57 -28.13 60.08
N TYR B 785 -36.37 -28.60 61.31
CA TYR B 785 -35.17 -28.25 62.06
C TYR B 785 -33.92 -28.76 61.36
N THR B 786 -33.96 -29.99 60.85
CA THR B 786 -32.85 -30.50 60.06
C THR B 786 -32.73 -29.76 58.73
N THR B 787 -33.85 -29.36 58.14
CA THR B 787 -33.82 -28.60 56.90
C THR B 787 -33.13 -27.25 57.09
N CYS B 788 -33.38 -26.59 58.23
CA CYS B 788 -32.72 -25.33 58.50
C CYS B 788 -31.21 -25.51 58.66
N ILE B 789 -30.81 -26.59 59.33
CA ILE B 789 -29.39 -26.83 59.56
C ILE B 789 -28.66 -27.10 58.25
N ILE B 790 -29.24 -27.94 57.40
CA ILE B 790 -28.58 -28.28 56.14
C ILE B 790 -28.58 -27.09 55.19
N TRP B 791 -29.68 -26.32 55.16
CA TRP B 791 -29.72 -25.12 54.32
C TRP B 791 -28.71 -24.09 54.79
N LEU B 792 -28.58 -23.91 56.10
CA LEU B 792 -27.58 -22.99 56.63
C LEU B 792 -26.16 -23.48 56.37
N ALA B 793 -25.98 -24.77 56.09
CA ALA B 793 -24.66 -25.32 55.79
C ALA B 793 -24.43 -25.52 54.30
N PHE B 794 -25.50 -25.74 53.52
CA PHE B 794 -25.34 -25.92 52.08
C PHE B 794 -24.89 -24.62 51.41
N LEU B 795 -25.46 -23.49 51.82
CA LEU B 795 -25.13 -22.22 51.17
C LEU B 795 -23.64 -21.88 51.23
N PRO B 796 -22.93 -22.03 52.36
CA PRO B 796 -21.47 -21.83 52.32
C PRO B 796 -20.77 -22.79 51.38
N ILE B 797 -21.30 -24.00 51.18
CA ILE B 797 -20.68 -24.95 50.27
C ILE B 797 -20.80 -24.46 48.83
N PHE B 798 -21.93 -23.85 48.48
CA PHE B 798 -22.11 -23.32 47.14
C PHE B 798 -21.10 -22.22 46.84
N TYR B 799 -20.85 -21.34 47.81
CA TYR B 799 -19.93 -20.22 47.58
C TYR B 799 -18.51 -20.69 47.37
N VAL B 800 -18.05 -21.67 48.16
CA VAL B 800 -16.66 -22.11 48.07
C VAL B 800 -16.42 -22.98 46.84
N THR B 801 -17.47 -23.51 46.21
CA THR B 801 -17.33 -24.36 45.04
C THR B 801 -17.61 -23.62 43.74
N SER B 802 -17.69 -22.28 43.79
CA SER B 802 -18.01 -21.51 42.60
C SER B 802 -16.92 -21.66 41.54
N SER B 803 -17.35 -21.61 40.28
CA SER B 803 -16.47 -21.74 39.12
C SER B 803 -15.78 -23.10 39.10
N ASP B 804 -14.86 -23.29 38.16
CA ASP B 804 -14.13 -24.55 37.98
C ASP B 804 -15.10 -25.72 37.82
N TYR B 805 -15.88 -25.66 36.73
CA TYR B 805 -16.90 -26.66 36.51
C TYR B 805 -16.29 -28.02 36.21
N ARG B 806 -17.08 -29.07 36.47
CA ARG B 806 -16.74 -30.48 36.24
C ARG B 806 -15.71 -30.98 37.24
N VAL B 807 -15.16 -30.09 38.07
CA VAL B 807 -14.29 -30.49 39.17
C VAL B 807 -14.83 -29.91 40.47
N GLN B 808 -15.21 -28.64 40.45
CA GLN B 808 -15.81 -27.98 41.61
C GLN B 808 -17.33 -27.89 41.52
N THR B 809 -17.87 -27.64 40.31
CA THR B 809 -19.32 -27.64 40.14
C THR B 809 -19.93 -29.01 40.38
N THR B 810 -19.12 -30.07 40.31
CA THR B 810 -19.59 -31.39 40.71
C THR B 810 -20.05 -31.40 42.16
N THR B 811 -19.26 -30.76 43.04
CA THR B 811 -19.68 -30.61 44.43
C THR B 811 -20.98 -29.81 44.52
N MET B 812 -21.10 -28.74 43.72
CA MET B 812 -22.35 -28.00 43.66
C MET B 812 -23.49 -28.88 43.15
N CYS B 813 -23.23 -29.66 42.09
CA CYS B 813 -24.24 -30.59 41.60
C CYS B 813 -24.53 -31.69 42.63
N ILE B 814 -23.49 -32.16 43.32
CA ILE B 814 -23.70 -33.16 44.36
C ILE B 814 -24.53 -32.59 45.49
N SER B 815 -24.25 -31.34 45.89
CA SER B 815 -25.02 -30.71 46.95
C SER B 815 -26.48 -30.54 46.55
N VAL B 816 -26.73 -30.13 45.31
CA VAL B 816 -28.11 -29.99 44.82
C VAL B 816 -28.80 -31.35 44.80
N SER B 817 -28.11 -32.37 44.30
CA SER B 817 -28.67 -33.72 44.33
C SER B 817 -28.89 -34.18 45.77
N LEU B 818 -27.93 -33.88 46.66
CA LEU B 818 -28.13 -34.16 48.07
C LEU B 818 -29.29 -33.35 48.62
N SER B 819 -29.43 -32.09 48.18
CA SER B 819 -30.55 -31.27 48.62
C SER B 819 -31.88 -31.87 48.17
N GLY B 820 -31.93 -32.41 46.95
CA GLY B 820 -33.12 -33.13 46.52
C GLY B 820 -33.31 -34.48 47.16
N PHE B 821 -32.22 -35.08 47.65
CA PHE B 821 -32.32 -36.37 48.33
C PHE B 821 -32.82 -36.22 49.75
N VAL B 822 -32.37 -35.18 50.47
CA VAL B 822 -32.73 -35.02 51.87
C VAL B 822 -34.21 -34.68 52.01
N VAL B 823 -34.75 -33.87 51.10
CA VAL B 823 -36.17 -33.52 51.17
C VAL B 823 -37.03 -34.76 50.97
N LEU B 824 -36.53 -35.75 50.23
CA LEU B 824 -37.20 -37.04 50.17
C LEU B 824 -37.19 -37.72 51.53
N GLY B 825 -36.07 -37.60 52.26
CA GLY B 825 -36.03 -38.10 53.63
C GLY B 825 -36.99 -37.33 54.54
N CYS B 826 -37.13 -36.03 54.30
CA CYS B 826 -38.15 -35.26 55.01
C CYS B 826 -39.55 -35.75 54.63
N LEU B 827 -39.76 -36.07 53.35
CA LEU B 827 -41.01 -36.65 52.89
C LEU B 827 -41.22 -38.07 53.40
N PHE B 828 -40.19 -38.70 53.94
CA PHE B 828 -40.35 -40.03 54.52
C PHE B 828 -41.07 -39.99 55.86
N ALA B 829 -41.04 -38.85 56.55
CA ALA B 829 -41.79 -38.74 57.81
C ALA B 829 -43.29 -38.93 57.61
N PRO B 830 -43.94 -38.32 56.62
CA PRO B 830 -45.32 -38.74 56.31
C PRO B 830 -45.41 -40.18 55.87
N LYS B 831 -44.39 -40.70 55.19
CA LYS B 831 -44.42 -42.08 54.72
C LYS B 831 -44.44 -43.07 55.88
N VAL B 832 -43.60 -42.86 56.89
CA VAL B 832 -43.62 -43.73 58.06
C VAL B 832 -44.92 -43.55 58.83
N HIS B 833 -45.48 -42.34 58.83
CA HIS B 833 -46.81 -42.14 59.41
C HIS B 833 -47.86 -42.93 58.62
N ILE B 834 -47.75 -42.92 57.29
CA ILE B 834 -48.64 -43.75 56.47
C ILE B 834 -48.37 -45.22 56.72
N ILE B 835 -47.11 -45.58 56.95
CA ILE B 835 -46.77 -46.96 57.28
C ILE B 835 -47.44 -47.38 58.58
N LEU B 836 -47.53 -46.47 59.54
CA LEU B 836 -48.23 -46.76 60.79
C LEU B 836 -49.71 -47.08 60.52
N PHE B 837 -50.33 -46.31 59.62
CA PHE B 837 -51.73 -46.56 59.28
C PHE B 837 -51.91 -47.91 58.61
N GLN B 838 -50.95 -48.31 57.77
CA GLN B 838 -51.00 -49.58 57.04
C GLN B 838 -51.13 -50.76 58.00
N PRO B 839 -50.31 -50.82 59.06
CA PRO B 839 -50.38 -51.92 60.02
C PRO B 839 -49.85 -51.54 61.41
#